data_1R9J
#
_entry.id   1R9J
#
_cell.length_a   76.800
_cell.length_b   120.440
_cell.length_c   139.150
_cell.angle_alpha   90.00
_cell.angle_beta   90.00
_cell.angle_gamma   90.00
#
_symmetry.space_group_name_H-M   'P 21 21 21'
#
loop_
_entity.id
_entity.type
_entity.pdbx_description
1 polymer transketolase
2 non-polymer 'CALCIUM ION'
3 non-polymer 'THIAMINE DIPHOSPHATE'
4 water water
#
_entity_poly.entity_id   1
_entity_poly.type   'polypeptide(L)'
_entity_poly.pdbx_seq_one_letter_code
;RHMASIEKVANCIRCLAADIVQGGKSGHPGTPMGMAPMSAVLWTEVMKYNSQDPDWVDRDRFVMSNGHGCALQYALLHMA
GYNLTMDDLKGFRQDGSRTPGHPERFVTPGVEVTTGPLGQGIANAVGLAIAEAHLAATFNRPGYNIVDHYTYVYCGDGCL
MEGVCQEALSLAGHLALEKLIVIYDSNYISIDGSTSLSFTEQCHQKYVAMGFHVIEVKNGDTDYEGLRKALAEAKATKGK
PKMIVQTTTIGFGSSKQGTEKVHGAPLGEEDIANIKAKFGRDPQKKYDVDDDVRAVFRMHIDKCSAEQKAWEELLAKYTA
AFPAEGAAFVAQMRGELPSGWEAKLPTNSSAIATRKASENCLAVLFPAIPALMGGSADLTPSNLTRPASANLVDFSSSSK
EGRYIRFGVREHAMCAILNGLDAHDGIIPFGGTFLNFIGYALGAVRLAAISHHRVIYVATHDSIGVGEDGPTHQPVELVA
ALRAMPNLQVIRPSDQTETSGAWAVALSSIHTPTVLCLSRQNTEPQSGSSIEGVRHGAYSVVDVPDLQLVIVASGSEVSL
AVDAAKALSGELRVRVVSMPCQELFDAQPDTYRQAVLPAGVPVVSVEAYVSFGWEKYSHAHVGMSGFGASAPAGVLYKKF
GITVEEVVRTGRELAKRFPDGTAPLKNSSFSKM
;
_entity_poly.pdbx_strand_id   A,B
#
loop_
_chem_comp.id
_chem_comp.type
_chem_comp.name
_chem_comp.formula
CA non-polymer 'CALCIUM ION' 'Ca 2'
TPP non-polymer 'THIAMINE DIPHOSPHATE' 'C12 H19 N4 O7 P2 S 1'
#
# COMPACT_ATOMS: atom_id res chain seq x y z
N HIS A 2 -48.69 20.14 0.46
CA HIS A 2 -48.38 18.92 -0.34
C HIS A 2 -47.20 18.09 0.14
N MET A 3 -47.18 16.83 -0.26
CA MET A 3 -46.10 15.95 0.12
C MET A 3 -45.69 15.36 -1.20
N ALA A 4 -44.54 15.78 -1.70
CA ALA A 4 -44.01 15.27 -2.97
C ALA A 4 -44.00 13.74 -2.95
N SER A 5 -44.24 13.14 -4.10
CA SER A 5 -44.22 11.68 -4.20
C SER A 5 -42.74 11.29 -4.11
N ILE A 6 -42.47 10.03 -3.83
CA ILE A 6 -41.09 9.59 -3.72
C ILE A 6 -40.35 9.83 -5.04
N GLU A 7 -41.05 9.72 -6.17
CA GLU A 7 -40.42 9.93 -7.48
C GLU A 7 -40.02 11.39 -7.71
N LYS A 8 -40.85 12.32 -7.25
CA LYS A 8 -40.54 13.74 -7.41
C LYS A 8 -39.33 14.06 -6.56
N VAL A 9 -39.25 13.46 -5.38
CA VAL A 9 -38.10 13.69 -4.50
C VAL A 9 -36.82 13.21 -5.18
N ALA A 10 -36.87 12.01 -5.76
CA ALA A 10 -35.70 11.44 -6.43
C ALA A 10 -35.27 12.27 -7.64
N ASN A 11 -36.24 12.73 -8.43
CA ASN A 11 -35.92 13.53 -9.60
C ASN A 11 -35.37 14.88 -9.20
N CYS A 12 -35.77 15.36 -8.03
CA CYS A 12 -35.29 16.63 -7.54
C CYS A 12 -33.82 16.43 -7.14
N ILE A 13 -33.53 15.31 -6.50
CA ILE A 13 -32.17 14.99 -6.10
C ILE A 13 -31.28 14.90 -7.33
N ARG A 14 -31.75 14.16 -8.35
CA ARG A 14 -31.00 14.02 -9.59
C ARG A 14 -30.63 15.36 -10.23
N CYS A 15 -31.61 16.26 -10.33
CA CYS A 15 -31.38 17.56 -10.93
C CYS A 15 -30.48 18.47 -10.12
N LEU A 16 -30.58 18.41 -8.79
CA LEU A 16 -29.72 19.25 -7.98
C LEU A 16 -28.28 18.78 -8.10
N ALA A 17 -28.07 17.46 -8.11
CA ALA A 17 -26.72 16.91 -8.24
C ALA A 17 -26.13 17.33 -9.58
N ALA A 18 -26.96 17.29 -10.61
CA ALA A 18 -26.54 17.68 -11.95
C ALA A 18 -26.13 19.15 -11.99
N ASP A 19 -26.91 20.02 -11.34
CA ASP A 19 -26.59 21.44 -11.31
C ASP A 19 -25.33 21.70 -10.46
N ILE A 20 -25.18 20.93 -9.39
CA ILE A 20 -24.01 21.08 -8.52
C ILE A 20 -22.76 20.81 -9.33
N VAL A 21 -22.74 19.70 -10.05
CA VAL A 21 -21.59 19.35 -10.87
C VAL A 21 -21.38 20.38 -11.97
N GLN A 22 -22.47 20.77 -12.63
CA GLN A 22 -22.41 21.75 -13.71
C GLN A 22 -21.83 23.08 -13.20
N GLY A 23 -22.25 23.49 -12.00
CA GLY A 23 -21.77 24.73 -11.43
C GLY A 23 -20.29 24.75 -11.11
N GLY A 24 -19.71 23.58 -10.88
CA GLY A 24 -18.29 23.51 -10.57
C GLY A 24 -17.44 23.30 -11.82
N LYS A 25 -18.11 23.14 -12.97
CA LYS A 25 -17.43 22.92 -14.25
C LYS A 25 -16.46 21.75 -14.10
N SER A 26 -16.77 20.86 -13.18
CA SER A 26 -15.95 19.69 -12.90
C SER A 26 -16.74 18.77 -11.97
N GLY A 27 -16.42 17.48 -11.99
CA GLY A 27 -17.14 16.56 -11.12
C GLY A 27 -17.76 15.35 -11.80
N HIS A 28 -18.43 14.54 -11.01
CA HIS A 28 -19.06 13.31 -11.49
C HIS A 28 -20.57 13.33 -11.28
N PRO A 29 -21.34 13.49 -12.37
CA PRO A 29 -22.81 13.50 -12.33
C PRO A 29 -23.46 12.13 -12.45
N GLY A 30 -22.77 11.21 -13.12
CA GLY A 30 -23.29 9.86 -13.34
C GLY A 30 -23.86 9.09 -12.18
N THR A 31 -23.00 8.69 -11.24
CA THR A 31 -23.43 7.94 -10.07
C THR A 31 -24.47 8.68 -9.22
N PRO A 32 -24.28 9.99 -9.01
CA PRO A 32 -25.26 10.73 -8.21
C PRO A 32 -26.68 10.53 -8.74
N MET A 33 -26.85 10.64 -10.05
CA MET A 33 -28.17 10.46 -10.69
C MET A 33 -28.67 9.02 -10.56
N GLY A 34 -27.76 8.06 -10.68
CA GLY A 34 -28.15 6.67 -10.59
C GLY A 34 -28.63 6.21 -9.22
N MET A 35 -28.11 6.82 -8.16
CA MET A 35 -28.48 6.45 -6.80
C MET A 35 -29.53 7.35 -6.17
N ALA A 36 -30.09 8.27 -6.94
CA ALA A 36 -31.10 9.17 -6.41
C ALA A 36 -32.31 8.45 -5.81
N PRO A 37 -32.86 7.44 -6.51
CA PRO A 37 -34.01 6.70 -6.01
C PRO A 37 -33.80 6.07 -4.63
N MET A 38 -32.71 5.32 -4.49
CA MET A 38 -32.40 4.70 -3.20
C MET A 38 -32.19 5.77 -2.14
N SER A 39 -31.52 6.86 -2.50
CA SER A 39 -31.25 7.93 -1.56
C SER A 39 -32.53 8.57 -1.06
N ALA A 40 -33.47 8.79 -1.97
CA ALA A 40 -34.75 9.39 -1.61
C ALA A 40 -35.43 8.56 -0.53
N VAL A 41 -35.47 7.24 -0.73
CA VAL A 41 -36.10 6.35 0.23
C VAL A 41 -35.32 6.32 1.55
N LEU A 42 -34.02 6.05 1.45
CA LEU A 42 -33.17 5.98 2.63
C LEU A 42 -33.19 7.27 3.48
N TRP A 43 -33.01 8.41 2.83
CA TRP A 43 -32.96 9.68 3.55
C TRP A 43 -34.27 10.32 4.01
N THR A 44 -35.40 9.93 3.41
CA THR A 44 -36.67 10.53 3.83
C THR A 44 -37.61 9.54 4.48
N GLU A 45 -37.19 8.27 4.58
CA GLU A 45 -38.04 7.27 5.19
C GLU A 45 -37.38 6.29 6.16
N VAL A 46 -36.15 5.89 5.87
CA VAL A 46 -35.48 4.89 6.70
C VAL A 46 -34.36 5.29 7.65
N MET A 47 -33.37 6.02 7.15
CA MET A 47 -32.24 6.42 7.97
C MET A 47 -32.60 7.36 9.11
N LYS A 48 -32.06 7.06 10.30
CA LYS A 48 -32.31 7.86 11.49
C LYS A 48 -31.19 8.87 11.70
N TYR A 49 -31.51 10.16 11.54
CA TYR A 49 -30.50 11.21 11.72
C TYR A 49 -31.18 12.56 11.94
N ASN A 50 -30.47 13.49 12.56
CA ASN A 50 -31.03 14.82 12.83
C ASN A 50 -30.16 15.87 12.17
N SER A 51 -30.66 16.48 11.11
CA SER A 51 -29.90 17.50 10.40
C SER A 51 -29.61 18.73 11.28
N GLN A 52 -30.35 18.87 12.37
CA GLN A 52 -30.12 19.99 13.28
C GLN A 52 -29.07 19.64 14.33
N ASP A 53 -28.64 18.39 14.35
CA ASP A 53 -27.62 17.95 15.30
C ASP A 53 -26.80 16.80 14.73
N PRO A 54 -25.82 17.13 13.88
CA PRO A 54 -24.95 16.13 13.26
C PRO A 54 -24.11 15.35 14.26
N ASP A 55 -24.05 15.83 15.50
CA ASP A 55 -23.25 15.18 16.54
C ASP A 55 -24.02 14.22 17.45
N TRP A 56 -25.33 14.10 17.23
CA TRP A 56 -26.15 13.18 18.02
C TRP A 56 -25.42 11.84 18.04
N VAL A 57 -25.03 11.38 19.22
CA VAL A 57 -24.27 10.14 19.32
C VAL A 57 -24.96 8.85 18.89
N ASP A 58 -26.28 8.79 18.91
CA ASP A 58 -26.92 7.55 18.51
C ASP A 58 -27.52 7.56 17.10
N ARG A 59 -27.07 8.50 16.28
CA ARG A 59 -27.53 8.63 14.91
C ARG A 59 -27.01 7.48 14.04
N ASP A 60 -27.75 7.13 13.00
CA ASP A 60 -27.27 6.10 12.10
C ASP A 60 -26.10 6.80 11.40
N ARG A 61 -25.13 6.03 10.91
CA ARG A 61 -24.00 6.62 10.21
C ARG A 61 -24.14 6.37 8.73
N PHE A 62 -23.71 7.35 7.93
CA PHE A 62 -23.80 7.24 6.49
C PHE A 62 -22.45 7.54 5.87
N VAL A 63 -22.01 6.66 4.99
CA VAL A 63 -20.74 6.83 4.32
C VAL A 63 -20.91 6.61 2.82
N MET A 64 -20.32 7.50 2.04
CA MET A 64 -20.38 7.35 0.59
C MET A 64 -18.98 6.92 0.15
N SER A 65 -18.74 5.61 0.17
CA SER A 65 -17.43 5.08 -0.21
C SER A 65 -17.02 5.49 -1.62
N ASN A 66 -18.00 5.58 -2.52
CA ASN A 66 -17.72 6.02 -3.90
C ASN A 66 -17.79 7.54 -3.87
N GLY A 67 -16.85 8.13 -3.14
CA GLY A 67 -16.76 9.56 -2.94
C GLY A 67 -16.78 10.52 -4.12
N HIS A 68 -16.43 10.03 -5.31
CA HIS A 68 -16.43 10.92 -6.47
C HIS A 68 -17.85 11.42 -6.72
N GLY A 69 -18.85 10.62 -6.33
CA GLY A 69 -20.22 11.02 -6.53
C GLY A 69 -20.73 11.82 -5.35
N CYS A 70 -19.83 12.58 -4.70
CA CYS A 70 -20.21 13.37 -3.53
C CYS A 70 -21.22 14.48 -3.79
N ALA A 71 -21.45 14.81 -5.07
CA ALA A 71 -22.45 15.84 -5.38
C ALA A 71 -23.78 15.36 -4.83
N LEU A 72 -23.96 14.05 -4.84
CA LEU A 72 -25.17 13.43 -4.34
C LEU A 72 -25.29 13.67 -2.84
N GLN A 73 -24.21 13.43 -2.11
CA GLN A 73 -24.25 13.65 -0.66
C GLN A 73 -24.44 15.13 -0.32
N TYR A 74 -23.83 16.03 -1.07
CA TYR A 74 -24.00 17.46 -0.80
C TYR A 74 -25.47 17.85 -1.03
N ALA A 75 -26.06 17.34 -2.12
CA ALA A 75 -27.47 17.64 -2.43
C ALA A 75 -28.37 17.14 -1.30
N LEU A 76 -28.10 15.93 -0.83
CA LEU A 76 -28.88 15.32 0.24
C LEU A 76 -28.74 16.09 1.55
N LEU A 77 -27.51 16.45 1.91
CA LEU A 77 -27.27 17.18 3.14
C LEU A 77 -28.04 18.51 3.11
N HIS A 78 -28.05 19.16 1.96
CA HIS A 78 -28.75 20.43 1.85
C HIS A 78 -30.26 20.26 1.97
N MET A 79 -30.81 19.36 1.19
CA MET A 79 -32.26 19.14 1.23
C MET A 79 -32.71 18.72 2.62
N ALA A 80 -31.87 17.97 3.33
CA ALA A 80 -32.21 17.51 4.67
C ALA A 80 -32.16 18.63 5.71
N GLY A 81 -31.54 19.74 5.37
CA GLY A 81 -31.50 20.84 6.31
C GLY A 81 -30.22 21.01 7.09
N TYR A 82 -29.17 20.28 6.71
CA TYR A 82 -27.89 20.41 7.40
C TYR A 82 -27.37 21.82 7.16
N ASN A 83 -26.33 22.21 7.91
CA ASN A 83 -25.76 23.55 7.78
C ASN A 83 -24.92 23.65 6.51
N LEU A 84 -25.56 23.52 5.35
CA LEU A 84 -24.90 23.59 4.06
C LEU A 84 -25.89 24.31 3.14
N THR A 85 -25.61 25.58 2.86
CA THR A 85 -26.51 26.39 2.05
C THR A 85 -26.39 26.22 0.54
N MET A 86 -27.27 26.87 -0.19
CA MET A 86 -27.27 26.80 -1.64
C MET A 86 -25.98 27.42 -2.17
N ASP A 87 -25.43 28.36 -1.41
CA ASP A 87 -24.18 29.01 -1.80
C ASP A 87 -23.04 28.01 -1.74
N ASP A 88 -23.05 27.16 -0.70
CA ASP A 88 -22.03 26.14 -0.56
C ASP A 88 -22.08 25.23 -1.79
N LEU A 89 -23.28 24.86 -2.20
CA LEU A 89 -23.47 23.99 -3.37
C LEU A 89 -22.93 24.62 -4.64
N LYS A 90 -23.14 25.93 -4.79
CA LYS A 90 -22.67 26.65 -5.97
C LYS A 90 -21.14 26.76 -5.93
N GLY A 91 -20.54 26.49 -4.78
CA GLY A 91 -19.09 26.56 -4.64
C GLY A 91 -18.41 25.21 -4.84
N PHE A 92 -19.16 24.23 -5.32
CA PHE A 92 -18.65 22.89 -5.55
C PHE A 92 -17.29 22.90 -6.26
N ARG A 93 -16.33 22.19 -5.69
CA ARG A 93 -15.00 22.11 -6.28
C ARG A 93 -14.31 23.44 -6.50
N GLN A 94 -14.65 24.44 -5.69
CA GLN A 94 -14.04 25.76 -5.81
C GLN A 94 -13.26 26.13 -4.56
N ASP A 95 -12.24 26.97 -4.73
CA ASP A 95 -11.38 27.40 -3.64
C ASP A 95 -12.07 27.78 -2.33
N GLY A 96 -11.67 27.09 -1.26
CA GLY A 96 -12.20 27.36 0.07
C GLY A 96 -13.66 27.00 0.38
N SER A 97 -14.32 26.25 -0.49
CA SER A 97 -15.72 25.92 -0.25
C SER A 97 -15.93 24.75 0.69
N ARG A 98 -17.17 24.62 1.18
CA ARG A 98 -17.50 23.53 2.09
C ARG A 98 -17.91 22.33 1.24
N THR A 99 -17.67 22.40 -0.05
CA THR A 99 -18.02 21.31 -0.94
C THR A 99 -16.90 20.91 -1.90
N PRO A 100 -15.84 20.29 -1.37
CA PRO A 100 -14.69 19.85 -2.18
C PRO A 100 -15.04 18.67 -3.09
N GLY A 101 -14.15 18.40 -4.05
CA GLY A 101 -14.34 17.31 -5.00
C GLY A 101 -14.65 15.95 -4.41
N HIS A 102 -14.21 15.72 -3.18
CA HIS A 102 -14.49 14.46 -2.50
C HIS A 102 -14.78 14.76 -1.04
N PRO A 103 -15.67 13.99 -0.41
CA PRO A 103 -16.05 14.18 0.99
C PRO A 103 -14.86 14.32 1.93
N GLU A 104 -14.82 15.43 2.66
CA GLU A 104 -13.74 15.69 3.60
C GLU A 104 -14.28 15.85 5.01
N ARG A 105 -13.85 14.98 5.90
CA ARG A 105 -14.25 15.03 7.30
C ARG A 105 -13.96 16.43 7.85
N PHE A 106 -14.89 16.97 8.64
CA PHE A 106 -14.74 18.29 9.25
C PHE A 106 -15.02 19.47 8.31
N VAL A 107 -14.76 19.32 7.03
CA VAL A 107 -15.01 20.42 6.07
C VAL A 107 -16.51 20.59 5.81
N THR A 108 -17.24 19.48 5.85
CA THR A 108 -18.67 19.49 5.57
C THR A 108 -19.48 18.84 6.69
N PRO A 109 -20.57 19.49 7.11
CA PRO A 109 -21.42 18.93 8.18
C PRO A 109 -22.05 17.63 7.67
N GLY A 110 -22.09 16.61 8.52
CA GLY A 110 -22.68 15.34 8.14
C GLY A 110 -21.76 14.36 7.43
N VAL A 111 -20.51 14.73 7.21
CA VAL A 111 -19.56 13.83 6.55
C VAL A 111 -18.77 13.17 7.68
N GLU A 112 -18.88 11.84 7.76
CA GLU A 112 -18.23 11.07 8.82
C GLU A 112 -16.73 10.82 8.67
N VAL A 113 -16.32 10.54 7.45
CA VAL A 113 -14.93 10.28 7.13
C VAL A 113 -14.64 10.88 5.76
N THR A 114 -13.37 10.93 5.43
CA THR A 114 -12.94 11.48 4.15
C THR A 114 -12.78 10.32 3.18
N THR A 115 -13.43 10.41 2.03
CA THR A 115 -13.33 9.36 1.02
C THR A 115 -12.76 9.99 -0.25
N GLY A 116 -12.64 9.19 -1.30
CA GLY A 116 -12.07 9.66 -2.55
C GLY A 116 -11.27 8.47 -3.03
N PRO A 117 -10.28 8.03 -2.22
CA PRO A 117 -9.46 6.87 -2.59
C PRO A 117 -10.42 5.68 -2.43
N LEU A 118 -10.71 5.00 -3.53
CA LEU A 118 -11.66 3.89 -3.51
C LEU A 118 -11.38 2.77 -2.53
N GLY A 119 -12.47 2.23 -1.97
CA GLY A 119 -12.38 1.13 -1.02
C GLY A 119 -12.29 1.55 0.43
N GLN A 120 -11.79 2.76 0.69
CA GLN A 120 -11.63 3.24 2.06
C GLN A 120 -12.95 3.41 2.79
N GLY A 121 -13.96 3.94 2.10
CA GLY A 121 -15.26 4.15 2.71
C GLY A 121 -15.86 2.89 3.29
N ILE A 122 -15.83 1.81 2.52
CA ILE A 122 -16.36 0.52 2.96
C ILE A 122 -15.65 0.07 4.22
N ALA A 123 -14.32 0.18 4.23
CA ALA A 123 -13.53 -0.24 5.37
C ALA A 123 -13.84 0.63 6.57
N ASN A 124 -14.00 1.93 6.36
CA ASN A 124 -14.34 2.85 7.44
C ASN A 124 -15.68 2.42 8.04
N ALA A 125 -16.64 2.11 7.17
CA ALA A 125 -17.98 1.71 7.60
C ALA A 125 -17.93 0.46 8.48
N VAL A 126 -17.01 -0.44 8.17
CA VAL A 126 -16.87 -1.64 8.97
C VAL A 126 -16.41 -1.24 10.37
N GLY A 127 -15.52 -0.26 10.43
CA GLY A 127 -15.03 0.23 11.71
C GLY A 127 -16.14 0.93 12.49
N LEU A 128 -16.98 1.68 11.79
CA LEU A 128 -18.08 2.37 12.44
C LEU A 128 -19.06 1.34 13.00
N ALA A 129 -19.28 0.27 12.24
CA ALA A 129 -20.21 -0.79 12.66
C ALA A 129 -19.66 -1.59 13.85
N ILE A 130 -18.34 -1.79 13.87
CA ILE A 130 -17.72 -2.51 14.98
C ILE A 130 -17.88 -1.69 16.25
N ALA A 131 -17.59 -0.40 16.16
CA ALA A 131 -17.69 0.50 17.32
C ALA A 131 -19.09 0.50 17.93
N GLU A 132 -20.12 0.57 17.08
CA GLU A 132 -21.51 0.57 17.54
C GLU A 132 -21.85 -0.73 18.25
N ALA A 133 -21.46 -1.84 17.65
CA ALA A 133 -21.72 -3.16 18.23
C ALA A 133 -21.01 -3.32 19.56
N HIS A 134 -19.79 -2.80 19.66
CA HIS A 134 -19.01 -2.91 20.89
C HIS A 134 -19.57 -2.03 21.99
N LEU A 135 -19.91 -0.79 21.64
CA LEU A 135 -20.44 0.15 22.61
C LEU A 135 -21.81 -0.32 23.11
N ALA A 136 -22.59 -0.94 22.24
CA ALA A 136 -23.90 -1.43 22.62
C ALA A 136 -23.73 -2.57 23.63
N ALA A 137 -22.81 -3.48 23.34
CA ALA A 137 -22.56 -4.61 24.22
C ALA A 137 -21.99 -4.16 25.56
N THR A 138 -21.25 -3.05 25.55
CA THR A 138 -20.64 -2.53 26.77
C THR A 138 -21.58 -1.72 27.65
N PHE A 139 -22.36 -0.82 27.04
CA PHE A 139 -23.25 0.04 27.79
C PHE A 139 -24.74 -0.31 27.89
N ASN A 140 -25.28 -1.03 26.92
CA ASN A 140 -26.70 -1.36 27.01
C ASN A 140 -27.04 -2.24 28.20
N ARG A 141 -28.18 -1.97 28.80
CA ARG A 141 -28.67 -2.72 29.95
C ARG A 141 -30.14 -3.04 29.69
N PRO A 142 -30.68 -4.05 30.40
CA PRO A 142 -32.09 -4.42 30.20
C PRO A 142 -33.01 -3.20 30.33
N GLY A 143 -33.79 -2.95 29.29
CA GLY A 143 -34.69 -1.81 29.32
C GLY A 143 -34.01 -0.51 28.94
N TYR A 144 -32.69 -0.52 28.82
CA TYR A 144 -31.94 0.68 28.45
C TYR A 144 -31.09 0.47 27.19
N ASN A 145 -31.72 0.62 26.05
CA ASN A 145 -31.08 0.46 24.76
C ASN A 145 -30.51 1.82 24.33
N ILE A 146 -29.46 2.27 25.02
CA ILE A 146 -28.86 3.57 24.72
C ILE A 146 -27.95 3.65 23.50
N VAL A 147 -27.51 2.50 22.99
CA VAL A 147 -26.68 2.47 21.79
C VAL A 147 -27.37 1.55 20.80
N ASP A 148 -27.89 2.14 19.72
CA ASP A 148 -28.59 1.35 18.71
C ASP A 148 -28.77 2.12 17.42
N HIS A 149 -27.88 1.88 16.47
CA HIS A 149 -27.97 2.54 15.16
C HIS A 149 -27.29 1.73 14.08
N TYR A 150 -27.69 1.98 12.85
CA TYR A 150 -27.17 1.27 11.69
C TYR A 150 -26.11 2.07 10.97
N THR A 151 -25.31 1.37 10.17
CA THR A 151 -24.24 1.98 9.39
C THR A 151 -24.54 1.71 7.91
N TYR A 152 -24.89 2.77 7.19
CA TYR A 152 -25.21 2.66 5.76
C TYR A 152 -24.01 3.11 4.95
N VAL A 153 -23.67 2.36 3.92
CA VAL A 153 -22.53 2.75 3.09
C VAL A 153 -22.76 2.45 1.63
N TYR A 154 -22.61 3.48 0.81
CA TYR A 154 -22.76 3.38 -0.63
C TYR A 154 -21.41 2.98 -1.21
N CYS A 155 -21.43 2.16 -2.26
CA CYS A 155 -20.20 1.76 -2.93
C CYS A 155 -20.53 1.41 -4.37
N GLY A 156 -19.52 1.48 -5.23
CA GLY A 156 -19.71 1.16 -6.63
C GLY A 156 -18.76 0.07 -7.07
N ASP A 157 -18.72 -0.19 -8.37
CA ASP A 157 -17.87 -1.22 -8.94
C ASP A 157 -16.39 -1.08 -8.59
N GLY A 158 -15.88 0.16 -8.60
CA GLY A 158 -14.48 0.41 -8.29
C GLY A 158 -14.14 0.01 -6.86
N CYS A 159 -15.03 0.33 -5.93
CA CYS A 159 -14.80 -0.03 -4.55
C CYS A 159 -14.62 -1.55 -4.41
N LEU A 160 -15.55 -2.32 -4.96
CA LEU A 160 -15.48 -3.79 -4.89
C LEU A 160 -14.25 -4.41 -5.55
N MET A 161 -13.57 -3.68 -6.43
CA MET A 161 -12.38 -4.20 -7.08
C MET A 161 -11.13 -4.01 -6.23
N GLU A 162 -11.17 -3.05 -5.29
CA GLU A 162 -10.03 -2.78 -4.43
C GLU A 162 -9.84 -3.82 -3.33
N GLY A 163 -8.59 -4.21 -3.11
CA GLY A 163 -8.31 -5.19 -2.07
C GLY A 163 -8.73 -4.73 -0.68
N VAL A 164 -8.47 -3.47 -0.34
CA VAL A 164 -8.84 -2.96 0.96
C VAL A 164 -10.35 -3.15 1.20
N CYS A 165 -11.13 -3.07 0.12
CA CYS A 165 -12.57 -3.27 0.22
C CYS A 165 -12.86 -4.75 0.49
N GLN A 166 -12.26 -5.62 -0.31
CA GLN A 166 -12.45 -7.06 -0.16
C GLN A 166 -12.02 -7.55 1.23
N GLU A 167 -10.90 -7.05 1.72
CA GLU A 167 -10.41 -7.41 3.05
C GLU A 167 -11.45 -7.04 4.11
N ALA A 168 -11.97 -5.82 4.02
CA ALA A 168 -12.95 -5.31 4.97
C ALA A 168 -14.27 -6.06 4.95
N LEU A 169 -14.76 -6.40 3.75
CA LEU A 169 -16.01 -7.13 3.63
C LEU A 169 -15.84 -8.53 4.20
N SER A 170 -14.64 -9.10 4.01
CA SER A 170 -14.36 -10.44 4.50
C SER A 170 -14.44 -10.46 6.01
N LEU A 171 -13.82 -9.48 6.64
CA LEU A 171 -13.82 -9.37 8.10
C LEU A 171 -15.25 -9.06 8.60
N ALA A 172 -15.98 -8.22 7.86
CA ALA A 172 -17.34 -7.86 8.24
C ALA A 172 -18.24 -9.10 8.24
N GLY A 173 -18.01 -9.98 7.28
CA GLY A 173 -18.80 -11.19 7.21
C GLY A 173 -18.44 -12.11 8.35
N HIS A 174 -17.14 -12.19 8.63
CA HIS A 174 -16.65 -13.03 9.70
C HIS A 174 -17.16 -12.55 11.05
N LEU A 175 -17.18 -11.24 11.25
CA LEU A 175 -17.65 -10.66 12.51
C LEU A 175 -19.16 -10.57 12.59
N ALA A 176 -19.83 -10.89 11.49
CA ALA A 176 -21.29 -10.89 11.45
C ALA A 176 -21.91 -9.56 11.89
N LEU A 177 -21.38 -8.46 11.35
CA LEU A 177 -21.88 -7.13 11.67
C LEU A 177 -23.26 -6.92 11.06
N GLU A 178 -24.30 -7.33 11.80
CA GLU A 178 -25.67 -7.26 11.30
C GLU A 178 -26.23 -5.86 11.04
N LYS A 179 -25.69 -4.85 11.71
CA LYS A 179 -26.19 -3.51 11.47
C LYS A 179 -25.45 -2.75 10.37
N LEU A 180 -24.55 -3.43 9.68
CA LEU A 180 -23.81 -2.84 8.58
C LEU A 180 -24.61 -3.12 7.31
N ILE A 181 -24.99 -2.07 6.59
CA ILE A 181 -25.77 -2.25 5.36
C ILE A 181 -25.07 -1.61 4.19
N VAL A 182 -24.53 -2.45 3.32
CA VAL A 182 -23.81 -1.99 2.15
C VAL A 182 -24.77 -1.89 0.98
N ILE A 183 -24.84 -0.72 0.37
CA ILE A 183 -25.70 -0.51 -0.78
C ILE A 183 -24.76 -0.39 -1.96
N TYR A 184 -24.76 -1.42 -2.80
CA TYR A 184 -23.89 -1.51 -3.96
C TYR A 184 -24.59 -1.09 -5.25
N ASP A 185 -24.12 0.01 -5.82
CA ASP A 185 -24.69 0.54 -7.05
C ASP A 185 -24.02 -0.13 -8.25
N SER A 186 -24.69 -1.14 -8.80
CA SER A 186 -24.16 -1.87 -9.95
C SER A 186 -24.75 -1.32 -11.24
N ASN A 187 -23.95 -0.57 -12.00
CA ASN A 187 -24.44 0.02 -13.23
C ASN A 187 -23.58 -0.36 -14.43
N TYR A 188 -22.71 -1.35 -14.23
CA TYR A 188 -21.83 -1.87 -15.28
C TYR A 188 -20.97 -0.82 -16.02
N ILE A 189 -20.52 0.21 -15.32
CA ILE A 189 -19.71 1.25 -15.94
C ILE A 189 -18.58 1.74 -15.04
N SER A 190 -17.40 1.89 -15.61
CA SER A 190 -16.25 2.41 -14.87
C SER A 190 -15.64 3.47 -15.80
N ILE A 191 -14.45 3.97 -15.47
CA ILE A 191 -13.83 4.99 -16.31
C ILE A 191 -13.50 4.47 -17.71
N ASP A 192 -12.87 3.31 -17.79
CA ASP A 192 -12.50 2.71 -19.06
C ASP A 192 -13.72 2.35 -19.90
N GLY A 193 -14.88 2.23 -19.25
CA GLY A 193 -16.09 1.89 -19.96
C GLY A 193 -16.87 0.78 -19.27
N SER A 194 -17.34 -0.18 -20.05
CA SER A 194 -18.10 -1.31 -19.53
C SER A 194 -17.28 -2.13 -18.51
N THR A 195 -17.93 -2.58 -17.45
CA THR A 195 -17.26 -3.36 -16.43
C THR A 195 -16.82 -4.73 -16.98
N SER A 196 -17.42 -5.13 -18.09
CA SER A 196 -17.08 -6.42 -18.69
C SER A 196 -15.64 -6.40 -19.25
N LEU A 197 -15.01 -5.23 -19.18
CA LEU A 197 -13.64 -5.09 -19.64
C LEU A 197 -12.63 -5.59 -18.60
N SER A 198 -13.07 -5.76 -17.36
CA SER A 198 -12.17 -6.20 -16.30
C SER A 198 -12.82 -6.67 -14.99
N PHE A 199 -14.15 -6.70 -14.95
CA PHE A 199 -14.83 -7.09 -13.72
C PHE A 199 -16.10 -7.90 -14.02
N THR A 200 -16.01 -9.21 -13.87
CA THR A 200 -17.16 -10.08 -14.13
C THR A 200 -17.34 -11.20 -13.11
N GLU A 201 -17.59 -10.86 -11.86
CA GLU A 201 -17.79 -11.86 -10.83
C GLU A 201 -19.28 -12.04 -10.61
N GLN A 202 -19.67 -13.19 -10.04
CA GLN A 202 -21.08 -13.45 -9.73
C GLN A 202 -21.18 -12.95 -8.29
N CYS A 203 -21.33 -11.63 -8.15
CA CYS A 203 -21.39 -11.00 -6.84
C CYS A 203 -22.33 -11.62 -5.81
N HIS A 204 -23.53 -12.00 -6.21
CA HIS A 204 -24.47 -12.57 -5.24
C HIS A 204 -23.88 -13.79 -4.52
N GLN A 205 -23.48 -14.79 -5.30
CA GLN A 205 -22.91 -16.01 -4.75
C GLN A 205 -21.62 -15.69 -4.01
N LYS A 206 -20.83 -14.77 -4.56
CA LYS A 206 -19.57 -14.39 -3.92
C LYS A 206 -19.76 -13.79 -2.52
N TYR A 207 -20.63 -12.80 -2.40
CA TYR A 207 -20.81 -12.19 -1.10
C TYR A 207 -21.57 -13.04 -0.10
N VAL A 208 -22.40 -13.96 -0.59
CA VAL A 208 -23.11 -14.85 0.32
C VAL A 208 -22.02 -15.77 0.90
N ALA A 209 -21.05 -16.13 0.08
CA ALA A 209 -19.97 -17.00 0.53
C ALA A 209 -19.12 -16.29 1.58
N MET A 210 -19.14 -14.96 1.57
CA MET A 210 -18.38 -14.18 2.53
C MET A 210 -19.17 -13.88 3.80
N GLY A 211 -20.37 -14.41 3.90
CA GLY A 211 -21.16 -14.19 5.11
C GLY A 211 -22.15 -13.06 5.04
N PHE A 212 -22.44 -12.57 3.83
CA PHE A 212 -23.40 -11.49 3.69
C PHE A 212 -24.77 -12.00 3.30
N HIS A 213 -25.79 -11.22 3.65
CA HIS A 213 -27.16 -11.51 3.28
C HIS A 213 -27.31 -10.54 2.12
N VAL A 214 -27.35 -11.07 0.91
CA VAL A 214 -27.46 -10.25 -0.29
C VAL A 214 -28.91 -10.09 -0.76
N ILE A 215 -29.32 -8.85 -0.97
CA ILE A 215 -30.66 -8.51 -1.41
C ILE A 215 -30.52 -7.76 -2.74
N GLU A 216 -31.25 -8.21 -3.76
CA GLU A 216 -31.17 -7.60 -5.06
C GLU A 216 -32.39 -6.78 -5.43
N VAL A 217 -32.16 -5.67 -6.12
CA VAL A 217 -33.25 -4.80 -6.58
C VAL A 217 -32.87 -4.63 -8.04
N LYS A 218 -33.47 -5.46 -8.89
CA LYS A 218 -33.17 -5.45 -10.32
C LYS A 218 -33.35 -4.10 -11.01
N ASN A 219 -34.33 -3.32 -10.57
CA ASN A 219 -34.54 -2.03 -11.18
C ASN A 219 -34.46 -0.90 -10.16
N GLY A 220 -33.23 -0.45 -9.89
CA GLY A 220 -33.03 0.62 -8.93
C GLY A 220 -33.27 2.01 -9.50
N ASP A 221 -33.73 2.08 -10.75
CA ASP A 221 -34.00 3.36 -11.39
C ASP A 221 -35.43 3.84 -11.13
N THR A 222 -36.36 2.90 -10.95
CA THR A 222 -37.76 3.28 -10.75
C THR A 222 -38.59 2.36 -9.84
N ASP A 223 -38.00 1.27 -9.34
CA ASP A 223 -38.75 0.37 -8.47
C ASP A 223 -38.66 0.79 -7.00
N TYR A 224 -39.45 1.79 -6.62
CA TYR A 224 -39.42 2.29 -5.25
C TYR A 224 -39.94 1.29 -4.22
N GLU A 225 -40.91 0.47 -4.61
CA GLU A 225 -41.42 -0.53 -3.70
C GLU A 225 -40.29 -1.51 -3.39
N GLY A 226 -39.53 -1.87 -4.42
CA GLY A 226 -38.44 -2.79 -4.23
C GLY A 226 -37.38 -2.20 -3.31
N LEU A 227 -37.09 -0.92 -3.49
CA LEU A 227 -36.09 -0.24 -2.66
C LEU A 227 -36.54 -0.21 -1.21
N ARG A 228 -37.79 0.15 -0.99
CA ARG A 228 -38.32 0.20 0.37
C ARG A 228 -38.25 -1.19 0.99
N LYS A 229 -38.62 -2.20 0.20
CA LYS A 229 -38.62 -3.57 0.67
C LYS A 229 -37.22 -4.08 1.03
N ALA A 230 -36.24 -3.74 0.19
CA ALA A 230 -34.87 -4.16 0.42
C ALA A 230 -34.36 -3.64 1.76
N LEU A 231 -34.53 -2.34 1.99
CA LEU A 231 -34.09 -1.74 3.24
C LEU A 231 -34.81 -2.35 4.44
N ALA A 232 -36.11 -2.59 4.29
CA ALA A 232 -36.90 -3.16 5.37
C ALA A 232 -36.36 -4.55 5.71
N GLU A 233 -36.13 -5.35 4.68
CA GLU A 233 -35.61 -6.71 4.86
C GLU A 233 -34.24 -6.67 5.51
N ALA A 234 -33.41 -5.72 5.09
CA ALA A 234 -32.07 -5.58 5.64
C ALA A 234 -32.13 -5.32 7.14
N LYS A 235 -32.99 -4.42 7.55
CA LYS A 235 -33.12 -4.09 8.97
C LYS A 235 -33.68 -5.28 9.76
N ALA A 236 -34.56 -6.06 9.14
CA ALA A 236 -35.16 -7.21 9.82
C ALA A 236 -34.27 -8.46 9.91
N THR A 237 -33.40 -8.65 8.92
CA THR A 237 -32.51 -9.82 8.91
C THR A 237 -31.32 -9.66 9.85
N LYS A 238 -31.21 -10.56 10.83
CA LYS A 238 -30.12 -10.50 11.79
C LYS A 238 -29.06 -11.58 11.57
N GLY A 239 -27.91 -11.42 12.21
CA GLY A 239 -26.84 -12.40 12.10
C GLY A 239 -25.82 -12.24 10.99
N LYS A 240 -26.09 -11.34 10.04
CA LYS A 240 -25.17 -11.12 8.93
C LYS A 240 -25.23 -9.70 8.40
N PRO A 241 -24.11 -9.21 7.83
CA PRO A 241 -24.12 -7.84 7.31
C PRO A 241 -24.95 -7.97 6.03
N LYS A 242 -25.43 -6.85 5.51
CA LYS A 242 -26.21 -6.94 4.30
C LYS A 242 -25.58 -6.18 3.16
N MET A 243 -25.85 -6.66 1.95
CA MET A 243 -25.39 -5.99 0.75
C MET A 243 -26.58 -5.91 -0.18
N ILE A 244 -27.08 -4.70 -0.39
CA ILE A 244 -28.19 -4.52 -1.29
C ILE A 244 -27.56 -4.20 -2.63
N VAL A 245 -27.79 -5.08 -3.61
CA VAL A 245 -27.25 -4.90 -4.94
C VAL A 245 -28.35 -4.34 -5.83
N GLN A 246 -28.24 -3.06 -6.17
CA GLN A 246 -29.24 -2.43 -7.03
C GLN A 246 -28.64 -2.19 -8.39
N THR A 247 -29.38 -2.56 -9.43
CA THR A 247 -28.91 -2.37 -10.79
C THR A 247 -29.49 -1.06 -11.29
N THR A 248 -28.61 -0.10 -11.60
CA THR A 248 -29.08 1.19 -12.08
C THR A 248 -28.42 1.59 -13.40
N THR A 249 -28.86 2.72 -13.92
CA THR A 249 -28.35 3.28 -15.16
C THR A 249 -27.58 4.54 -14.79
N ILE A 250 -26.26 4.51 -14.96
CA ILE A 250 -25.45 5.66 -14.62
C ILE A 250 -25.95 6.86 -15.43
N GLY A 251 -26.16 7.98 -14.75
CA GLY A 251 -26.65 9.18 -15.40
C GLY A 251 -28.07 9.04 -15.90
N PHE A 252 -28.88 8.27 -15.19
CA PHE A 252 -30.29 8.05 -15.57
C PHE A 252 -30.99 9.36 -15.93
N GLY A 253 -31.46 9.44 -17.18
CA GLY A 253 -32.15 10.63 -17.62
C GLY A 253 -31.35 11.37 -18.68
N SER A 254 -30.04 11.38 -18.52
CA SER A 254 -29.15 12.05 -19.46
C SER A 254 -29.18 11.35 -20.81
N SER A 255 -28.88 12.10 -21.88
CA SER A 255 -28.87 11.53 -23.22
C SER A 255 -27.70 10.55 -23.33
N LYS A 256 -26.71 10.72 -22.47
CA LYS A 256 -25.54 9.84 -22.50
C LYS A 256 -25.58 8.83 -21.36
N GLN A 257 -26.77 8.56 -20.83
CA GLN A 257 -26.92 7.62 -19.73
C GLN A 257 -26.43 6.22 -20.12
N GLY A 258 -25.98 5.47 -19.12
CA GLY A 258 -25.49 4.12 -19.38
C GLY A 258 -24.12 4.04 -20.03
N THR A 259 -23.44 5.17 -20.20
CA THR A 259 -22.10 5.17 -20.80
C THR A 259 -21.10 5.83 -19.86
N GLU A 260 -19.81 5.61 -20.11
CA GLU A 260 -18.74 6.19 -19.29
C GLU A 260 -18.67 7.71 -19.48
N LYS A 261 -19.37 8.22 -20.48
CA LYS A 261 -19.37 9.66 -20.75
C LYS A 261 -19.97 10.49 -19.63
N VAL A 262 -20.89 9.91 -18.87
CA VAL A 262 -21.50 10.65 -17.75
C VAL A 262 -20.77 10.35 -16.44
N HIS A 263 -19.66 9.63 -16.52
CA HIS A 263 -18.90 9.28 -15.33
C HIS A 263 -18.27 10.47 -14.60
N GLY A 264 -17.35 11.16 -15.26
CA GLY A 264 -16.68 12.28 -14.60
C GLY A 264 -16.51 13.56 -15.40
N ALA A 265 -17.60 14.07 -15.93
CA ALA A 265 -17.59 15.31 -16.70
C ALA A 265 -18.98 15.95 -16.67
N PRO A 266 -19.04 17.28 -16.55
CA PRO A 266 -20.35 17.94 -16.53
C PRO A 266 -21.21 17.51 -17.73
N LEU A 267 -22.51 17.39 -17.51
CA LEU A 267 -23.44 16.98 -18.56
C LEU A 267 -23.60 18.03 -19.66
N GLY A 268 -23.38 19.29 -19.31
CA GLY A 268 -23.54 20.35 -20.28
C GLY A 268 -24.89 21.00 -20.10
N GLU A 269 -24.95 22.30 -20.34
CA GLU A 269 -26.19 23.06 -20.16
C GLU A 269 -27.40 22.52 -20.92
N GLU A 270 -27.21 22.10 -22.16
CA GLU A 270 -28.30 21.58 -22.97
C GLU A 270 -28.88 20.26 -22.46
N ASP A 271 -28.02 19.29 -22.18
CA ASP A 271 -28.46 17.99 -21.69
C ASP A 271 -29.18 18.13 -20.35
N ILE A 272 -28.72 19.07 -19.52
CA ILE A 272 -29.34 19.32 -18.22
C ILE A 272 -30.77 19.86 -18.39
N ALA A 273 -30.95 20.74 -19.37
CA ALA A 273 -32.26 21.32 -19.64
C ALA A 273 -33.25 20.24 -20.09
N ASN A 274 -32.77 19.33 -20.93
CA ASN A 274 -33.60 18.23 -21.43
C ASN A 274 -33.94 17.26 -20.30
N ILE A 275 -33.00 17.06 -19.39
CA ILE A 275 -33.21 16.16 -18.26
C ILE A 275 -34.35 16.68 -17.38
N LYS A 276 -34.32 17.98 -17.11
CA LYS A 276 -35.36 18.59 -16.30
C LYS A 276 -36.71 18.47 -16.99
N ALA A 277 -36.77 18.84 -18.26
CA ALA A 277 -38.00 18.76 -19.04
C ALA A 277 -38.54 17.33 -19.03
N LYS A 278 -37.63 16.37 -19.12
CA LYS A 278 -37.99 14.95 -19.11
C LYS A 278 -38.63 14.55 -17.79
N PHE A 279 -38.23 15.22 -16.72
CA PHE A 279 -38.78 14.91 -15.39
C PHE A 279 -39.95 15.81 -15.02
N GLY A 280 -40.40 16.62 -15.98
CA GLY A 280 -41.51 17.52 -15.72
C GLY A 280 -41.11 18.69 -14.86
N ARG A 281 -39.83 19.05 -14.90
CA ARG A 281 -39.33 20.18 -14.11
C ARG A 281 -39.00 21.37 -15.00
N ASP A 282 -38.87 22.53 -14.39
CA ASP A 282 -38.55 23.76 -15.11
C ASP A 282 -37.14 23.62 -15.66
N PRO A 283 -36.98 23.67 -16.99
CA PRO A 283 -35.66 23.53 -17.62
C PRO A 283 -34.80 24.80 -17.54
N GLN A 284 -35.34 25.84 -16.91
CA GLN A 284 -34.63 27.11 -16.77
C GLN A 284 -34.06 27.37 -15.39
N LYS A 285 -34.73 26.87 -14.36
CA LYS A 285 -34.29 27.08 -12.99
C LYS A 285 -33.22 26.07 -12.58
N LYS A 286 -32.15 26.58 -11.97
CA LYS A 286 -31.04 25.76 -11.50
C LYS A 286 -30.98 25.85 -9.98
N TYR A 287 -30.42 24.83 -9.35
CA TYR A 287 -30.32 24.76 -7.90
C TYR A 287 -31.68 25.00 -7.30
N ASP A 288 -32.69 24.38 -7.91
CA ASP A 288 -34.07 24.53 -7.46
C ASP A 288 -34.65 23.35 -6.70
N VAL A 289 -34.96 23.58 -5.43
CA VAL A 289 -35.54 22.55 -4.59
C VAL A 289 -36.99 22.88 -4.25
N ASP A 290 -37.92 22.13 -4.84
CA ASP A 290 -39.35 22.32 -4.62
C ASP A 290 -39.69 22.32 -3.13
N ASP A 291 -40.58 23.22 -2.72
CA ASP A 291 -40.96 23.31 -1.31
C ASP A 291 -41.69 22.09 -0.79
N ASP A 292 -42.35 21.35 -1.67
CA ASP A 292 -43.05 20.14 -1.24
C ASP A 292 -42.04 19.01 -1.03
N VAL A 293 -40.91 19.06 -1.75
CA VAL A 293 -39.88 18.05 -1.56
C VAL A 293 -39.21 18.34 -0.21
N ARG A 294 -38.96 19.62 0.09
CA ARG A 294 -38.35 20.01 1.36
C ARG A 294 -39.26 19.61 2.52
N ALA A 295 -40.57 19.70 2.31
CA ALA A 295 -41.53 19.33 3.34
C ALA A 295 -41.43 17.85 3.66
N VAL A 296 -41.09 17.04 2.65
CA VAL A 296 -40.93 15.60 2.85
C VAL A 296 -39.75 15.36 3.78
N PHE A 297 -38.63 16.03 3.53
CA PHE A 297 -37.45 15.87 4.37
C PHE A 297 -37.72 16.38 5.78
N ARG A 298 -38.37 17.54 5.88
CA ARG A 298 -38.70 18.14 7.15
C ARG A 298 -39.57 17.22 8.01
N MET A 299 -40.57 16.58 7.41
CA MET A 299 -41.45 15.66 8.13
C MET A 299 -40.61 14.54 8.72
N HIS A 300 -39.67 14.04 7.94
CA HIS A 300 -38.80 12.95 8.39
C HIS A 300 -37.89 13.41 9.53
N ILE A 301 -37.24 14.55 9.35
CA ILE A 301 -36.36 15.08 10.38
C ILE A 301 -37.11 15.42 11.66
N ASP A 302 -38.38 15.83 11.55
CA ASP A 302 -39.15 16.12 12.76
C ASP A 302 -39.29 14.85 13.58
N LYS A 303 -39.56 13.72 12.91
CA LYS A 303 -39.70 12.44 13.60
C LYS A 303 -38.40 12.02 14.26
N CYS A 304 -37.30 12.05 13.51
CA CYS A 304 -35.99 11.68 14.04
C CYS A 304 -35.59 12.62 15.18
N SER A 305 -36.03 13.87 15.08
CA SER A 305 -35.74 14.86 16.09
C SER A 305 -36.43 14.47 17.39
N ALA A 306 -37.64 13.92 17.26
CA ALA A 306 -38.41 13.48 18.42
C ALA A 306 -37.71 12.26 19.02
N GLU A 307 -37.16 11.43 18.14
CA GLU A 307 -36.45 10.23 18.56
C GLU A 307 -35.22 10.61 19.38
N GLN A 308 -34.53 11.67 18.97
CA GLN A 308 -33.34 12.10 19.69
C GLN A 308 -33.74 12.55 21.07
N LYS A 309 -34.77 13.38 21.15
CA LYS A 309 -35.25 13.88 22.43
C LYS A 309 -35.62 12.70 23.34
N ALA A 310 -36.33 11.73 22.78
CA ALA A 310 -36.71 10.55 23.54
C ALA A 310 -35.45 9.79 23.93
N TRP A 311 -34.47 9.77 23.04
CA TRP A 311 -33.21 9.08 23.33
C TRP A 311 -32.52 9.79 24.48
N GLU A 312 -32.55 11.12 24.47
CA GLU A 312 -31.91 11.91 25.52
C GLU A 312 -32.56 11.64 26.88
N GLU A 313 -33.86 11.42 26.86
CA GLU A 313 -34.57 11.15 28.09
C GLU A 313 -34.21 9.75 28.59
N LEU A 314 -34.06 8.81 27.66
CA LEU A 314 -33.69 7.44 28.02
C LEU A 314 -32.29 7.44 28.64
N LEU A 315 -31.40 8.25 28.10
CA LEU A 315 -30.04 8.33 28.62
C LEU A 315 -30.06 8.94 30.01
N ALA A 316 -30.99 9.85 30.25
CA ALA A 316 -31.10 10.48 31.55
C ALA A 316 -31.57 9.47 32.60
N LYS A 317 -32.53 8.61 32.23
CA LYS A 317 -33.03 7.61 33.15
C LYS A 317 -31.92 6.59 33.42
N TYR A 318 -31.22 6.24 32.36
CA TYR A 318 -30.12 5.28 32.41
C TYR A 318 -29.05 5.77 33.37
N THR A 319 -28.73 7.06 33.27
CA THR A 319 -27.71 7.67 34.11
C THR A 319 -28.15 7.73 35.57
N ALA A 320 -29.45 7.77 35.81
CA ALA A 320 -29.96 7.83 37.16
C ALA A 320 -29.91 6.44 37.81
N ALA A 321 -30.11 5.41 36.99
CA ALA A 321 -30.08 4.04 37.46
C ALA A 321 -28.66 3.46 37.46
N PHE A 322 -27.79 4.07 36.66
CA PHE A 322 -26.41 3.63 36.54
C PHE A 322 -25.47 4.83 36.54
N PRO A 323 -25.32 5.49 37.68
CA PRO A 323 -24.46 6.67 37.80
C PRO A 323 -23.09 6.52 37.15
N ALA A 324 -22.37 5.49 37.58
CA ALA A 324 -21.02 5.21 37.07
C ALA A 324 -20.96 5.01 35.56
N GLU A 325 -21.82 4.13 35.03
CA GLU A 325 -21.84 3.85 33.60
C GLU A 325 -22.21 5.10 32.79
N GLY A 326 -23.22 5.83 33.28
CA GLY A 326 -23.64 7.03 32.60
C GLY A 326 -22.49 8.00 32.47
N ALA A 327 -21.74 8.18 33.54
CA ALA A 327 -20.59 9.09 33.53
C ALA A 327 -19.55 8.61 32.53
N ALA A 328 -19.27 7.30 32.55
CA ALA A 328 -18.29 6.72 31.65
C ALA A 328 -18.74 6.87 30.19
N PHE A 329 -20.01 6.63 29.93
CA PHE A 329 -20.53 6.76 28.57
C PHE A 329 -20.25 8.15 28.02
N VAL A 330 -20.71 9.16 28.74
CA VAL A 330 -20.53 10.55 28.35
C VAL A 330 -19.05 10.89 28.17
N ALA A 331 -18.23 10.44 29.11
CA ALA A 331 -16.79 10.69 29.04
C ALA A 331 -16.19 10.04 27.79
N GLN A 332 -16.46 8.77 27.57
CA GLN A 332 -15.90 8.06 26.42
C GLN A 332 -16.30 8.67 25.09
N MET A 333 -17.58 8.98 24.96
CA MET A 333 -18.07 9.58 23.73
C MET A 333 -17.37 10.92 23.45
N ARG A 334 -16.77 11.52 24.47
CA ARG A 334 -16.07 12.79 24.31
C ARG A 334 -14.58 12.60 24.06
N GLY A 335 -14.16 11.33 24.14
CA GLY A 335 -12.77 10.94 23.93
C GLY A 335 -11.88 11.26 25.11
N GLU A 336 -12.50 11.48 26.27
CA GLU A 336 -11.77 11.81 27.49
C GLU A 336 -11.12 10.60 28.10
N LEU A 337 -9.88 10.76 28.54
CA LEU A 337 -9.14 9.67 29.17
C LEU A 337 -9.24 9.77 30.70
N PRO A 338 -9.49 8.63 31.37
CA PRO A 338 -9.58 8.63 32.83
C PRO A 338 -8.25 9.10 33.40
N SER A 339 -8.27 10.09 34.29
CA SER A 339 -7.04 10.61 34.87
C SER A 339 -6.18 9.57 35.57
N GLY A 340 -4.88 9.86 35.68
CA GLY A 340 -3.97 8.97 36.36
C GLY A 340 -3.33 7.87 35.54
N TRP A 341 -3.72 7.75 34.27
CA TRP A 341 -3.16 6.70 33.43
C TRP A 341 -1.66 6.82 33.14
N GLU A 342 -1.17 8.02 32.85
CA GLU A 342 0.24 8.17 32.54
C GLU A 342 1.17 7.79 33.68
N ALA A 343 0.82 8.20 34.89
CA ALA A 343 1.63 7.91 36.07
C ALA A 343 1.83 6.42 36.34
N LYS A 344 0.97 5.59 35.76
CA LYS A 344 1.05 4.14 35.96
C LYS A 344 2.00 3.42 34.98
N LEU A 345 2.42 4.11 33.93
CA LEU A 345 3.31 3.51 32.93
C LEU A 345 4.66 3.09 33.51
N PRO A 346 5.24 1.99 32.98
CA PRO A 346 6.51 1.42 33.41
C PRO A 346 7.74 2.26 33.04
N THR A 347 8.82 2.08 33.80
CA THR A 347 10.07 2.78 33.55
C THR A 347 11.19 1.75 33.42
N ASN A 348 12.36 2.18 32.94
CA ASN A 348 13.48 1.27 32.73
C ASN A 348 13.80 0.33 33.87
N SER A 349 14.23 -0.87 33.49
CA SER A 349 14.62 -1.92 34.42
C SER A 349 15.70 -2.76 33.73
N SER A 350 15.30 -3.92 33.23
CA SER A 350 16.22 -4.81 32.54
C SER A 350 16.22 -4.51 31.04
N ALA A 351 17.20 -5.06 30.34
CA ALA A 351 17.28 -4.85 28.90
C ALA A 351 16.22 -5.73 28.24
N ILE A 352 15.31 -5.11 27.51
CA ILE A 352 14.24 -5.83 26.80
C ILE A 352 13.99 -5.15 25.45
N ALA A 353 13.31 -5.86 24.56
CA ALA A 353 12.97 -5.32 23.26
C ALA A 353 11.90 -4.27 23.54
N THR A 354 11.86 -3.19 22.75
CA THR A 354 10.85 -2.17 22.97
C THR A 354 9.45 -2.74 22.66
N ARG A 355 9.46 -3.86 21.94
CA ARG A 355 8.26 -4.62 21.57
C ARG A 355 7.64 -5.16 22.86
N LYS A 356 8.50 -5.59 23.79
CA LYS A 356 8.07 -6.10 25.10
C LYS A 356 7.69 -4.91 25.97
N ALA A 357 8.46 -3.83 25.83
CA ALA A 357 8.19 -2.62 26.58
C ALA A 357 6.79 -2.11 26.27
N SER A 358 6.38 -2.24 25.00
CA SER A 358 5.05 -1.79 24.59
C SER A 358 3.97 -2.65 25.25
N GLU A 359 4.20 -3.95 25.30
CA GLU A 359 3.27 -4.88 25.92
C GLU A 359 3.09 -4.49 27.38
N ASN A 360 4.19 -4.17 28.06
CA ASN A 360 4.12 -3.78 29.47
C ASN A 360 3.26 -2.53 29.61
N CYS A 361 3.32 -1.64 28.63
CA CYS A 361 2.52 -0.43 28.66
C CYS A 361 1.06 -0.80 28.48
N LEU A 362 0.76 -1.65 27.50
CA LEU A 362 -0.62 -2.08 27.25
C LEU A 362 -1.22 -2.80 28.46
N ALA A 363 -0.38 -3.48 29.23
CA ALA A 363 -0.85 -4.21 30.41
C ALA A 363 -1.41 -3.22 31.43
N VAL A 364 -0.94 -1.99 31.34
CA VAL A 364 -1.40 -0.93 32.24
C VAL A 364 -2.54 -0.15 31.59
N LEU A 365 -2.38 0.17 30.30
CA LEU A 365 -3.37 0.95 29.57
C LEU A 365 -4.73 0.30 29.36
N PHE A 366 -4.76 -0.98 28.97
CA PHE A 366 -6.04 -1.65 28.75
C PHE A 366 -6.98 -1.51 29.94
N PRO A 367 -6.52 -1.86 31.16
CA PRO A 367 -7.42 -1.72 32.30
C PRO A 367 -7.68 -0.26 32.69
N ALA A 368 -6.68 0.60 32.50
CA ALA A 368 -6.82 2.02 32.84
C ALA A 368 -7.68 2.81 31.85
N ILE A 369 -7.67 2.43 30.58
CA ILE A 369 -8.43 3.12 29.56
C ILE A 369 -9.40 2.14 28.90
N PRO A 370 -10.63 2.04 29.42
CA PRO A 370 -11.64 1.13 28.90
C PRO A 370 -12.08 1.34 27.45
N ALA A 371 -11.93 2.55 26.94
CA ALA A 371 -12.31 2.81 25.56
C ALA A 371 -11.27 2.23 24.59
N LEU A 372 -10.09 1.90 25.12
CA LEU A 372 -9.04 1.33 24.30
C LEU A 372 -9.48 0.04 23.63
N MET A 373 -9.26 -0.06 22.33
CA MET A 373 -9.62 -1.25 21.57
C MET A 373 -8.50 -1.46 20.56
N GLY A 374 -7.91 -2.65 20.56
CA GLY A 374 -6.83 -2.90 19.64
C GLY A 374 -6.87 -4.27 19.00
N GLY A 375 -5.78 -4.60 18.31
CA GLY A 375 -5.68 -5.90 17.66
C GLY A 375 -4.42 -5.97 16.82
N SER A 376 -4.24 -7.08 16.13
CA SER A 376 -3.08 -7.29 15.29
C SER A 376 -3.49 -8.00 14.00
N ALA A 377 -2.72 -7.77 12.95
CA ALA A 377 -3.00 -8.40 11.67
C ALA A 377 -2.33 -9.78 11.67
N ASP A 378 -2.94 -10.70 12.41
CA ASP A 378 -2.47 -12.08 12.55
C ASP A 378 -1.01 -12.15 13.06
N LEU A 379 -0.64 -11.22 13.92
CA LEU A 379 0.73 -11.20 14.45
C LEU A 379 0.75 -11.00 15.97
N THR A 380 -0.34 -11.37 16.63
CA THR A 380 -0.46 -11.22 18.07
C THR A 380 0.72 -11.73 18.89
N PRO A 381 1.18 -12.97 18.65
CA PRO A 381 2.31 -13.45 19.45
C PRO A 381 3.65 -12.79 19.12
N SER A 382 3.68 -12.00 18.05
CA SER A 382 4.90 -11.31 17.65
C SER A 382 4.88 -9.83 17.99
N ASN A 383 3.71 -9.20 17.84
CA ASN A 383 3.54 -7.78 18.15
C ASN A 383 3.39 -7.58 19.66
N LEU A 384 2.99 -8.63 20.37
CA LEU A 384 2.80 -8.57 21.82
C LEU A 384 1.77 -7.49 22.16
N THR A 385 0.64 -7.54 21.46
CA THR A 385 -0.44 -6.57 21.65
C THR A 385 -1.61 -7.06 22.50
N ARG A 386 -1.49 -8.27 23.05
CA ARG A 386 -2.54 -8.86 23.87
C ARG A 386 -1.97 -9.34 25.20
N PRO A 387 -1.50 -8.41 26.05
CA PRO A 387 -0.94 -8.80 27.35
C PRO A 387 -1.85 -9.73 28.14
N ALA A 388 -1.31 -10.89 28.51
CA ALA A 388 -2.05 -11.90 29.26
C ALA A 388 -2.71 -11.41 30.54
N SER A 389 -2.06 -10.47 31.22
CA SER A 389 -2.60 -9.94 32.48
C SER A 389 -3.83 -9.08 32.24
N ALA A 390 -4.00 -8.59 31.02
CA ALA A 390 -5.14 -7.75 30.69
C ALA A 390 -6.43 -8.56 30.69
N ASN A 391 -6.29 -9.88 30.63
CA ASN A 391 -7.46 -10.75 30.64
C ASN A 391 -8.46 -10.29 29.56
N LEU A 392 -7.94 -10.11 28.35
CA LEU A 392 -8.75 -9.64 27.22
C LEU A 392 -9.62 -10.71 26.59
N VAL A 393 -10.69 -10.27 25.95
CA VAL A 393 -11.62 -11.16 25.29
C VAL A 393 -11.67 -10.63 23.86
N ASP A 394 -11.66 -11.53 22.88
CA ASP A 394 -11.70 -11.12 21.48
C ASP A 394 -13.07 -10.61 21.08
N PHE A 395 -13.09 -9.63 20.19
CA PHE A 395 -14.33 -9.08 19.67
C PHE A 395 -14.79 -10.08 18.62
N SER A 396 -16.04 -10.53 18.72
CA SER A 396 -16.58 -11.48 17.76
C SER A 396 -18.09 -11.32 17.79
N SER A 397 -18.78 -12.03 16.90
CA SER A 397 -20.24 -11.95 16.85
C SER A 397 -20.89 -12.46 18.13
N SER A 398 -20.23 -13.37 18.82
CA SER A 398 -20.77 -13.91 20.05
C SER A 398 -20.18 -13.22 21.29
N SER A 399 -19.28 -12.27 21.08
CA SER A 399 -18.68 -11.53 22.19
C SER A 399 -18.34 -10.12 21.75
N LYS A 400 -19.37 -9.32 21.52
CA LYS A 400 -19.20 -7.96 21.05
C LYS A 400 -18.60 -7.03 22.07
N GLU A 401 -18.54 -7.44 23.33
CA GLU A 401 -17.96 -6.60 24.36
C GLU A 401 -16.45 -6.80 24.40
N GLY A 402 -15.95 -7.73 23.60
CA GLY A 402 -14.53 -7.98 23.55
C GLY A 402 -13.77 -6.76 23.09
N ARG A 403 -12.53 -6.60 23.54
CA ARG A 403 -11.73 -5.45 23.17
C ARG A 403 -10.55 -5.71 22.26
N TYR A 404 -10.33 -6.97 21.88
CA TYR A 404 -9.22 -7.31 21.01
C TYR A 404 -9.73 -7.82 19.65
N ILE A 405 -9.28 -7.18 18.58
CA ILE A 405 -9.70 -7.55 17.24
C ILE A 405 -8.65 -8.37 16.47
N ARG A 406 -9.07 -9.53 15.96
CA ARG A 406 -8.22 -10.40 15.17
C ARG A 406 -8.47 -9.99 13.73
N PHE A 407 -7.67 -9.08 13.20
CA PHE A 407 -7.84 -8.60 11.83
C PHE A 407 -7.44 -9.61 10.76
N GLY A 408 -6.61 -10.58 11.13
CA GLY A 408 -6.16 -11.55 10.15
C GLY A 408 -5.10 -10.86 9.31
N VAL A 409 -4.64 -11.51 8.23
CA VAL A 409 -3.60 -10.91 7.39
C VAL A 409 -4.21 -9.86 6.47
N ARG A 410 -4.65 -8.76 7.07
CA ARG A 410 -5.30 -7.71 6.30
C ARG A 410 -4.86 -6.32 6.78
N GLU A 411 -3.57 -6.00 6.63
CA GLU A 411 -3.04 -4.71 7.07
C GLU A 411 -3.79 -3.48 6.57
N HIS A 412 -4.07 -3.43 5.28
CA HIS A 412 -4.75 -2.27 4.74
C HIS A 412 -6.14 -2.05 5.34
N ALA A 413 -6.98 -3.09 5.34
CA ALA A 413 -8.31 -2.95 5.90
C ALA A 413 -8.24 -2.68 7.39
N MET A 414 -7.21 -3.21 8.06
CA MET A 414 -7.07 -2.98 9.49
C MET A 414 -6.94 -1.49 9.73
N CYS A 415 -6.02 -0.87 9.00
CA CYS A 415 -5.78 0.56 9.14
C CYS A 415 -6.99 1.41 8.77
N ALA A 416 -7.70 1.02 7.73
CA ALA A 416 -8.89 1.78 7.33
C ALA A 416 -9.97 1.60 8.40
N ILE A 417 -10.01 0.42 9.01
CA ILE A 417 -11.00 0.13 10.04
C ILE A 417 -10.69 0.96 11.28
N LEU A 418 -9.40 1.11 11.61
CA LEU A 418 -9.01 1.90 12.77
C LEU A 418 -9.54 3.33 12.58
N ASN A 419 -9.46 3.83 11.34
CA ASN A 419 -9.95 5.18 11.06
C ASN A 419 -11.45 5.26 11.33
N GLY A 420 -12.17 4.21 10.95
CA GLY A 420 -13.61 4.16 11.15
C GLY A 420 -13.97 4.12 12.62
N LEU A 421 -13.19 3.38 13.40
CA LEU A 421 -13.43 3.27 14.83
C LEU A 421 -13.27 4.64 15.47
N ASP A 422 -12.23 5.37 15.06
CA ASP A 422 -11.95 6.70 15.59
C ASP A 422 -13.05 7.69 15.21
N ALA A 423 -13.56 7.58 13.98
CA ALA A 423 -14.59 8.48 13.48
C ALA A 423 -15.92 8.30 14.21
N HIS A 424 -16.15 7.12 14.78
CA HIS A 424 -17.41 6.89 15.46
C HIS A 424 -17.61 7.68 16.75
N ASP A 425 -16.59 7.67 17.59
CA ASP A 425 -16.54 8.30 18.92
C ASP A 425 -16.68 7.19 19.95
N GLY A 426 -16.02 7.36 21.09
CA GLY A 426 -16.12 6.36 22.15
C GLY A 426 -15.10 5.22 22.07
N ILE A 427 -14.20 5.28 21.10
CA ILE A 427 -13.18 4.25 20.93
C ILE A 427 -11.80 4.88 20.72
N ILE A 428 -10.76 4.24 21.26
CA ILE A 428 -9.39 4.69 21.07
C ILE A 428 -8.71 3.45 20.49
N PRO A 429 -8.69 3.36 19.15
CA PRO A 429 -8.11 2.25 18.40
C PRO A 429 -6.61 2.20 18.13
N PHE A 430 -6.10 0.97 18.10
CA PHE A 430 -4.70 0.75 17.79
C PHE A 430 -4.64 -0.59 17.07
N GLY A 431 -3.68 -0.72 16.16
CA GLY A 431 -3.53 -1.95 15.42
C GLY A 431 -2.06 -2.30 15.29
N GLY A 432 -1.75 -3.59 15.32
CA GLY A 432 -0.35 -3.97 15.20
C GLY A 432 -0.04 -4.84 14.03
N THR A 433 1.21 -4.76 13.60
CA THR A 433 1.74 -5.56 12.50
C THR A 433 3.23 -5.25 12.42
N PHE A 434 3.93 -5.91 11.51
CA PHE A 434 5.35 -5.62 11.34
C PHE A 434 5.44 -4.28 10.62
N LEU A 435 6.38 -3.44 11.06
CA LEU A 435 6.55 -2.15 10.44
C LEU A 435 6.62 -2.24 8.93
N ASN A 436 7.42 -3.20 8.43
CA ASN A 436 7.57 -3.33 7.00
C ASN A 436 6.28 -3.49 6.21
N PHE A 437 5.24 -4.03 6.83
CA PHE A 437 3.99 -4.21 6.12
C PHE A 437 2.98 -3.08 6.31
N ILE A 438 3.41 -2.00 6.94
CA ILE A 438 2.55 -0.83 7.10
C ILE A 438 2.53 -0.31 5.66
N GLY A 439 3.56 -0.69 4.90
CA GLY A 439 3.68 -0.28 3.51
C GLY A 439 2.51 -0.76 2.67
N TYR A 440 1.85 -1.81 3.15
CA TYR A 440 0.68 -2.37 2.47
C TYR A 440 -0.53 -1.49 2.75
N ALA A 441 -0.44 -0.67 3.80
CA ALA A 441 -1.57 0.15 4.23
C ALA A 441 -1.41 1.67 4.14
N LEU A 442 -0.45 2.14 3.35
CA LEU A 442 -0.28 3.58 3.26
C LEU A 442 -1.51 4.33 2.78
N GLY A 443 -2.37 3.66 2.02
CA GLY A 443 -3.58 4.33 1.56
C GLY A 443 -4.42 4.82 2.74
N ALA A 444 -4.59 3.96 3.74
CA ALA A 444 -5.36 4.30 4.91
C ALA A 444 -4.59 5.19 5.87
N VAL A 445 -3.28 4.96 5.98
CA VAL A 445 -2.47 5.76 6.87
C VAL A 445 -2.50 7.23 6.44
N ARG A 446 -2.46 7.46 5.13
CA ARG A 446 -2.51 8.81 4.57
C ARG A 446 -3.81 9.51 4.95
N LEU A 447 -4.92 8.78 4.92
CA LEU A 447 -6.21 9.36 5.27
C LEU A 447 -6.33 9.63 6.76
N ALA A 448 -5.60 8.88 7.59
CA ALA A 448 -5.65 9.12 9.02
C ALA A 448 -5.00 10.49 9.25
N ALA A 449 -3.92 10.74 8.52
CA ALA A 449 -3.19 12.00 8.63
C ALA A 449 -4.03 13.14 8.08
N ILE A 450 -4.65 12.94 6.92
CA ILE A 450 -5.49 13.96 6.30
C ILE A 450 -6.72 14.29 7.13
N SER A 451 -7.38 13.26 7.65
CA SER A 451 -8.59 13.43 8.42
C SER A 451 -8.39 13.71 9.90
N HIS A 452 -7.14 13.75 10.35
CA HIS A 452 -6.84 14.03 11.75
C HIS A 452 -7.40 12.98 12.69
N HIS A 453 -7.21 11.72 12.36
CA HIS A 453 -7.69 10.62 13.19
C HIS A 453 -6.67 10.27 14.26
N ARG A 454 -7.15 9.92 15.45
CA ARG A 454 -6.24 9.48 16.49
C ARG A 454 -6.24 7.95 16.43
N VAL A 455 -5.30 7.39 15.68
CA VAL A 455 -5.17 5.96 15.56
C VAL A 455 -3.71 5.68 15.89
N ILE A 456 -3.46 4.55 16.55
CA ILE A 456 -2.11 4.20 16.92
C ILE A 456 -1.68 2.91 16.23
N TYR A 457 -0.52 2.94 15.60
CA TYR A 457 0.00 1.77 14.92
C TYR A 457 1.16 1.19 15.73
N VAL A 458 0.97 -0.04 16.22
CA VAL A 458 2.01 -0.72 16.99
C VAL A 458 2.78 -1.53 15.96
N ALA A 459 3.83 -0.92 15.41
CA ALA A 459 4.65 -1.52 14.36
C ALA A 459 5.97 -2.07 14.87
N THR A 460 6.00 -3.38 15.10
CA THR A 460 7.21 -4.03 15.61
C THR A 460 8.13 -4.50 14.49
N HIS A 461 9.20 -5.20 14.88
CA HIS A 461 10.17 -5.70 13.90
C HIS A 461 10.55 -4.55 12.97
N ASP A 462 11.04 -3.48 13.59
CA ASP A 462 11.37 -2.24 12.91
C ASP A 462 12.66 -2.14 12.09
N SER A 463 13.47 -3.19 12.03
CA SER A 463 14.73 -3.12 11.26
C SER A 463 15.41 -4.45 10.98
N ILE A 464 16.69 -4.37 10.59
CA ILE A 464 17.47 -5.56 10.34
C ILE A 464 17.58 -6.34 11.65
N GLY A 465 17.04 -5.76 12.71
CA GLY A 465 17.05 -6.42 14.00
C GLY A 465 16.17 -7.65 13.88
N VAL A 466 15.33 -7.67 12.84
CA VAL A 466 14.44 -8.78 12.57
C VAL A 466 15.30 -10.03 12.36
N GLY A 467 16.47 -9.83 11.75
CA GLY A 467 17.37 -10.93 11.52
C GLY A 467 17.09 -11.89 10.37
N GLU A 468 17.02 -13.17 10.69
CA GLU A 468 16.80 -14.24 9.73
C GLU A 468 15.71 -14.14 8.66
N ASP A 469 14.58 -13.51 8.97
CA ASP A 469 13.52 -13.42 7.97
C ASP A 469 13.99 -12.77 6.67
N GLY A 470 15.03 -11.95 6.75
CA GLY A 470 15.57 -11.33 5.55
C GLY A 470 15.04 -9.98 5.09
N PRO A 471 15.59 -9.49 3.97
CA PRO A 471 15.27 -8.21 3.31
C PRO A 471 13.80 -7.91 3.04
N THR A 472 13.00 -8.94 2.76
CA THR A 472 11.59 -8.69 2.49
C THR A 472 10.83 -8.31 3.74
N HIS A 473 11.46 -8.50 4.90
CA HIS A 473 10.85 -8.19 6.19
C HIS A 473 11.57 -7.09 6.95
N GLN A 474 12.69 -6.61 6.42
CA GLN A 474 13.46 -5.58 7.12
C GLN A 474 13.30 -4.19 6.52
N PRO A 475 12.65 -3.28 7.27
CA PRO A 475 12.43 -1.92 6.80
C PRO A 475 13.75 -1.14 6.77
N VAL A 476 13.98 -0.42 5.69
CA VAL A 476 15.18 0.39 5.58
C VAL A 476 14.80 1.76 5.06
N GLU A 477 13.65 1.82 4.40
CA GLU A 477 13.19 3.06 3.80
C GLU A 477 11.79 3.53 4.23
N LEU A 478 11.02 2.66 4.86
CA LEU A 478 9.68 3.03 5.26
C LEU A 478 9.57 4.18 6.25
N VAL A 479 10.44 4.21 7.25
CA VAL A 479 10.37 5.28 8.22
C VAL A 479 10.57 6.63 7.56
N ALA A 480 11.43 6.70 6.56
CA ALA A 480 11.68 7.96 5.86
C ALA A 480 10.37 8.40 5.19
N ALA A 481 9.66 7.44 4.60
CA ALA A 481 8.40 7.72 3.93
C ALA A 481 7.38 8.27 4.91
N LEU A 482 7.29 7.66 6.08
CA LEU A 482 6.32 8.10 7.09
C LEU A 482 6.71 9.47 7.65
N ARG A 483 8.02 9.74 7.71
CA ARG A 483 8.50 11.03 8.21
C ARG A 483 8.18 12.15 7.25
N ALA A 484 8.09 11.83 5.96
CA ALA A 484 7.78 12.84 4.95
C ALA A 484 6.30 13.23 4.97
N MET A 485 5.48 12.33 5.50
CA MET A 485 4.04 12.51 5.58
C MET A 485 3.61 13.59 6.59
N PRO A 486 2.80 14.57 6.14
CA PRO A 486 2.33 15.65 7.02
C PRO A 486 1.36 15.08 8.06
N ASN A 487 1.37 15.68 9.25
CA ASN A 487 0.50 15.26 10.36
C ASN A 487 0.54 13.79 10.74
N LEU A 488 1.74 13.22 10.80
CA LEU A 488 1.91 11.83 11.20
C LEU A 488 3.12 11.77 12.14
N GLN A 489 2.92 11.23 13.33
CA GLN A 489 3.99 11.10 14.31
C GLN A 489 4.62 9.72 14.22
N VAL A 490 5.95 9.68 14.03
CA VAL A 490 6.68 8.43 13.92
C VAL A 490 7.65 8.34 15.10
N ILE A 491 7.24 7.61 16.14
CA ILE A 491 8.06 7.51 17.33
C ILE A 491 8.83 6.18 17.42
N ARG A 492 10.14 6.28 17.64
CA ARG A 492 11.01 5.11 17.76
C ARG A 492 11.74 5.14 19.11
N PRO A 493 11.07 4.69 20.17
CA PRO A 493 11.64 4.67 21.53
C PRO A 493 12.84 3.75 21.70
N SER A 494 13.80 4.16 22.53
CA SER A 494 15.01 3.39 22.77
C SER A 494 14.87 2.33 23.86
N ASP A 495 14.01 2.59 24.84
CA ASP A 495 13.82 1.67 25.96
C ASP A 495 12.44 1.80 26.59
N GLN A 496 12.24 1.12 27.72
CA GLN A 496 10.97 1.13 28.43
C GLN A 496 10.44 2.51 28.75
N THR A 497 11.28 3.36 29.32
CA THR A 497 10.88 4.71 29.67
C THR A 497 10.43 5.52 28.45
N GLU A 498 11.20 5.46 27.37
CA GLU A 498 10.84 6.18 26.16
C GLU A 498 9.59 5.56 25.54
N THR A 499 9.46 4.24 25.62
CA THR A 499 8.30 3.55 25.06
C THR A 499 7.05 3.99 25.82
N SER A 500 7.18 4.21 27.11
CA SER A 500 6.06 4.67 27.92
C SER A 500 5.78 6.11 27.50
N GLY A 501 6.82 6.83 27.14
CA GLY A 501 6.65 8.21 26.71
C GLY A 501 5.95 8.24 25.36
N ALA A 502 6.33 7.30 24.49
CA ALA A 502 5.76 7.18 23.16
C ALA A 502 4.25 6.91 23.23
N TRP A 503 3.85 5.97 24.09
CA TRP A 503 2.43 5.65 24.25
C TRP A 503 1.70 6.86 24.83
N ALA A 504 2.37 7.59 25.73
CA ALA A 504 1.77 8.77 26.32
C ALA A 504 1.48 9.78 25.23
N VAL A 505 2.44 9.99 24.34
CA VAL A 505 2.27 10.93 23.25
C VAL A 505 1.14 10.49 22.32
N ALA A 506 1.17 9.23 21.89
CA ALA A 506 0.16 8.69 20.98
C ALA A 506 -1.26 8.86 21.51
N LEU A 507 -1.45 8.49 22.78
CA LEU A 507 -2.75 8.56 23.42
C LEU A 507 -3.26 9.98 23.64
N SER A 508 -2.37 10.94 23.76
CA SER A 508 -2.78 12.31 24.00
C SER A 508 -2.87 13.19 22.74
N SER A 509 -2.57 12.61 21.57
CA SER A 509 -2.63 13.35 20.31
C SER A 509 -4.00 13.09 19.69
N ILE A 510 -4.98 13.90 20.09
CA ILE A 510 -6.36 13.77 19.62
C ILE A 510 -6.57 13.98 18.13
N HIS A 511 -5.67 14.71 17.49
CA HIS A 511 -5.81 14.95 16.06
C HIS A 511 -4.67 14.48 15.19
N THR A 512 -3.83 13.60 15.70
CA THR A 512 -2.67 13.12 14.95
C THR A 512 -2.39 11.63 15.13
N PRO A 513 -2.39 10.87 14.02
CA PRO A 513 -2.12 9.44 14.11
C PRO A 513 -0.66 9.24 14.49
N THR A 514 -0.36 8.15 15.18
CA THR A 514 1.02 7.89 15.59
C THR A 514 1.48 6.49 15.25
N VAL A 515 2.68 6.38 14.70
CA VAL A 515 3.28 5.08 14.38
C VAL A 515 4.34 4.80 15.44
N LEU A 516 4.20 3.68 16.13
CA LEU A 516 5.17 3.28 17.16
C LEU A 516 6.12 2.28 16.53
N CYS A 517 7.38 2.68 16.35
CA CYS A 517 8.39 1.81 15.76
C CYS A 517 9.08 1.03 16.87
N LEU A 518 8.74 -0.25 16.98
CA LEU A 518 9.27 -1.10 18.04
C LEU A 518 10.24 -2.17 17.54
N SER A 519 11.22 -2.49 18.37
CA SER A 519 12.25 -3.46 18.03
C SER A 519 11.88 -4.89 18.43
N ARG A 520 12.42 -5.84 17.68
CA ARG A 520 12.20 -7.25 17.96
C ARG A 520 13.21 -7.69 19.01
N GLN A 521 14.44 -7.22 18.84
CA GLN A 521 15.57 -7.54 19.71
C GLN A 521 15.70 -6.62 20.93
N ASN A 522 16.34 -7.13 21.97
CA ASN A 522 16.55 -6.38 23.20
C ASN A 522 17.37 -5.12 22.93
N THR A 523 17.13 -4.08 23.74
CA THR A 523 17.87 -2.84 23.66
C THR A 523 18.34 -2.55 25.07
N GLU A 524 19.44 -1.82 25.19
CA GLU A 524 19.96 -1.49 26.52
C GLU A 524 19.30 -0.21 27.06
N PRO A 525 18.71 -0.28 28.26
CA PRO A 525 18.06 0.90 28.84
C PRO A 525 19.06 2.03 29.13
N GLN A 526 18.58 3.27 29.01
CA GLN A 526 19.43 4.45 29.24
C GLN A 526 18.97 5.25 30.44
N SER A 527 19.90 5.55 31.34
CA SER A 527 19.59 6.32 32.55
C SER A 527 19.18 7.74 32.22
N GLY A 528 19.52 8.19 31.01
CA GLY A 528 19.15 9.55 30.61
C GLY A 528 17.78 9.68 29.99
N SER A 529 17.13 8.55 29.68
CA SER A 529 15.80 8.57 29.07
C SER A 529 14.75 9.18 30.00
N SER A 530 13.76 9.84 29.42
CA SER A 530 12.67 10.43 30.20
C SER A 530 11.46 10.68 29.32
N ILE A 531 10.27 10.60 29.90
CA ILE A 531 9.06 10.85 29.15
C ILE A 531 9.05 12.29 28.65
N GLU A 532 9.51 13.21 29.49
CA GLU A 532 9.57 14.62 29.13
C GLU A 532 10.38 14.79 27.85
N GLY A 533 11.48 14.03 27.76
CA GLY A 533 12.34 14.10 26.60
C GLY A 533 11.64 13.69 25.31
N VAL A 534 10.88 12.61 25.38
CA VAL A 534 10.16 12.11 24.21
C VAL A 534 9.14 13.15 23.72
N ARG A 535 8.49 13.81 24.67
CA ARG A 535 7.51 14.84 24.33
C ARG A 535 8.16 15.99 23.56
N HIS A 536 9.47 16.12 23.70
CA HIS A 536 10.22 17.16 23.00
C HIS A 536 10.84 16.70 21.67
N GLY A 537 10.64 15.43 21.35
CA GLY A 537 11.15 14.91 20.09
C GLY A 537 12.60 14.46 20.10
N ALA A 538 13.47 15.31 20.61
CA ALA A 538 14.90 15.01 20.72
C ALA A 538 15.42 15.70 21.96
N TYR A 539 16.32 15.04 22.66
CA TYR A 539 16.90 15.59 23.88
C TYR A 539 18.23 14.90 24.19
N SER A 540 19.05 15.54 25.01
CA SER A 540 20.35 15.00 25.38
C SER A 540 20.19 13.90 26.41
N VAL A 541 20.82 12.76 26.18
CA VAL A 541 20.77 11.67 27.14
C VAL A 541 22.16 11.55 27.74
N VAL A 542 23.11 12.24 27.12
CA VAL A 542 24.50 12.29 27.58
C VAL A 542 25.04 13.66 27.17
N ASP A 543 25.30 14.52 28.16
CA ASP A 543 25.79 15.85 27.85
C ASP A 543 27.18 16.14 28.41
N VAL A 544 27.84 17.13 27.83
CA VAL A 544 29.17 17.54 28.24
C VAL A 544 29.33 19.01 27.86
N PRO A 545 30.02 19.79 28.70
CA PRO A 545 30.20 21.22 28.41
C PRO A 545 31.12 21.47 27.21
N ASP A 546 30.89 22.58 26.53
CA ASP A 546 31.67 22.94 25.35
C ASP A 546 31.93 21.75 24.43
N LEU A 547 30.86 21.11 24.00
CA LEU A 547 30.97 19.93 23.14
C LEU A 547 31.68 20.16 21.80
N GLN A 548 32.25 19.09 21.26
CA GLN A 548 32.97 19.12 19.99
C GLN A 548 32.29 18.24 18.95
N LEU A 549 31.35 17.43 19.40
CA LEU A 549 30.64 16.52 18.52
C LEU A 549 29.35 16.06 19.14
N VAL A 550 28.33 15.94 18.29
CA VAL A 550 27.04 15.45 18.73
C VAL A 550 26.74 14.17 17.97
N ILE A 551 26.22 13.17 18.67
CA ILE A 551 25.85 11.93 18.02
C ILE A 551 24.37 11.80 18.31
N VAL A 552 23.56 11.79 17.25
CA VAL A 552 22.13 11.68 17.40
C VAL A 552 21.69 10.29 16.96
N ALA A 553 20.74 9.70 17.68
CA ALA A 553 20.27 8.37 17.37
C ALA A 553 18.85 8.14 17.87
N SER A 554 18.27 7.02 17.44
CA SER A 554 16.91 6.66 17.85
C SER A 554 16.80 5.17 18.11
N GLY A 555 15.69 4.77 18.74
CA GLY A 555 15.44 3.38 19.03
C GLY A 555 16.64 2.58 19.50
N SER A 556 16.79 1.38 18.95
CA SER A 556 17.88 0.49 19.32
C SER A 556 19.29 0.97 19.03
N GLU A 557 19.42 2.10 18.36
CA GLU A 557 20.76 2.61 18.06
C GLU A 557 21.31 3.63 19.06
N VAL A 558 20.50 4.03 20.03
CA VAL A 558 20.97 4.99 21.03
C VAL A 558 22.13 4.40 21.84
N SER A 559 22.05 3.11 22.16
CA SER A 559 23.10 2.44 22.91
C SER A 559 24.43 2.49 22.15
N LEU A 560 24.36 2.46 20.82
CA LEU A 560 25.56 2.52 19.99
C LEU A 560 26.18 3.91 20.12
N ALA A 561 25.33 4.93 20.11
CA ALA A 561 25.78 6.30 20.22
C ALA A 561 26.41 6.52 21.59
N VAL A 562 25.75 6.02 22.62
CA VAL A 562 26.25 6.18 23.98
C VAL A 562 27.61 5.49 24.14
N ASP A 563 27.73 4.27 23.63
CA ASP A 563 28.97 3.53 23.71
C ASP A 563 30.06 4.19 22.89
N ALA A 564 29.68 4.78 21.75
CA ALA A 564 30.63 5.47 20.88
C ALA A 564 31.14 6.70 21.62
N ALA A 565 30.23 7.37 22.32
CA ALA A 565 30.57 8.56 23.09
C ALA A 565 31.63 8.19 24.12
N LYS A 566 31.38 7.15 24.89
CA LYS A 566 32.33 6.70 25.91
C LYS A 566 33.68 6.36 25.28
N ALA A 567 33.64 5.68 24.14
CA ALA A 567 34.85 5.29 23.44
C ALA A 567 35.66 6.50 22.97
N LEU A 568 34.98 7.61 22.73
CA LEU A 568 35.65 8.83 22.28
C LEU A 568 36.02 9.74 23.45
N SER A 569 35.66 9.32 24.66
CA SER A 569 35.92 10.08 25.87
C SER A 569 37.27 10.80 25.93
N GLY A 570 38.36 10.07 25.72
CA GLY A 570 39.65 10.71 25.78
C GLY A 570 39.97 11.66 24.65
N GLU A 571 39.37 11.42 23.48
CA GLU A 571 39.61 12.25 22.30
C GLU A 571 38.74 13.48 22.10
N LEU A 572 37.43 13.30 22.19
CA LEU A 572 36.49 14.40 21.97
C LEU A 572 35.49 14.59 23.09
N ARG A 573 34.91 15.78 23.14
CA ARG A 573 33.88 16.08 24.11
C ARG A 573 32.62 15.81 23.29
N VAL A 574 31.87 14.79 23.68
CA VAL A 574 30.70 14.38 22.93
C VAL A 574 29.38 14.33 23.67
N ARG A 575 28.35 14.83 22.98
CA ARG A 575 26.99 14.85 23.49
C ARG A 575 26.21 13.81 22.70
N VAL A 576 25.34 13.06 23.39
CA VAL A 576 24.52 12.06 22.71
C VAL A 576 23.08 12.54 22.79
N VAL A 577 22.45 12.63 21.63
CA VAL A 577 21.06 13.08 21.54
C VAL A 577 20.16 11.93 21.12
N SER A 578 19.10 11.73 21.88
CA SER A 578 18.13 10.70 21.55
C SER A 578 17.01 11.43 20.82
N MET A 579 16.66 10.95 19.63
CA MET A 579 15.62 11.57 18.84
C MET A 579 14.53 10.56 18.51
N PRO A 580 13.65 10.25 19.47
CA PRO A 580 12.58 9.29 19.25
C PRO A 580 11.49 9.76 18.27
N CYS A 581 11.30 11.07 18.15
CA CYS A 581 10.29 11.59 17.22
C CYS A 581 10.68 12.92 16.57
N GLN A 582 11.05 12.87 15.30
CA GLN A 582 11.46 14.06 14.56
C GLN A 582 10.39 15.13 14.37
N GLU A 583 9.13 14.72 14.26
CA GLU A 583 8.03 15.67 14.09
C GLU A 583 7.88 16.58 15.30
N LEU A 584 7.93 15.99 16.49
CA LEU A 584 7.81 16.76 17.72
C LEU A 584 9.01 17.69 17.92
N PHE A 585 10.19 17.24 17.49
CA PHE A 585 11.38 18.06 17.63
C PHE A 585 11.24 19.31 16.76
N ASP A 586 10.88 19.12 15.49
CA ASP A 586 10.75 20.27 14.59
C ASP A 586 9.71 21.27 15.09
N ALA A 587 8.74 20.78 15.87
CA ALA A 587 7.70 21.65 16.39
C ALA A 587 8.16 22.50 17.58
N GLN A 588 9.33 22.17 18.14
CA GLN A 588 9.87 22.92 19.27
C GLN A 588 10.38 24.28 18.82
N PRO A 589 10.36 25.28 19.72
CA PRO A 589 10.85 26.61 19.37
C PRO A 589 12.33 26.58 18.98
N ASP A 590 12.75 27.57 18.19
CA ASP A 590 14.14 27.65 17.73
C ASP A 590 15.16 27.56 18.87
N THR A 591 14.89 28.24 19.98
CA THR A 591 15.83 28.21 21.10
C THR A 591 16.05 26.80 21.63
N TYR A 592 15.03 25.96 21.62
CA TYR A 592 15.20 24.60 22.12
C TYR A 592 16.00 23.77 21.13
N ARG A 593 15.67 23.87 19.85
CA ARG A 593 16.38 23.12 18.84
C ARG A 593 17.86 23.50 18.83
N GLN A 594 18.13 24.79 18.86
CA GLN A 594 19.51 25.30 18.87
C GLN A 594 20.26 24.70 20.05
N ALA A 595 19.58 24.60 21.19
CA ALA A 595 20.17 24.06 22.41
C ALA A 595 20.47 22.56 22.34
N VAL A 596 19.73 21.83 21.52
CA VAL A 596 19.98 20.39 21.39
C VAL A 596 21.01 20.10 20.30
N LEU A 597 20.89 20.79 19.17
CA LEU A 597 21.81 20.62 18.03
C LEU A 597 22.38 22.00 17.72
N PRO A 598 23.38 22.43 18.49
CA PRO A 598 23.98 23.74 18.27
C PRO A 598 24.66 23.89 16.92
N ALA A 599 24.43 25.03 16.30
CA ALA A 599 25.00 25.32 15.00
C ALA A 599 26.52 25.36 15.07
N GLY A 600 27.17 24.83 14.04
CA GLY A 600 28.61 24.86 14.00
C GLY A 600 29.25 23.61 14.53
N VAL A 601 28.48 22.80 15.23
CA VAL A 601 28.98 21.57 15.80
C VAL A 601 28.63 20.40 14.88
N PRO A 602 29.64 19.60 14.49
CA PRO A 602 29.42 18.45 13.61
C PRO A 602 28.49 17.42 14.24
N VAL A 603 27.62 16.85 13.42
CA VAL A 603 26.65 15.87 13.90
C VAL A 603 26.67 14.55 13.15
N VAL A 604 26.71 13.45 13.91
CA VAL A 604 26.69 12.11 13.32
C VAL A 604 25.39 11.45 13.75
N SER A 605 24.62 10.97 12.79
CA SER A 605 23.37 10.30 13.14
C SER A 605 23.59 8.80 12.98
N VAL A 606 22.92 8.02 13.83
CA VAL A 606 23.03 6.56 13.82
C VAL A 606 21.63 5.99 13.87
N GLU A 607 21.27 5.24 12.83
CA GLU A 607 19.94 4.64 12.73
C GLU A 607 20.02 3.58 11.62
N ALA A 608 19.49 2.39 11.89
CA ALA A 608 19.54 1.29 10.91
C ALA A 608 18.61 1.45 9.71
N TYR A 609 18.56 2.65 9.15
CA TYR A 609 17.71 2.96 8.00
C TYR A 609 18.56 3.73 6.98
N VAL A 610 18.00 4.02 5.80
CA VAL A 610 18.74 4.76 4.79
C VAL A 610 18.94 6.18 5.28
N SER A 611 19.90 6.88 4.68
CA SER A 611 20.22 8.25 5.09
C SER A 611 19.26 9.32 4.60
N PHE A 612 18.51 9.03 3.55
CA PHE A 612 17.56 9.98 2.98
C PHE A 612 16.81 10.74 4.07
N GLY A 613 16.99 12.05 4.10
CA GLY A 613 16.29 12.87 5.07
C GLY A 613 17.07 13.27 6.29
N TRP A 614 18.13 12.54 6.61
CA TRP A 614 18.94 12.84 7.79
C TRP A 614 19.77 14.10 7.64
N GLU A 615 20.02 14.52 6.39
CA GLU A 615 20.81 15.71 6.10
C GLU A 615 20.28 16.96 6.80
N LYS A 616 19.00 16.94 7.15
CA LYS A 616 18.42 18.09 7.81
C LYS A 616 18.96 18.26 9.23
N TYR A 617 19.58 17.22 9.76
CA TYR A 617 20.14 17.26 11.12
C TYR A 617 21.63 16.94 11.20
N SER A 618 22.04 15.85 10.55
CA SER A 618 23.42 15.41 10.61
C SER A 618 24.29 15.70 9.40
N HIS A 619 25.60 15.64 9.59
CA HIS A 619 26.57 15.89 8.54
C HIS A 619 27.08 14.56 8.01
N ALA A 620 26.76 13.49 8.73
CA ALA A 620 27.16 12.14 8.34
C ALA A 620 26.20 11.15 8.96
N HIS A 621 25.98 10.03 8.30
CA HIS A 621 25.04 9.03 8.79
C HIS A 621 25.57 7.60 8.80
N VAL A 622 25.39 6.92 9.92
CA VAL A 622 25.81 5.54 10.05
C VAL A 622 24.53 4.71 10.05
N GLY A 623 24.26 4.06 8.93
CA GLY A 623 23.05 3.26 8.82
C GLY A 623 23.07 2.35 7.62
N MET A 624 21.91 2.14 7.01
CA MET A 624 21.81 1.27 5.85
C MET A 624 22.00 2.04 4.56
N SER A 625 22.55 1.37 3.55
CA SER A 625 22.76 2.01 2.26
C SER A 625 21.92 1.29 1.21
N GLY A 626 21.24 0.22 1.62
CA GLY A 626 20.40 -0.52 0.70
C GLY A 626 19.52 -1.47 1.49
N PHE A 627 19.07 -2.55 0.85
CA PHE A 627 18.23 -3.53 1.51
C PHE A 627 19.05 -4.44 2.43
N GLY A 628 18.37 -5.16 3.32
CA GLY A 628 19.06 -6.04 4.26
C GLY A 628 19.48 -7.40 3.71
N ALA A 629 19.57 -8.38 4.59
CA ALA A 629 19.97 -9.73 4.22
C ALA A 629 19.48 -10.73 5.28
N SER A 630 19.58 -12.01 4.95
CA SER A 630 19.12 -13.07 5.85
C SER A 630 20.23 -13.67 6.71
N ALA A 631 20.23 -13.29 7.98
CA ALA A 631 21.24 -13.77 8.93
C ALA A 631 20.84 -13.24 10.31
N PRO A 632 21.42 -13.79 11.37
CA PRO A 632 21.05 -13.29 12.71
C PRO A 632 21.32 -11.79 12.84
N ALA A 633 20.52 -11.12 13.65
CA ALA A 633 20.64 -9.68 13.85
C ALA A 633 22.07 -9.21 14.11
N GLY A 634 22.71 -9.81 15.12
CA GLY A 634 24.08 -9.44 15.44
C GLY A 634 24.99 -9.45 14.23
N VAL A 635 24.84 -10.47 13.40
CA VAL A 635 25.66 -10.59 12.20
C VAL A 635 25.37 -9.46 11.22
N LEU A 636 24.08 -9.13 11.07
CA LEU A 636 23.68 -8.07 10.14
C LEU A 636 24.22 -6.69 10.53
N TYR A 637 24.18 -6.37 11.82
CA TYR A 637 24.69 -5.08 12.25
C TYR A 637 26.19 -4.92 11.94
N LYS A 638 26.96 -6.00 12.06
CA LYS A 638 28.39 -5.92 11.76
C LYS A 638 28.56 -5.83 10.25
N LYS A 639 27.81 -6.67 9.54
CA LYS A 639 27.87 -6.72 8.09
C LYS A 639 27.65 -5.34 7.46
N PHE A 640 26.63 -4.63 7.92
CA PHE A 640 26.33 -3.32 7.34
C PHE A 640 27.07 -2.14 7.96
N GLY A 641 27.98 -2.41 8.88
CA GLY A 641 28.76 -1.35 9.49
C GLY A 641 28.04 -0.47 10.49
N ILE A 642 26.95 -0.97 11.06
CA ILE A 642 26.21 -0.20 12.05
C ILE A 642 26.70 -0.70 13.41
N THR A 643 27.89 -0.24 13.77
CA THR A 643 28.54 -0.64 15.01
C THR A 643 29.19 0.56 15.70
N VAL A 644 29.54 0.38 16.97
CA VAL A 644 30.20 1.42 17.75
C VAL A 644 31.49 1.88 17.07
N GLU A 645 32.29 0.93 16.59
CA GLU A 645 33.56 1.30 15.94
C GLU A 645 33.34 2.17 14.72
N GLU A 646 32.29 1.89 13.97
CA GLU A 646 32.01 2.68 12.78
C GLU A 646 31.55 4.09 13.17
N VAL A 647 30.81 4.20 14.27
CA VAL A 647 30.35 5.50 14.75
C VAL A 647 31.55 6.29 15.25
N VAL A 648 32.39 5.64 16.05
CA VAL A 648 33.59 6.29 16.58
C VAL A 648 34.44 6.80 15.40
N ARG A 649 34.67 5.94 14.42
CA ARG A 649 35.48 6.33 13.26
C ARG A 649 34.88 7.51 12.49
N THR A 650 33.55 7.54 12.37
CA THR A 650 32.89 8.63 11.65
C THR A 650 32.93 9.92 12.47
N GLY A 651 32.70 9.79 13.77
CA GLY A 651 32.73 10.96 14.63
C GLY A 651 34.10 11.61 14.62
N ARG A 652 35.15 10.79 14.58
CA ARG A 652 36.52 11.30 14.55
C ARG A 652 36.81 12.11 13.29
N GLU A 653 36.46 11.55 12.13
CA GLU A 653 36.68 12.22 10.86
C GLU A 653 35.89 13.52 10.77
N LEU A 654 34.69 13.52 11.34
CA LEU A 654 33.84 14.71 11.31
C LEU A 654 34.41 15.83 12.18
N ALA A 655 34.82 15.48 13.39
CA ALA A 655 35.39 16.45 14.32
C ALA A 655 36.68 17.01 13.73
N LYS A 656 37.40 16.16 13.00
CA LYS A 656 38.65 16.57 12.38
C LYS A 656 38.42 17.51 11.20
N ARG A 657 37.41 17.23 10.40
CA ARG A 657 37.13 18.07 9.24
C ARG A 657 36.45 19.38 9.62
N PHE A 658 35.64 19.36 10.67
CA PHE A 658 34.93 20.55 11.09
C PHE A 658 35.16 20.88 12.56
N PRO A 659 36.37 21.35 12.90
CA PRO A 659 36.70 21.69 14.29
C PRO A 659 36.09 23.04 14.72
N ASP A 660 35.94 23.17 16.03
CA ASP A 660 35.40 24.38 16.67
C ASP A 660 34.53 25.35 15.87
N GLY A 661 33.23 25.04 15.81
CA GLY A 661 32.28 25.91 15.14
C GLY A 661 32.27 26.01 13.64
N THR A 662 33.03 25.19 12.93
CA THR A 662 33.04 25.28 11.46
C THR A 662 32.12 24.28 10.75
N ALA A 663 31.38 23.48 11.50
CA ALA A 663 30.49 22.51 10.87
C ALA A 663 29.47 23.26 10.01
N PRO A 664 29.16 22.72 8.82
CA PRO A 664 28.18 23.37 7.93
C PRO A 664 26.83 23.62 8.60
N LEU A 665 26.26 24.79 8.36
CA LEU A 665 24.97 25.15 8.94
C LEU A 665 23.85 24.37 8.26
N LYS A 666 22.87 23.93 9.05
CA LYS A 666 21.73 23.22 8.50
C LYS A 666 20.69 24.23 8.10
N ASN A 667 19.82 23.85 7.16
CA ASN A 667 18.77 24.73 6.66
C ASN A 667 17.91 25.32 7.76
N SER A 668 17.54 24.50 8.73
CA SER A 668 16.69 24.93 9.82
C SER A 668 17.26 26.07 10.65
N SER A 669 18.59 26.19 10.69
CA SER A 669 19.23 27.25 11.48
C SER A 669 19.07 28.65 10.90
N PHE A 670 19.09 28.77 9.58
CA PHE A 670 18.95 30.10 8.97
C PHE A 670 17.62 30.27 8.27
N SER A 671 16.72 29.31 8.44
CA SER A 671 15.41 29.37 7.81
C SER A 671 14.46 30.21 8.66
N ARG B 1 18.76 -48.10 -9.19
CA ARG B 1 17.71 -48.45 -10.19
C ARG B 1 16.36 -48.58 -9.52
N HIS B 2 16.36 -48.94 -8.24
CA HIS B 2 15.12 -49.08 -7.49
C HIS B 2 14.45 -47.71 -7.32
N MET B 3 13.14 -47.67 -7.50
CA MET B 3 12.37 -46.43 -7.41
C MET B 3 11.50 -46.34 -6.16
N ALA B 4 11.77 -45.36 -5.32
CA ALA B 4 11.00 -45.16 -4.09
C ALA B 4 9.52 -44.89 -4.39
N SER B 5 8.65 -45.31 -3.48
CA SER B 5 7.21 -45.09 -3.65
C SER B 5 6.93 -43.61 -3.43
N ILE B 6 5.81 -43.14 -3.98
CA ILE B 6 5.45 -41.73 -3.84
C ILE B 6 5.40 -41.30 -2.38
N GLU B 7 5.08 -42.24 -1.49
CA GLU B 7 5.01 -41.92 -0.07
C GLU B 7 6.41 -41.75 0.50
N LYS B 8 7.33 -42.59 0.05
CA LYS B 8 8.70 -42.49 0.54
C LYS B 8 9.27 -41.15 0.13
N VAL B 9 8.97 -40.74 -1.09
CA VAL B 9 9.43 -39.47 -1.61
C VAL B 9 8.88 -38.33 -0.75
N ALA B 10 7.58 -38.38 -0.49
CA ALA B 10 6.92 -37.35 0.31
C ALA B 10 7.51 -37.24 1.71
N ASN B 11 7.74 -38.38 2.35
CA ASN B 11 8.32 -38.37 3.70
C ASN B 11 9.75 -37.87 3.66
N CYS B 12 10.46 -38.18 2.59
CA CYS B 12 11.83 -37.73 2.47
C CYS B 12 11.82 -36.22 2.40
N ILE B 13 10.87 -35.66 1.66
CA ILE B 13 10.75 -34.22 1.52
C ILE B 13 10.43 -33.61 2.89
N ARG B 14 9.45 -34.18 3.58
CA ARG B 14 9.08 -33.68 4.90
C ARG B 14 10.29 -33.58 5.81
N CYS B 15 11.06 -34.66 5.90
CA CYS B 15 12.22 -34.68 6.77
C CYS B 15 13.35 -33.73 6.36
N LEU B 16 13.59 -33.62 5.06
CA LEU B 16 14.64 -32.72 4.61
C LEU B 16 14.25 -31.29 4.98
N ALA B 17 12.99 -30.95 4.77
CA ALA B 17 12.50 -29.62 5.12
C ALA B 17 12.74 -29.35 6.61
N ALA B 18 12.39 -30.34 7.44
CA ALA B 18 12.56 -30.23 8.88
C ALA B 18 14.02 -30.03 9.26
N ASP B 19 14.92 -30.79 8.64
CA ASP B 19 16.35 -30.67 8.92
C ASP B 19 16.88 -29.30 8.49
N ILE B 20 16.39 -28.80 7.38
CA ILE B 20 16.80 -27.49 6.88
C ILE B 20 16.49 -26.40 7.91
N VAL B 21 15.23 -26.35 8.34
CA VAL B 21 14.81 -25.37 9.33
C VAL B 21 15.60 -25.55 10.63
N GLN B 22 15.78 -26.80 11.03
CA GLN B 22 16.52 -27.09 12.26
C GLN B 22 17.95 -26.60 12.17
N GLY B 23 18.61 -26.86 11.04
CA GLY B 23 19.99 -26.42 10.87
C GLY B 23 20.14 -24.90 10.92
N GLY B 24 19.07 -24.20 10.58
CA GLY B 24 19.12 -22.74 10.60
C GLY B 24 18.71 -22.16 11.93
N LYS B 25 18.23 -23.02 12.83
CA LYS B 25 17.81 -22.59 14.16
C LYS B 25 16.78 -21.48 14.05
N SER B 26 16.08 -21.47 12.92
CA SER B 26 15.08 -20.45 12.63
C SER B 26 14.35 -20.87 11.35
N GLY B 27 13.07 -20.53 11.25
CA GLY B 27 12.33 -20.90 10.05
C GLY B 27 10.96 -21.49 10.29
N HIS B 28 10.30 -21.87 9.20
CA HIS B 28 8.96 -22.43 9.26
C HIS B 28 8.88 -23.86 8.71
N PRO B 29 8.78 -24.85 9.62
CA PRO B 29 8.70 -26.27 9.26
C PRO B 29 7.29 -26.75 8.92
N GLY B 30 6.29 -26.11 9.53
CA GLY B 30 4.89 -26.47 9.33
C GLY B 30 4.38 -26.70 7.92
N THR B 31 4.17 -25.62 7.18
CA THR B 31 3.66 -25.72 5.81
C THR B 31 4.50 -26.62 4.91
N PRO B 32 5.84 -26.51 5.00
CA PRO B 32 6.67 -27.38 4.16
C PRO B 32 6.33 -28.86 4.34
N MET B 33 6.09 -29.27 5.59
CA MET B 33 5.75 -30.66 5.87
C MET B 33 4.34 -30.99 5.38
N GLY B 34 3.43 -30.03 5.46
CA GLY B 34 2.06 -30.27 5.04
C GLY B 34 1.88 -30.37 3.52
N MET B 35 2.67 -29.64 2.76
CA MET B 35 2.57 -29.66 1.31
C MET B 35 3.52 -30.65 0.64
N ALA B 36 4.17 -31.48 1.45
CA ALA B 36 5.10 -32.45 0.89
C ALA B 36 4.47 -33.44 -0.10
N PRO B 37 3.32 -34.04 0.25
CA PRO B 37 2.68 -34.99 -0.67
C PRO B 37 2.38 -34.41 -2.04
N MET B 38 1.74 -33.25 -2.07
CA MET B 38 1.42 -32.60 -3.33
C MET B 38 2.69 -32.30 -4.12
N SER B 39 3.72 -31.84 -3.41
CA SER B 39 5.00 -31.51 -4.02
C SER B 39 5.65 -32.73 -4.66
N ALA B 40 5.55 -33.87 -3.98
CA ALA B 40 6.13 -35.11 -4.48
C ALA B 40 5.52 -35.46 -5.84
N VAL B 41 4.20 -35.43 -5.92
CA VAL B 41 3.51 -35.74 -7.16
C VAL B 41 3.83 -34.70 -8.23
N LEU B 42 3.68 -33.43 -7.87
CA LEU B 42 3.92 -32.34 -8.79
C LEU B 42 5.34 -32.32 -9.37
N TRP B 43 6.34 -32.43 -8.51
CA TRP B 43 7.73 -32.38 -8.95
C TRP B 43 8.34 -33.65 -9.54
N THR B 44 7.78 -34.82 -9.25
CA THR B 44 8.34 -36.04 -9.81
C THR B 44 7.44 -36.67 -10.87
N GLU B 45 6.26 -36.10 -11.10
CA GLU B 45 5.34 -36.67 -12.08
C GLU B 45 4.56 -35.76 -13.02
N VAL B 46 4.36 -34.51 -12.64
CA VAL B 46 3.55 -33.61 -13.45
C VAL B 46 4.20 -32.37 -14.06
N MET B 47 4.86 -31.58 -13.23
CA MET B 47 5.47 -30.35 -13.70
C MET B 47 6.60 -30.56 -14.70
N LYS B 48 6.59 -29.74 -15.75
CA LYS B 48 7.59 -29.82 -16.82
C LYS B 48 8.74 -28.84 -16.58
N TYR B 49 9.92 -29.37 -16.26
CA TYR B 49 11.07 -28.52 -16.01
C TYR B 49 12.36 -29.31 -16.11
N ASN B 50 13.47 -28.61 -16.32
CA ASN B 50 14.80 -29.23 -16.42
C ASN B 50 15.73 -28.63 -15.37
N SER B 51 16.05 -29.44 -14.36
CA SER B 51 16.93 -28.98 -13.29
C SER B 51 18.34 -28.65 -13.79
N GLN B 52 18.68 -29.10 -14.99
CA GLN B 52 20.00 -28.83 -15.54
C GLN B 52 19.98 -27.55 -16.39
N ASP B 53 18.79 -26.99 -16.59
CA ASP B 53 18.66 -25.76 -17.35
C ASP B 53 17.47 -24.94 -16.84
N PRO B 54 17.69 -24.19 -15.76
CA PRO B 54 16.66 -23.35 -15.14
C PRO B 54 16.15 -22.26 -16.07
N ASP B 55 16.90 -22.01 -17.14
CA ASP B 55 16.55 -20.96 -18.08
C ASP B 55 15.77 -21.40 -19.32
N TRP B 56 15.42 -22.68 -19.38
CA TRP B 56 14.67 -23.19 -20.52
C TRP B 56 13.41 -22.34 -20.64
N VAL B 57 13.29 -21.58 -21.73
CA VAL B 57 12.16 -20.69 -21.92
C VAL B 57 10.75 -21.29 -21.97
N ASP B 58 10.63 -22.58 -22.24
CA ASP B 58 9.29 -23.14 -22.30
C ASP B 58 8.96 -24.00 -21.08
N ARG B 59 9.73 -23.84 -20.01
CA ARG B 59 9.52 -24.59 -18.77
C ARG B 59 8.24 -24.14 -18.05
N ASP B 60 7.64 -25.03 -17.28
CA ASP B 60 6.48 -24.62 -16.50
C ASP B 60 7.06 -23.71 -15.43
N ARG B 61 6.31 -22.72 -15.00
CA ARG B 61 6.78 -21.82 -13.96
C ARG B 61 6.19 -22.28 -12.65
N PHE B 62 7.00 -22.23 -11.60
CA PHE B 62 6.57 -22.62 -10.27
C PHE B 62 6.85 -21.46 -9.33
N VAL B 63 5.88 -21.15 -8.48
CA VAL B 63 6.03 -20.06 -7.52
C VAL B 63 5.43 -20.43 -6.19
N MET B 64 6.19 -20.20 -5.12
CA MET B 64 5.69 -20.48 -3.79
C MET B 64 5.32 -19.14 -3.18
N SER B 65 4.05 -18.80 -3.25
CA SER B 65 3.55 -17.54 -2.73
C SER B 65 3.68 -17.48 -1.22
N ASN B 66 3.48 -18.61 -0.56
CA ASN B 66 3.64 -18.65 0.89
C ASN B 66 5.13 -18.87 1.16
N GLY B 67 5.91 -17.85 0.77
CA GLY B 67 7.35 -17.87 0.90
C GLY B 67 7.99 -18.28 2.22
N HIS B 68 7.27 -18.13 3.33
CA HIS B 68 7.86 -18.51 4.61
C HIS B 68 8.15 -20.01 4.63
N GLY B 69 7.48 -20.75 3.77
CA GLY B 69 7.69 -22.20 3.71
C GLY B 69 8.72 -22.57 2.66
N CYS B 70 9.59 -21.63 2.32
CA CYS B 70 10.63 -21.87 1.32
C CYS B 70 11.57 -23.02 1.62
N ALA B 71 11.60 -23.50 2.85
CA ALA B 71 12.46 -24.63 3.17
C ALA B 71 12.02 -25.77 2.24
N LEU B 72 10.72 -25.82 1.97
CA LEU B 72 10.15 -26.82 1.08
C LEU B 72 10.71 -26.66 -0.33
N GLN B 73 10.71 -25.43 -0.84
CA GLN B 73 11.24 -25.21 -2.18
C GLN B 73 12.73 -25.52 -2.28
N TYR B 74 13.50 -25.17 -1.27
CA TYR B 74 14.94 -25.46 -1.31
C TYR B 74 15.16 -26.96 -1.35
N ALA B 75 14.39 -27.70 -0.57
CA ALA B 75 14.49 -29.15 -0.53
C ALA B 75 14.19 -29.75 -1.91
N LEU B 76 13.12 -29.27 -2.53
CA LEU B 76 12.71 -29.76 -3.84
C LEU B 76 13.74 -29.41 -4.92
N LEU B 77 14.27 -28.20 -4.87
CA LEU B 77 15.27 -27.78 -5.85
C LEU B 77 16.52 -28.66 -5.75
N HIS B 78 16.91 -29.00 -4.53
CA HIS B 78 18.08 -29.84 -4.33
C HIS B 78 17.83 -31.27 -4.82
N MET B 79 16.74 -31.87 -4.36
CA MET B 79 16.40 -33.23 -4.74
C MET B 79 16.25 -33.41 -6.24
N ALA B 80 15.74 -32.37 -6.92
CA ALA B 80 15.54 -32.41 -8.36
C ALA B 80 16.82 -32.24 -9.17
N GLY B 81 17.90 -31.84 -8.52
CA GLY B 81 19.15 -31.69 -9.23
C GLY B 81 19.54 -30.28 -9.64
N TYR B 82 18.90 -29.27 -9.09
CA TYR B 82 19.29 -27.91 -9.45
C TYR B 82 20.67 -27.65 -8.83
N ASN B 83 21.28 -26.54 -9.21
CA ASN B 83 22.59 -26.19 -8.69
C ASN B 83 22.48 -25.64 -7.26
N LEU B 84 21.88 -26.43 -6.38
CA LEU B 84 21.71 -26.05 -4.98
C LEU B 84 22.14 -27.28 -4.20
N THR B 85 23.32 -27.23 -3.60
CA THR B 85 23.88 -28.35 -2.85
C THR B 85 23.39 -28.53 -1.42
N MET B 86 23.82 -29.63 -0.82
CA MET B 86 23.45 -29.93 0.55
C MET B 86 24.09 -28.88 1.44
N ASP B 87 25.23 -28.35 1.01
CA ASP B 87 25.90 -27.30 1.77
C ASP B 87 25.04 -26.04 1.77
N ASP B 88 24.40 -25.78 0.63
CA ASP B 88 23.54 -24.60 0.55
C ASP B 88 22.40 -24.78 1.56
N LEU B 89 21.85 -25.99 1.61
CA LEU B 89 20.74 -26.27 2.52
C LEU B 89 21.18 -26.10 3.98
N LYS B 90 22.40 -26.55 4.30
CA LYS B 90 22.91 -26.43 5.66
C LYS B 90 23.19 -24.97 6.01
N GLY B 91 23.16 -24.10 5.01
CA GLY B 91 23.40 -22.69 5.25
C GLY B 91 22.13 -21.87 5.32
N PHE B 92 20.99 -22.53 5.53
CA PHE B 92 19.68 -21.88 5.61
C PHE B 92 19.66 -20.72 6.61
N ARG B 93 19.14 -19.59 6.16
CA ARG B 93 19.03 -18.40 7.00
C ARG B 93 20.35 -17.96 7.66
N GLN B 94 21.46 -18.29 7.01
CA GLN B 94 22.77 -17.91 7.54
C GLN B 94 23.45 -16.94 6.59
N ASP B 95 24.35 -16.14 7.14
CA ASP B 95 25.07 -15.12 6.38
C ASP B 95 25.69 -15.55 5.06
N GLY B 96 25.28 -14.88 3.99
CA GLY B 96 25.80 -15.13 2.66
C GLY B 96 25.38 -16.40 1.92
N SER B 97 24.46 -17.18 2.49
CA SER B 97 24.05 -18.42 1.84
C SER B 97 23.12 -18.20 0.65
N ARG B 98 22.94 -19.25 -0.14
CA ARG B 98 22.07 -19.22 -1.32
C ARG B 98 20.67 -19.65 -0.87
N THR B 99 20.48 -19.72 0.44
CA THR B 99 19.20 -20.15 1.00
C THR B 99 18.69 -19.21 2.08
N PRO B 100 18.35 -17.98 1.71
CA PRO B 100 17.83 -17.01 2.68
C PRO B 100 16.46 -17.38 3.25
N GLY B 101 16.06 -16.69 4.32
CA GLY B 101 14.79 -16.93 4.97
C GLY B 101 13.56 -17.02 4.09
N HIS B 102 13.53 -16.25 3.00
CA HIS B 102 12.41 -16.27 2.05
C HIS B 102 13.02 -16.31 0.65
N PRO B 103 12.30 -16.91 -0.32
CA PRO B 103 12.80 -17.00 -1.70
C PRO B 103 13.19 -15.66 -2.32
N GLU B 104 14.42 -15.59 -2.82
CA GLU B 104 14.95 -14.39 -3.47
C GLU B 104 15.40 -14.67 -4.90
N ARG B 105 14.83 -13.94 -5.83
CA ARG B 105 15.17 -14.07 -7.25
C ARG B 105 16.68 -13.85 -7.42
N PHE B 106 17.31 -14.67 -8.26
CA PHE B 106 18.75 -14.58 -8.54
C PHE B 106 19.68 -15.19 -7.49
N VAL B 107 19.25 -15.17 -6.24
CA VAL B 107 20.05 -15.74 -5.16
C VAL B 107 20.05 -17.26 -5.24
N THR B 108 18.92 -17.81 -5.66
CA THR B 108 18.75 -19.26 -5.75
C THR B 108 18.32 -19.73 -7.13
N PRO B 109 18.98 -20.76 -7.66
CA PRO B 109 18.62 -21.29 -8.98
C PRO B 109 17.21 -21.88 -8.87
N GLY B 110 16.38 -21.65 -9.88
CA GLY B 110 15.03 -22.19 -9.84
C GLY B 110 13.96 -21.32 -9.20
N VAL B 111 14.36 -20.21 -8.59
CA VAL B 111 13.38 -19.30 -7.97
C VAL B 111 13.05 -18.18 -8.96
N GLU B 112 11.78 -18.14 -9.40
CA GLU B 112 11.31 -17.16 -10.37
C GLU B 112 11.10 -15.72 -9.89
N VAL B 113 10.56 -15.55 -8.69
CA VAL B 113 10.30 -14.22 -8.12
C VAL B 113 10.59 -14.28 -6.64
N THR B 114 10.73 -13.14 -5.98
CA THR B 114 10.98 -13.22 -4.55
C THR B 114 9.68 -12.99 -3.79
N THR B 115 9.40 -13.88 -2.87
CA THR B 115 8.19 -13.76 -2.08
C THR B 115 8.58 -13.66 -0.61
N GLY B 116 7.56 -13.61 0.24
CA GLY B 116 7.75 -13.45 1.67
C GLY B 116 6.57 -12.58 2.05
N PRO B 117 6.44 -11.41 1.41
CA PRO B 117 5.30 -10.52 1.71
C PRO B 117 4.10 -11.25 1.10
N LEU B 118 3.19 -11.70 1.95
CA LEU B 118 2.02 -12.47 1.50
C LEU B 118 1.18 -11.84 0.39
N GLY B 119 0.67 -12.70 -0.49
CA GLY B 119 -0.17 -12.27 -1.59
C GLY B 119 0.57 -11.92 -2.87
N GLN B 120 1.83 -11.53 -2.75
CA GLN B 120 2.63 -11.15 -3.91
C GLN B 120 2.81 -12.27 -4.93
N GLY B 121 3.18 -13.45 -4.44
CA GLY B 121 3.41 -14.59 -5.32
C GLY B 121 2.24 -14.90 -6.23
N ILE B 122 1.03 -14.95 -5.66
CA ILE B 122 -0.18 -15.22 -6.43
C ILE B 122 -0.31 -14.23 -7.60
N ALA B 123 -0.11 -12.94 -7.32
CA ALA B 123 -0.19 -11.92 -8.35
C ALA B 123 0.97 -12.07 -9.35
N ASN B 124 2.15 -12.45 -8.87
CA ASN B 124 3.28 -12.64 -9.77
C ASN B 124 2.90 -13.75 -10.74
N ALA B 125 2.33 -14.83 -10.21
CA ALA B 125 1.91 -15.98 -11.00
C ALA B 125 0.90 -15.58 -12.07
N VAL B 126 -0.01 -14.67 -11.73
CA VAL B 126 -1.00 -14.23 -12.69
C VAL B 126 -0.27 -13.57 -13.84
N GLY B 127 0.78 -12.82 -13.50
CA GLY B 127 1.56 -12.15 -14.52
C GLY B 127 2.30 -13.18 -15.34
N LEU B 128 2.83 -14.21 -14.69
CA LEU B 128 3.55 -15.25 -15.41
C LEU B 128 2.60 -15.95 -16.38
N ALA B 129 1.36 -16.16 -15.96
CA ALA B 129 0.37 -16.82 -16.82
C ALA B 129 -0.05 -15.92 -17.97
N ILE B 130 -0.19 -14.63 -17.72
CA ILE B 130 -0.57 -13.69 -18.77
C ILE B 130 0.53 -13.66 -19.82
N ALA B 131 1.78 -13.68 -19.38
CA ALA B 131 2.92 -13.65 -20.30
C ALA B 131 2.90 -14.84 -21.25
N GLU B 132 2.74 -16.04 -20.70
CA GLU B 132 2.70 -17.28 -21.49
C GLU B 132 1.58 -17.23 -22.53
N ALA B 133 0.38 -16.87 -22.08
CA ALA B 133 -0.78 -16.78 -22.96
C ALA B 133 -0.57 -15.78 -24.10
N HIS B 134 0.01 -14.63 -23.77
CA HIS B 134 0.26 -13.60 -24.78
C HIS B 134 1.35 -13.99 -25.77
N LEU B 135 2.44 -14.56 -25.28
CA LEU B 135 3.54 -14.98 -26.16
C LEU B 135 3.13 -16.16 -27.05
N ALA B 136 2.26 -17.02 -26.53
CA ALA B 136 1.79 -18.17 -27.30
C ALA B 136 0.93 -17.65 -28.44
N ALA B 137 0.06 -16.70 -28.13
CA ALA B 137 -0.83 -16.12 -29.14
C ALA B 137 -0.03 -15.31 -30.16
N THR B 138 1.13 -14.82 -29.77
CA THR B 138 1.94 -14.01 -30.66
C THR B 138 2.86 -14.82 -31.57
N PHE B 139 3.50 -15.85 -31.02
CA PHE B 139 4.44 -16.66 -31.78
C PHE B 139 4.00 -18.03 -32.27
N ASN B 140 3.07 -18.68 -31.59
CA ASN B 140 2.65 -20.01 -32.06
C ASN B 140 2.09 -19.96 -33.48
N ARG B 141 2.27 -21.04 -34.21
CA ARG B 141 1.79 -21.16 -35.58
C ARG B 141 1.29 -22.58 -35.78
N PRO B 142 0.43 -22.80 -36.79
CA PRO B 142 -0.08 -24.16 -37.04
C PRO B 142 1.09 -25.13 -37.22
N GLY B 143 1.12 -26.17 -36.39
CA GLY B 143 2.20 -27.14 -36.48
C GLY B 143 3.44 -26.73 -35.70
N TYR B 144 3.40 -25.56 -35.06
CA TYR B 144 4.52 -25.06 -34.29
C TYR B 144 4.08 -24.50 -32.94
N ASN B 145 3.94 -25.38 -31.98
CA ASN B 145 3.52 -25.00 -30.63
C ASN B 145 4.80 -24.72 -29.80
N ILE B 146 5.43 -23.58 -30.06
CA ILE B 146 6.67 -23.22 -29.36
C ILE B 146 6.50 -22.60 -27.97
N VAL B 147 5.29 -22.16 -27.65
CA VAL B 147 5.04 -21.59 -26.33
C VAL B 147 3.87 -22.34 -25.73
N ASP B 148 4.13 -23.10 -24.69
CA ASP B 148 3.07 -23.89 -24.06
C ASP B 148 3.54 -24.44 -22.73
N HIS B 149 3.22 -23.73 -21.65
CA HIS B 149 3.58 -24.18 -20.33
C HIS B 149 2.59 -23.67 -19.29
N TYR B 150 2.56 -24.33 -18.15
CA TYR B 150 1.65 -23.98 -17.08
C TYR B 150 2.34 -23.20 -15.98
N THR B 151 1.54 -22.50 -15.18
CA THR B 151 2.06 -21.74 -14.05
C THR B 151 1.46 -22.35 -12.80
N TYR B 152 2.33 -22.86 -11.94
CA TYR B 152 1.89 -23.49 -10.69
C TYR B 152 2.25 -22.57 -9.53
N VAL B 153 1.31 -22.32 -8.63
CA VAL B 153 1.60 -21.46 -7.51
C VAL B 153 0.99 -21.93 -6.20
N TYR B 154 1.84 -22.11 -5.20
CA TYR B 154 1.42 -22.55 -3.88
C TYR B 154 1.00 -21.31 -3.10
N CYS B 155 0.01 -21.44 -2.23
CA CYS B 155 -0.43 -20.32 -1.41
C CYS B 155 -1.13 -20.87 -0.18
N GLY B 156 -1.16 -20.07 0.88
CA GLY B 156 -1.80 -20.49 2.11
C GLY B 156 -2.93 -19.58 2.52
N ASP B 157 -3.42 -19.74 3.74
CA ASP B 157 -4.53 -18.92 4.21
C ASP B 157 -4.13 -17.44 4.22
N GLY B 158 -2.91 -17.16 4.67
CA GLY B 158 -2.43 -15.80 4.72
C GLY B 158 -2.57 -15.11 3.38
N CYS B 159 -2.13 -15.79 2.32
CA CYS B 159 -2.20 -15.24 0.97
C CYS B 159 -3.63 -14.83 0.60
N LEU B 160 -4.59 -15.75 0.78
CA LEU B 160 -5.98 -15.48 0.42
C LEU B 160 -6.64 -14.32 1.17
N MET B 161 -6.14 -14.01 2.37
CA MET B 161 -6.71 -12.92 3.15
C MET B 161 -6.26 -11.55 2.64
N GLU B 162 -5.10 -11.52 1.98
CA GLU B 162 -4.56 -10.26 1.46
C GLU B 162 -5.28 -9.74 0.25
N GLY B 163 -5.54 -8.43 0.26
CA GLY B 163 -6.22 -7.80 -0.86
C GLY B 163 -5.48 -7.94 -2.18
N VAL B 164 -4.15 -7.86 -2.18
CA VAL B 164 -3.40 -7.97 -3.42
C VAL B 164 -3.69 -9.31 -4.09
N CYS B 165 -3.89 -10.34 -3.28
CA CYS B 165 -4.19 -11.67 -3.78
C CYS B 165 -5.62 -11.68 -4.36
N GLN B 166 -6.58 -11.19 -3.58
CA GLN B 166 -7.97 -11.15 -4.04
C GLN B 166 -8.09 -10.38 -5.35
N GLU B 167 -7.36 -9.28 -5.47
CA GLU B 167 -7.38 -8.48 -6.69
C GLU B 167 -6.90 -9.32 -7.87
N ALA B 168 -5.73 -9.95 -7.72
CA ALA B 168 -5.15 -10.76 -8.78
C ALA B 168 -6.01 -11.94 -9.18
N LEU B 169 -6.56 -12.66 -8.19
CA LEU B 169 -7.40 -13.81 -8.50
C LEU B 169 -8.63 -13.34 -9.27
N SER B 170 -9.16 -12.18 -8.90
CA SER B 170 -10.32 -11.61 -9.56
C SER B 170 -10.02 -11.35 -11.04
N LEU B 171 -8.87 -10.74 -11.31
CA LEU B 171 -8.50 -10.45 -12.68
C LEU B 171 -8.19 -11.75 -13.44
N ALA B 172 -7.56 -12.71 -12.77
CA ALA B 172 -7.22 -14.00 -13.37
C ALA B 172 -8.51 -14.71 -13.81
N GLY B 173 -9.52 -14.66 -12.95
CA GLY B 173 -10.79 -15.29 -13.28
C GLY B 173 -11.38 -14.59 -14.50
N HIS B 174 -11.39 -13.27 -14.47
CA HIS B 174 -11.93 -12.50 -15.58
C HIS B 174 -11.19 -12.76 -16.89
N LEU B 175 -9.88 -12.99 -16.81
CA LEU B 175 -9.08 -13.23 -18.00
C LEU B 175 -9.11 -14.70 -18.43
N ALA B 176 -9.71 -15.54 -17.59
CA ALA B 176 -9.82 -16.96 -17.87
C ALA B 176 -8.46 -17.59 -18.17
N LEU B 177 -7.50 -17.36 -17.28
CA LEU B 177 -6.15 -17.90 -17.46
C LEU B 177 -6.16 -19.39 -17.13
N GLU B 178 -6.55 -20.20 -18.11
CA GLU B 178 -6.67 -21.64 -17.98
C GLU B 178 -5.41 -22.42 -17.63
N LYS B 179 -4.24 -21.86 -17.91
CA LYS B 179 -3.00 -22.54 -17.60
C LYS B 179 -2.44 -22.16 -16.23
N LEU B 180 -3.19 -21.34 -15.49
CA LEU B 180 -2.79 -20.92 -14.15
C LEU B 180 -3.41 -21.92 -13.19
N ILE B 181 -2.57 -22.57 -12.39
CA ILE B 181 -3.06 -23.56 -11.44
C ILE B 181 -2.64 -23.19 -10.05
N VAL B 182 -3.58 -22.70 -9.26
CA VAL B 182 -3.30 -22.31 -7.88
C VAL B 182 -3.53 -23.52 -6.98
N ILE B 183 -2.55 -23.82 -6.14
CA ILE B 183 -2.66 -24.91 -5.21
C ILE B 183 -2.77 -24.27 -3.84
N TYR B 184 -3.97 -24.28 -3.29
CA TYR B 184 -4.25 -23.68 -2.00
C TYR B 184 -4.13 -24.68 -0.86
N ASP B 185 -3.18 -24.43 0.01
CA ASP B 185 -2.93 -25.30 1.14
C ASP B 185 -3.79 -24.84 2.31
N SER B 186 -4.95 -25.47 2.46
CA SER B 186 -5.88 -25.14 3.53
C SER B 186 -5.66 -26.06 4.74
N ASN B 187 -5.04 -25.54 5.79
CA ASN B 187 -4.79 -26.34 6.98
C ASN B 187 -5.34 -25.72 8.25
N TYR B 188 -6.24 -24.74 8.09
CA TYR B 188 -6.89 -24.06 9.21
C TYR B 188 -6.01 -23.51 10.31
N ILE B 189 -4.81 -23.05 9.96
CA ILE B 189 -3.89 -22.51 10.95
C ILE B 189 -3.15 -21.28 10.44
N SER B 190 -2.91 -20.32 11.32
CA SER B 190 -2.15 -19.13 10.95
C SER B 190 -1.37 -18.81 12.21
N ILE B 191 -0.59 -17.73 12.21
CA ILE B 191 0.20 -17.39 13.38
C ILE B 191 -0.61 -17.26 14.67
N ASP B 192 -1.72 -16.53 14.64
CA ASP B 192 -2.54 -16.35 15.83
C ASP B 192 -3.15 -17.66 16.32
N GLY B 193 -3.29 -18.63 15.42
CA GLY B 193 -3.87 -19.90 15.77
C GLY B 193 -4.85 -20.35 14.71
N SER B 194 -5.98 -20.89 15.12
CA SER B 194 -6.99 -21.35 14.18
C SER B 194 -7.49 -20.25 13.24
N THR B 195 -7.71 -20.59 11.98
CA THR B 195 -8.20 -19.64 10.99
C THR B 195 -9.61 -19.15 11.31
N SER B 196 -10.33 -19.92 12.12
CA SER B 196 -11.70 -19.56 12.48
C SER B 196 -11.71 -18.30 13.36
N LEU B 197 -10.53 -17.87 13.80
CA LEU B 197 -10.41 -16.67 14.63
C LEU B 197 -10.59 -15.39 13.81
N SER B 198 -10.43 -15.50 12.49
CA SER B 198 -10.55 -14.29 11.65
C SER B 198 -10.82 -14.55 10.17
N PHE B 199 -10.91 -15.81 9.77
CA PHE B 199 -11.09 -16.15 8.36
C PHE B 199 -12.03 -17.34 8.18
N THR B 200 -13.28 -17.08 7.81
CA THR B 200 -14.26 -18.15 7.65
C THR B 200 -15.14 -18.07 6.39
N GLU B 201 -14.54 -17.91 5.21
CA GLU B 201 -15.33 -17.81 3.98
C GLU B 201 -15.56 -19.18 3.36
N GLN B 202 -16.64 -19.31 2.59
CA GLN B 202 -16.96 -20.55 1.89
C GLN B 202 -16.09 -20.44 0.65
N CYS B 203 -14.81 -20.76 0.79
CA CYS B 203 -13.87 -20.65 -0.32
C CYS B 203 -14.28 -21.30 -1.64
N HIS B 204 -14.77 -22.53 -1.60
CA HIS B 204 -15.16 -23.18 -2.85
C HIS B 204 -16.20 -22.37 -3.59
N GLN B 205 -17.27 -22.00 -2.91
CA GLN B 205 -18.34 -21.21 -3.55
C GLN B 205 -17.78 -19.87 -4.01
N LYS B 206 -16.94 -19.28 -3.18
CA LYS B 206 -16.35 -17.98 -3.49
C LYS B 206 -15.54 -17.93 -4.77
N TYR B 207 -14.57 -18.83 -4.91
CA TYR B 207 -13.72 -18.81 -6.10
C TYR B 207 -14.42 -19.28 -7.36
N VAL B 208 -15.45 -20.10 -7.22
CA VAL B 208 -16.22 -20.51 -8.38
C VAL B 208 -16.91 -19.25 -8.88
N ALA B 209 -17.38 -18.44 -7.94
CA ALA B 209 -18.08 -17.20 -8.28
C ALA B 209 -17.14 -16.22 -8.96
N MET B 210 -15.83 -16.39 -8.74
CA MET B 210 -14.85 -15.51 -9.35
C MET B 210 -14.34 -16.03 -10.67
N GLY B 211 -14.92 -17.13 -11.16
CA GLY B 211 -14.52 -17.70 -12.43
C GLY B 211 -13.47 -18.79 -12.38
N PHE B 212 -13.26 -19.36 -11.20
CA PHE B 212 -12.27 -20.42 -11.04
C PHE B 212 -12.89 -21.81 -11.07
N HIS B 213 -12.15 -22.77 -11.60
CA HIS B 213 -12.60 -24.16 -11.60
C HIS B 213 -11.94 -24.69 -10.35
N VAL B 214 -12.74 -24.92 -9.31
CA VAL B 214 -12.21 -25.39 -8.05
C VAL B 214 -12.20 -26.90 -7.95
N ILE B 215 -11.08 -27.45 -7.48
CA ILE B 215 -10.93 -28.88 -7.33
C ILE B 215 -10.45 -29.13 -5.90
N GLU B 216 -11.20 -29.96 -5.18
CA GLU B 216 -10.88 -30.27 -3.80
C GLU B 216 -10.25 -31.64 -3.59
N VAL B 217 -9.32 -31.69 -2.65
CA VAL B 217 -8.65 -32.94 -2.29
C VAL B 217 -8.79 -32.90 -0.80
N LYS B 218 -9.83 -33.53 -0.30
CA LYS B 218 -10.13 -33.54 1.13
C LYS B 218 -9.02 -34.03 2.04
N ASN B 219 -8.20 -34.96 1.56
CA ASN B 219 -7.11 -35.46 2.38
C ASN B 219 -5.77 -35.27 1.68
N GLY B 220 -5.21 -34.08 1.83
CA GLY B 220 -3.93 -33.77 1.20
C GLY B 220 -2.73 -34.31 1.94
N ASP B 221 -2.96 -35.01 3.04
CA ASP B 221 -1.86 -35.58 3.82
C ASP B 221 -1.42 -36.95 3.31
N THR B 222 -2.36 -37.74 2.77
CA THR B 222 -2.03 -39.08 2.30
C THR B 222 -2.76 -39.58 1.04
N ASP B 223 -3.71 -38.80 0.52
CA ASP B 223 -4.45 -39.22 -0.67
C ASP B 223 -3.70 -38.90 -1.96
N TYR B 224 -2.72 -39.74 -2.29
CA TYR B 224 -1.91 -39.55 -3.48
C TYR B 224 -2.67 -39.68 -4.78
N GLU B 225 -3.65 -40.59 -4.82
CA GLU B 225 -4.44 -40.76 -6.03
C GLU B 225 -5.28 -39.52 -6.26
N GLY B 226 -5.75 -38.94 -5.16
CA GLY B 226 -6.56 -37.75 -5.25
C GLY B 226 -5.73 -36.60 -5.78
N LEU B 227 -4.52 -36.47 -5.26
CA LEU B 227 -3.60 -35.43 -5.68
C LEU B 227 -3.29 -35.58 -7.17
N ARG B 228 -3.03 -36.82 -7.59
CA ARG B 228 -2.72 -37.09 -8.99
C ARG B 228 -3.87 -36.71 -9.92
N LYS B 229 -5.07 -37.09 -9.54
CA LYS B 229 -6.25 -36.80 -10.35
C LYS B 229 -6.58 -35.32 -10.39
N ALA B 230 -6.35 -34.64 -9.26
CA ALA B 230 -6.61 -33.21 -9.17
C ALA B 230 -5.76 -32.46 -10.19
N LEU B 231 -4.46 -32.80 -10.25
CA LEU B 231 -3.56 -32.14 -11.18
C LEU B 231 -3.90 -32.49 -12.63
N ALA B 232 -4.27 -33.74 -12.87
CA ALA B 232 -4.64 -34.17 -14.21
C ALA B 232 -5.89 -33.41 -14.66
N GLU B 233 -6.88 -33.31 -13.78
CA GLU B 233 -8.12 -32.61 -14.11
C GLU B 233 -7.82 -31.12 -14.35
N ALA B 234 -6.92 -30.57 -13.56
CA ALA B 234 -6.56 -29.16 -13.69
C ALA B 234 -5.98 -28.87 -15.07
N LYS B 235 -5.18 -29.81 -15.58
CA LYS B 235 -4.57 -29.64 -16.89
C LYS B 235 -5.56 -29.93 -18.00
N ALA B 236 -6.53 -30.80 -17.71
CA ALA B 236 -7.53 -31.19 -18.71
C ALA B 236 -8.63 -30.15 -18.90
N THR B 237 -9.09 -29.55 -17.80
CA THR B 237 -10.15 -28.55 -17.86
C THR B 237 -9.67 -27.27 -18.55
N LYS B 238 -10.51 -26.70 -19.40
CA LYS B 238 -10.13 -25.48 -20.11
C LYS B 238 -11.11 -24.33 -19.89
N GLY B 239 -10.65 -23.11 -20.18
CA GLY B 239 -11.50 -21.95 -20.05
C GLY B 239 -11.50 -21.22 -18.71
N LYS B 240 -10.89 -21.82 -17.69
CA LYS B 240 -10.86 -21.18 -16.36
C LYS B 240 -9.57 -21.46 -15.58
N PRO B 241 -9.16 -20.50 -14.72
CA PRO B 241 -7.94 -20.75 -13.96
C PRO B 241 -8.34 -21.84 -12.97
N LYS B 242 -7.39 -22.60 -12.45
CA LYS B 242 -7.75 -23.62 -11.49
C LYS B 242 -7.27 -23.32 -10.09
N MET B 243 -8.00 -23.84 -9.11
CA MET B 243 -7.62 -23.72 -7.73
C MET B 243 -7.85 -25.06 -7.07
N ILE B 244 -6.74 -25.73 -6.72
CA ILE B 244 -6.82 -27.02 -6.06
C ILE B 244 -6.79 -26.72 -4.57
N VAL B 245 -7.88 -27.05 -3.89
CA VAL B 245 -7.98 -26.82 -2.47
C VAL B 245 -7.68 -28.13 -1.76
N GLN B 246 -6.50 -28.24 -1.20
CA GLN B 246 -6.13 -29.46 -0.48
C GLN B 246 -6.20 -29.17 1.01
N THR B 247 -6.83 -30.06 1.74
CA THR B 247 -6.93 -29.88 3.19
C THR B 247 -5.79 -30.71 3.77
N THR B 248 -4.89 -30.05 4.49
CA THR B 248 -3.74 -30.71 5.07
C THR B 248 -3.52 -30.37 6.55
N THR B 249 -2.65 -31.14 7.19
CA THR B 249 -2.32 -30.96 8.60
C THR B 249 -0.96 -30.28 8.68
N ILE B 250 -0.95 -29.02 9.10
CA ILE B 250 0.33 -28.31 9.20
C ILE B 250 1.28 -29.12 10.08
N GLY B 251 2.50 -29.31 9.60
CA GLY B 251 3.49 -30.06 10.35
C GLY B 251 3.17 -31.54 10.51
N PHE B 252 2.46 -32.11 9.55
CA PHE B 252 2.08 -33.52 9.59
C PHE B 252 3.23 -34.44 10.03
N GLY B 253 2.99 -35.22 11.07
CA GLY B 253 4.01 -36.12 11.56
C GLY B 253 4.59 -35.67 12.90
N SER B 254 4.70 -34.35 13.07
CA SER B 254 5.21 -33.77 14.29
C SER B 254 4.21 -33.94 15.41
N SER B 255 4.70 -34.02 16.65
CA SER B 255 3.83 -34.19 17.81
C SER B 255 2.94 -32.97 17.98
N LYS B 256 3.41 -31.83 17.46
CA LYS B 256 2.64 -30.59 17.55
C LYS B 256 1.94 -30.24 16.24
N GLN B 257 1.69 -31.24 15.41
CA GLN B 257 1.03 -31.02 14.13
C GLN B 257 -0.37 -30.46 14.31
N GLY B 258 -0.84 -29.68 13.33
CA GLY B 258 -2.16 -29.12 13.41
C GLY B 258 -2.32 -27.93 14.35
N THR B 259 -1.21 -27.45 14.91
CA THR B 259 -1.27 -26.29 15.81
C THR B 259 -0.34 -25.20 15.28
N GLU B 260 -0.50 -23.98 15.81
CA GLU B 260 0.33 -22.86 15.38
C GLU B 260 1.77 -22.99 15.86
N LYS B 261 2.04 -23.93 16.76
CA LYS B 261 3.39 -24.12 17.26
C LYS B 261 4.39 -24.56 16.20
N VAL B 262 3.91 -25.23 15.16
CA VAL B 262 4.80 -25.70 14.09
C VAL B 262 4.86 -24.72 12.93
N HIS B 263 4.25 -23.55 13.13
CA HIS B 263 4.24 -22.56 12.07
C HIS B 263 5.60 -21.92 11.78
N GLY B 264 6.20 -21.29 12.79
CA GLY B 264 7.46 -20.62 12.57
C GLY B 264 8.59 -20.78 13.58
N ALA B 265 8.90 -22.01 13.94
CA ALA B 265 9.98 -22.27 14.88
C ALA B 265 10.46 -23.70 14.66
N PRO B 266 11.77 -23.94 14.84
CA PRO B 266 12.30 -25.30 14.65
C PRO B 266 11.56 -26.29 15.53
N LEU B 267 11.33 -27.48 14.99
CA LEU B 267 10.63 -28.54 15.69
C LEU B 267 11.40 -29.06 16.91
N GLY B 268 12.72 -28.95 16.88
CA GLY B 268 13.52 -29.43 17.98
C GLY B 268 14.10 -30.77 17.59
N GLU B 269 15.23 -31.13 18.17
CA GLU B 269 15.98 -32.36 17.82
C GLU B 269 15.11 -33.57 18.16
N GLU B 270 14.50 -33.65 19.32
CA GLU B 270 13.73 -34.83 19.71
C GLU B 270 12.53 -35.06 18.81
N ASP B 271 11.73 -34.03 18.59
CA ASP B 271 10.56 -34.17 17.74
C ASP B 271 10.97 -34.64 16.35
N ILE B 272 12.10 -34.14 15.85
CA ILE B 272 12.57 -34.52 14.53
C ILE B 272 12.93 -36.01 14.49
N ALA B 273 13.56 -36.50 15.55
CA ALA B 273 13.94 -37.90 15.64
C ALA B 273 12.71 -38.82 15.62
N ASN B 274 11.64 -38.41 16.32
CA ASN B 274 10.41 -39.21 16.37
C ASN B 274 9.69 -39.19 15.03
N ILE B 275 9.77 -38.07 14.32
CA ILE B 275 9.13 -37.93 13.01
C ILE B 275 9.75 -38.91 12.02
N LYS B 276 11.08 -39.00 12.05
CA LYS B 276 11.79 -39.90 11.15
C LYS B 276 11.42 -41.35 11.44
N ALA B 277 11.50 -41.75 12.71
CA ALA B 277 11.14 -43.11 13.08
C ALA B 277 9.70 -43.40 12.66
N LYS B 278 8.82 -42.44 12.89
CA LYS B 278 7.42 -42.59 12.52
C LYS B 278 7.27 -42.90 11.02
N PHE B 279 8.16 -42.36 10.20
CA PHE B 279 8.13 -42.62 8.75
C PHE B 279 9.03 -43.78 8.35
N GLY B 280 9.55 -44.48 9.35
CA GLY B 280 10.42 -45.61 9.08
C GLY B 280 11.77 -45.19 8.53
N ARG B 281 12.22 -44.00 8.91
CA ARG B 281 13.50 -43.49 8.46
C ARG B 281 14.49 -43.46 9.62
N ASP B 282 15.79 -43.43 9.30
CA ASP B 282 16.82 -43.42 10.32
C ASP B 282 16.70 -42.13 11.13
N PRO B 283 16.41 -42.24 12.43
CA PRO B 283 16.26 -41.07 13.32
C PRO B 283 17.58 -40.41 13.68
N GLN B 284 18.72 -40.95 13.15
CA GLN B 284 20.05 -40.48 13.53
C GLN B 284 20.62 -39.69 12.36
N LYS B 285 20.27 -39.94 11.13
CA LYS B 285 20.83 -39.25 9.98
C LYS B 285 20.06 -37.99 9.59
N LYS B 286 20.79 -36.90 9.39
CA LYS B 286 20.20 -35.63 9.03
C LYS B 286 20.59 -35.25 7.59
N TYR B 287 19.77 -34.44 6.93
CA TYR B 287 20.02 -34.04 5.55
C TYR B 287 20.31 -35.31 4.75
N ASP B 288 19.45 -36.30 4.93
CA ASP B 288 19.63 -37.58 4.26
C ASP B 288 18.59 -37.86 3.19
N VAL B 289 19.02 -37.78 1.93
CA VAL B 289 18.14 -38.06 0.81
C VAL B 289 18.48 -39.44 0.26
N ASP B 290 17.50 -40.34 0.29
CA ASP B 290 17.67 -41.69 -0.21
C ASP B 290 18.03 -41.65 -1.69
N ASP B 291 18.92 -42.53 -2.10
CA ASP B 291 19.33 -42.57 -3.50
C ASP B 291 18.19 -43.05 -4.39
N ASP B 292 17.27 -43.85 -3.85
CA ASP B 292 16.15 -44.30 -4.66
C ASP B 292 15.14 -43.15 -4.83
N VAL B 293 15.16 -42.19 -3.91
CA VAL B 293 14.28 -41.03 -4.04
C VAL B 293 14.87 -40.14 -5.12
N ARG B 294 16.20 -40.01 -5.13
CA ARG B 294 16.87 -39.20 -6.15
C ARG B 294 16.61 -39.84 -7.51
N ALA B 295 16.52 -41.16 -7.54
CA ALA B 295 16.27 -41.88 -8.78
C ALA B 295 14.91 -41.52 -9.37
N VAL B 296 13.91 -41.33 -8.51
CA VAL B 296 12.59 -40.97 -8.98
C VAL B 296 12.65 -39.60 -9.66
N PHE B 297 13.36 -38.66 -9.05
CA PHE B 297 13.49 -37.33 -9.63
C PHE B 297 14.29 -37.39 -10.93
N ARG B 298 15.39 -38.13 -10.91
CA ARG B 298 16.23 -38.30 -12.10
C ARG B 298 15.46 -38.84 -13.30
N MET B 299 14.57 -39.78 -13.07
CA MET B 299 13.79 -40.38 -14.16
C MET B 299 12.88 -39.31 -14.78
N HIS B 300 12.25 -38.51 -13.91
CA HIS B 300 11.36 -37.44 -14.34
C HIS B 300 12.13 -36.41 -15.13
N ILE B 301 13.24 -35.93 -14.57
CA ILE B 301 14.06 -34.93 -15.26
C ILE B 301 14.59 -35.43 -16.61
N ASP B 302 14.89 -36.72 -16.71
CA ASP B 302 15.38 -37.25 -17.99
C ASP B 302 14.29 -37.07 -19.05
N LYS B 303 13.04 -37.33 -18.67
CA LYS B 303 11.91 -37.19 -19.59
C LYS B 303 11.72 -35.74 -20.04
N CYS B 304 11.77 -34.82 -19.08
CA CYS B 304 11.62 -33.40 -19.37
C CYS B 304 12.81 -32.89 -20.17
N SER B 305 13.98 -33.46 -19.89
CA SER B 305 15.19 -33.08 -20.59
C SER B 305 15.03 -33.43 -22.07
N ALA B 306 14.45 -34.59 -22.33
CA ALA B 306 14.20 -35.05 -23.69
C ALA B 306 13.21 -34.10 -24.33
N GLU B 307 12.21 -33.67 -23.57
CA GLU B 307 11.20 -32.74 -24.07
C GLU B 307 11.85 -31.44 -24.51
N GLN B 308 12.79 -30.95 -23.72
CA GLN B 308 13.48 -29.71 -24.06
C GLN B 308 14.23 -29.87 -25.37
N LYS B 309 14.94 -30.98 -25.51
CA LYS B 309 15.70 -31.25 -26.72
C LYS B 309 14.74 -31.26 -27.91
N ALA B 310 13.62 -31.94 -27.74
CA ALA B 310 12.60 -32.02 -28.79
C ALA B 310 12.04 -30.62 -29.05
N TRP B 311 11.91 -29.83 -27.98
CA TRP B 311 11.40 -28.48 -28.09
C TRP B 311 12.41 -27.62 -28.85
N GLU B 312 13.69 -27.81 -28.56
CA GLU B 312 14.74 -27.06 -29.22
C GLU B 312 14.74 -27.33 -30.73
N GLU B 313 14.44 -28.57 -31.10
CA GLU B 313 14.39 -28.93 -32.51
C GLU B 313 13.21 -28.25 -33.17
N LEU B 314 12.07 -28.24 -32.51
CA LEU B 314 10.87 -27.61 -33.03
C LEU B 314 11.11 -26.12 -33.28
N LEU B 315 11.80 -25.48 -32.36
CA LEU B 315 12.11 -24.06 -32.49
C LEU B 315 13.06 -23.86 -33.67
N ALA B 316 13.89 -24.87 -33.91
CA ALA B 316 14.83 -24.81 -35.01
C ALA B 316 14.06 -24.87 -36.32
N LYS B 317 13.12 -25.81 -36.42
CA LYS B 317 12.32 -25.93 -37.63
C LYS B 317 11.48 -24.67 -37.78
N TYR B 318 10.88 -24.24 -36.66
CA TYR B 318 10.05 -23.05 -36.62
C TYR B 318 10.80 -21.85 -37.18
N THR B 319 12.03 -21.69 -36.73
CA THR B 319 12.88 -20.59 -37.16
C THR B 319 13.21 -20.65 -38.63
N ALA B 320 13.17 -21.85 -39.20
CA ALA B 320 13.46 -22.05 -40.61
C ALA B 320 12.28 -21.62 -41.47
N ALA B 321 11.09 -21.99 -41.03
CA ALA B 321 9.88 -21.65 -41.76
C ALA B 321 9.40 -20.22 -41.49
N PHE B 322 9.94 -19.60 -40.45
CA PHE B 322 9.56 -18.24 -40.07
C PHE B 322 10.80 -17.51 -39.58
N PRO B 323 11.75 -17.23 -40.48
CA PRO B 323 13.00 -16.54 -40.15
C PRO B 323 12.83 -15.33 -39.23
N ALA B 324 11.96 -14.41 -39.64
CA ALA B 324 11.70 -13.18 -38.89
C ALA B 324 11.15 -13.39 -37.50
N GLU B 325 10.11 -14.23 -37.39
CA GLU B 325 9.50 -14.49 -36.09
C GLU B 325 10.48 -15.18 -35.16
N GLY B 326 11.29 -16.07 -35.71
CA GLY B 326 12.27 -16.78 -34.91
C GLY B 326 13.29 -15.83 -34.32
N ALA B 327 13.76 -14.89 -35.13
CA ALA B 327 14.74 -13.91 -34.67
C ALA B 327 14.12 -13.02 -33.60
N ALA B 328 12.85 -12.67 -33.79
CA ALA B 328 12.14 -11.83 -32.82
C ALA B 328 11.99 -12.57 -31.51
N PHE B 329 11.52 -13.82 -31.59
CA PHE B 329 11.32 -14.66 -30.42
C PHE B 329 12.58 -14.68 -29.58
N VAL B 330 13.68 -15.05 -30.22
CA VAL B 330 14.97 -15.11 -29.56
C VAL B 330 15.36 -13.76 -28.98
N ALA B 331 15.08 -12.69 -29.71
CA ALA B 331 15.41 -11.36 -29.25
C ALA B 331 14.58 -10.94 -28.04
N GLN B 332 13.27 -11.15 -28.10
CA GLN B 332 12.41 -10.77 -26.98
C GLN B 332 12.70 -11.55 -25.71
N MET B 333 12.91 -12.86 -25.83
CA MET B 333 13.20 -13.68 -24.65
C MET B 333 14.51 -13.23 -24.00
N ARG B 334 15.34 -12.49 -24.73
CA ARG B 334 16.59 -11.99 -24.17
C ARG B 334 16.41 -10.59 -23.63
N GLY B 335 15.26 -10.00 -23.92
CA GLY B 335 15.00 -8.65 -23.46
C GLY B 335 15.68 -7.59 -24.29
N GLU B 336 16.05 -7.95 -25.52
CA GLU B 336 16.72 -7.03 -26.44
C GLU B 336 15.70 -6.12 -27.11
N LEU B 337 16.05 -4.85 -27.25
CA LEU B 337 15.16 -3.87 -27.87
C LEU B 337 15.55 -3.66 -29.33
N PRO B 338 14.56 -3.65 -30.23
CA PRO B 338 14.89 -3.44 -31.64
C PRO B 338 15.60 -2.08 -31.74
N SER B 339 16.72 -2.04 -32.46
CA SER B 339 17.49 -0.80 -32.58
C SER B 339 16.78 0.35 -33.29
N GLY B 340 17.22 1.57 -32.98
CA GLY B 340 16.65 2.76 -33.60
C GLY B 340 15.40 3.31 -32.95
N TRP B 341 14.99 2.72 -31.82
CA TRP B 341 13.77 3.20 -31.15
C TRP B 341 13.92 4.56 -30.48
N GLU B 342 15.03 4.81 -29.80
CA GLU B 342 15.21 6.09 -29.12
C GLU B 342 15.13 7.30 -30.04
N ALA B 343 15.74 7.20 -31.21
CA ALA B 343 15.75 8.29 -32.17
C ALA B 343 14.35 8.61 -32.69
N LYS B 344 13.42 7.68 -32.52
CA LYS B 344 12.05 7.87 -32.99
C LYS B 344 11.15 8.63 -32.01
N LEU B 345 11.62 8.81 -30.77
CA LEU B 345 10.85 9.51 -29.76
C LEU B 345 10.70 10.99 -30.08
N PRO B 346 9.55 11.59 -29.69
CA PRO B 346 9.19 13.00 -29.90
C PRO B 346 10.04 13.99 -29.11
N THR B 347 10.09 15.23 -29.59
CA THR B 347 10.82 16.31 -28.92
C THR B 347 9.84 17.46 -28.74
N ASN B 348 10.24 18.44 -27.92
CA ASN B 348 9.38 19.59 -27.64
C ASN B 348 8.75 20.25 -28.87
N SER B 349 7.56 20.80 -28.67
CA SER B 349 6.83 21.51 -29.70
C SER B 349 5.90 22.47 -28.97
N SER B 350 4.62 22.11 -28.85
CA SER B 350 3.65 22.96 -28.16
C SER B 350 3.56 22.59 -26.67
N ALA B 351 3.07 23.52 -25.86
CA ALA B 351 2.92 23.28 -24.44
C ALA B 351 1.83 22.23 -24.23
N ILE B 352 2.18 21.15 -23.55
CA ILE B 352 1.24 20.07 -23.27
C ILE B 352 1.53 19.50 -21.88
N ALA B 353 0.63 18.66 -21.39
CA ALA B 353 0.82 18.03 -20.10
C ALA B 353 1.80 16.89 -20.34
N THR B 354 2.70 16.62 -19.40
CA THR B 354 3.66 15.54 -19.61
C THR B 354 2.92 14.22 -19.69
N ARG B 355 1.66 14.25 -19.29
CA ARG B 355 0.80 13.09 -19.35
C ARG B 355 0.60 12.78 -20.84
N LYS B 356 0.36 13.84 -21.61
CA LYS B 356 0.15 13.73 -23.06
C LYS B 356 1.49 13.43 -23.73
N ALA B 357 2.57 13.99 -23.19
CA ALA B 357 3.90 13.76 -23.73
C ALA B 357 4.23 12.27 -23.64
N SER B 358 3.75 11.63 -22.58
CA SER B 358 3.99 10.21 -22.38
C SER B 358 3.22 9.43 -23.43
N GLU B 359 2.00 9.87 -23.72
CA GLU B 359 1.17 9.21 -24.70
C GLU B 359 1.87 9.30 -26.06
N ASN B 360 2.40 10.47 -26.39
CA ASN B 360 3.10 10.64 -27.66
C ASN B 360 4.28 9.65 -27.73
N CYS B 361 4.91 9.38 -26.60
CA CYS B 361 6.02 8.43 -26.58
C CYS B 361 5.51 7.01 -26.80
N LEU B 362 4.39 6.65 -26.18
CA LEU B 362 3.84 5.31 -26.35
C LEU B 362 3.33 5.10 -27.78
N ALA B 363 2.93 6.18 -28.43
CA ALA B 363 2.44 6.09 -29.80
C ALA B 363 3.59 5.63 -30.70
N VAL B 364 4.82 5.94 -30.30
CA VAL B 364 6.00 5.53 -31.05
C VAL B 364 6.53 4.19 -30.58
N LEU B 365 6.56 4.02 -29.25
CA LEU B 365 7.07 2.82 -28.61
C LEU B 365 6.31 1.53 -28.84
N PHE B 366 4.98 1.58 -28.80
CA PHE B 366 4.21 0.36 -29.01
C PHE B 366 4.58 -0.31 -30.34
N PRO B 367 4.56 0.45 -31.45
CA PRO B 367 4.92 -0.20 -32.72
C PRO B 367 6.40 -0.55 -32.85
N ALA B 368 7.29 0.25 -32.26
CA ALA B 368 8.73 0.02 -32.34
C ALA B 368 9.24 -1.06 -31.39
N ILE B 369 8.50 -1.33 -30.33
CA ILE B 369 8.92 -2.35 -29.35
C ILE B 369 7.79 -3.34 -29.14
N PRO B 370 7.69 -4.35 -30.01
CA PRO B 370 6.63 -5.37 -29.92
C PRO B 370 6.54 -6.10 -28.59
N ALA B 371 7.61 -6.08 -27.81
CA ALA B 371 7.60 -6.75 -26.51
C ALA B 371 6.83 -5.91 -25.48
N LEU B 372 6.65 -4.63 -25.78
CA LEU B 372 5.96 -3.73 -24.87
C LEU B 372 4.53 -4.20 -24.62
N MET B 373 4.16 -4.23 -23.35
CA MET B 373 2.83 -4.64 -22.93
C MET B 373 2.49 -3.83 -21.68
N GLY B 374 1.32 -3.22 -21.66
CA GLY B 374 0.94 -2.43 -20.52
C GLY B 374 -0.53 -2.12 -20.45
N GLY B 375 -0.91 -1.28 -19.49
CA GLY B 375 -2.30 -0.92 -19.32
C GLY B 375 -2.45 0.08 -18.19
N SER B 376 -3.68 0.29 -17.77
CA SER B 376 -3.97 1.24 -16.71
C SER B 376 -4.95 0.62 -15.72
N ALA B 377 -4.96 1.12 -14.49
CA ALA B 377 -5.88 0.61 -13.48
C ALA B 377 -7.18 1.41 -13.57
N ASP B 378 -7.93 1.18 -14.65
CA ASP B 378 -9.21 1.85 -14.93
C ASP B 378 -9.07 3.36 -15.05
N LEU B 379 -7.95 3.79 -15.62
CA LEU B 379 -7.69 5.21 -15.81
C LEU B 379 -7.09 5.46 -17.19
N THR B 380 -7.45 4.60 -18.15
CA THR B 380 -6.95 4.70 -19.51
C THR B 380 -7.12 6.11 -20.11
N PRO B 381 -8.34 6.66 -20.11
CA PRO B 381 -8.56 7.99 -20.68
C PRO B 381 -7.92 9.12 -19.85
N SER B 382 -7.48 8.80 -18.64
CA SER B 382 -6.85 9.82 -17.80
C SER B 382 -5.33 9.74 -17.84
N ASN B 383 -4.80 8.52 -17.82
CA ASN B 383 -3.35 8.27 -17.88
C ASN B 383 -2.83 8.41 -19.31
N LEU B 384 -3.73 8.26 -20.28
CA LEU B 384 -3.39 8.34 -21.70
C LEU B 384 -2.34 7.30 -22.06
N THR B 385 -2.59 6.07 -21.62
CA THR B 385 -1.68 4.96 -21.84
C THR B 385 -2.06 4.08 -23.03
N ARG B 386 -3.09 4.47 -23.76
CA ARG B 386 -3.55 3.69 -24.91
C ARG B 386 -3.72 4.57 -26.15
N PRO B 387 -2.62 5.02 -26.75
CA PRO B 387 -2.68 5.88 -27.93
C PRO B 387 -3.47 5.26 -29.09
N ALA B 388 -4.55 5.94 -29.49
CA ALA B 388 -5.39 5.47 -30.58
C ALA B 388 -4.58 5.12 -31.84
N SER B 389 -3.63 5.96 -32.22
CA SER B 389 -2.83 5.70 -33.41
C SER B 389 -2.08 4.37 -33.37
N ALA B 390 -1.84 3.85 -32.17
CA ALA B 390 -1.14 2.58 -32.01
C ALA B 390 -2.01 1.40 -32.44
N ASN B 391 -3.31 1.65 -32.58
CA ASN B 391 -4.25 0.61 -32.98
C ASN B 391 -4.11 -0.63 -32.11
N LEU B 392 -4.14 -0.40 -30.80
CA LEU B 392 -4.00 -1.49 -29.84
C LEU B 392 -5.23 -2.36 -29.70
N VAL B 393 -5.01 -3.59 -29.25
CA VAL B 393 -6.08 -4.55 -29.01
C VAL B 393 -5.94 -4.97 -27.56
N ASP B 394 -7.04 -4.96 -26.82
CA ASP B 394 -7.00 -5.34 -25.41
C ASP B 394 -6.72 -6.82 -25.21
N PHE B 395 -5.91 -7.13 -24.23
CA PHE B 395 -5.62 -8.52 -23.90
C PHE B 395 -6.88 -9.03 -23.21
N SER B 396 -7.38 -10.18 -23.65
CA SER B 396 -8.57 -10.78 -23.05
C SER B 396 -8.55 -12.26 -23.39
N SER B 397 -9.41 -13.04 -22.75
CA SER B 397 -9.47 -14.46 -23.01
C SER B 397 -9.79 -14.75 -24.47
N SER B 398 -10.39 -13.78 -25.16
CA SER B 398 -10.75 -13.97 -26.57
C SER B 398 -9.79 -13.26 -27.51
N SER B 399 -8.76 -12.64 -26.96
CA SER B 399 -7.78 -11.95 -27.78
C SER B 399 -6.46 -11.85 -27.04
N LYS B 400 -5.89 -13.02 -26.75
CA LYS B 400 -4.62 -13.12 -26.01
C LYS B 400 -3.45 -12.42 -26.67
N GLU B 401 -3.56 -12.10 -27.95
CA GLU B 401 -2.45 -11.43 -28.64
C GLU B 401 -2.49 -9.93 -28.38
N GLY B 402 -3.55 -9.49 -27.70
CA GLY B 402 -3.68 -8.08 -27.38
C GLY B 402 -2.57 -7.63 -26.47
N ARG B 403 -2.17 -6.37 -26.58
CA ARG B 403 -1.09 -5.85 -25.76
C ARG B 403 -1.48 -4.83 -24.69
N TYR B 404 -2.77 -4.53 -24.59
CA TYR B 404 -3.22 -3.57 -23.58
C TYR B 404 -4.04 -4.30 -22.52
N ILE B 405 -3.61 -4.18 -21.27
CA ILE B 405 -4.28 -4.84 -20.16
C ILE B 405 -5.16 -3.89 -19.37
N ARG B 406 -6.43 -4.28 -19.22
CA ARG B 406 -7.40 -3.49 -18.46
C ARG B 406 -7.35 -4.04 -17.03
N PHE B 407 -6.53 -3.45 -16.18
CA PHE B 407 -6.40 -3.96 -14.82
C PHE B 407 -7.58 -3.74 -13.89
N GLY B 408 -8.46 -2.80 -14.23
CA GLY B 408 -9.58 -2.52 -13.33
C GLY B 408 -8.99 -1.70 -12.18
N VAL B 409 -9.79 -1.37 -11.18
CA VAL B 409 -9.28 -0.58 -10.04
C VAL B 409 -8.49 -1.47 -9.09
N ARG B 410 -7.34 -1.95 -9.55
CA ARG B 410 -6.50 -2.85 -8.75
C ARG B 410 -5.02 -2.46 -8.83
N GLU B 411 -4.66 -1.34 -8.22
CA GLU B 411 -3.27 -0.88 -8.25
C GLU B 411 -2.24 -1.86 -7.73
N HIS B 412 -2.50 -2.42 -6.56
CA HIS B 412 -1.56 -3.35 -5.95
C HIS B 412 -1.34 -4.58 -6.81
N ALA B 413 -2.43 -5.21 -7.22
CA ALA B 413 -2.34 -6.40 -8.06
C ALA B 413 -1.67 -6.07 -9.39
N MET B 414 -1.97 -4.89 -9.92
CA MET B 414 -1.37 -4.47 -11.19
C MET B 414 0.15 -4.43 -11.09
N CYS B 415 0.65 -3.77 -10.05
CA CYS B 415 2.09 -3.66 -9.90
C CYS B 415 2.77 -5.01 -9.64
N ALA B 416 2.09 -5.89 -8.92
CA ALA B 416 2.66 -7.21 -8.64
C ALA B 416 2.63 -8.06 -9.91
N ILE B 417 1.61 -7.86 -10.73
CA ILE B 417 1.48 -8.59 -11.98
C ILE B 417 2.59 -8.13 -12.91
N LEU B 418 2.92 -6.85 -12.87
CA LEU B 418 4.00 -6.32 -13.70
C LEU B 418 5.31 -7.05 -13.38
N ASN B 419 5.52 -7.36 -12.10
CA ASN B 419 6.74 -8.07 -11.71
C ASN B 419 6.70 -9.46 -12.32
N GLY B 420 5.52 -10.09 -12.31
CA GLY B 420 5.38 -11.41 -12.88
C GLY B 420 5.66 -11.38 -14.38
N LEU B 421 5.12 -10.37 -15.05
CA LEU B 421 5.34 -10.24 -16.48
C LEU B 421 6.82 -10.12 -16.80
N ASP B 422 7.55 -9.34 -15.99
CA ASP B 422 8.97 -9.16 -16.20
C ASP B 422 9.74 -10.42 -15.88
N ALA B 423 9.35 -11.12 -14.84
CA ALA B 423 10.01 -12.35 -14.43
C ALA B 423 9.94 -13.46 -15.47
N HIS B 424 8.93 -13.40 -16.34
CA HIS B 424 8.74 -14.44 -17.34
C HIS B 424 9.77 -14.48 -18.46
N ASP B 425 10.08 -13.29 -19.00
CA ASP B 425 10.99 -13.09 -20.13
C ASP B 425 10.12 -12.88 -21.36
N GLY B 426 10.54 -11.98 -22.24
CA GLY B 426 9.78 -11.72 -23.46
C GLY B 426 8.78 -10.58 -23.38
N ILE B 427 8.68 -9.94 -22.22
CA ILE B 427 7.74 -8.83 -22.01
C ILE B 427 8.39 -7.62 -21.36
N ILE B 428 7.99 -6.43 -21.80
CA ILE B 428 8.48 -5.19 -21.20
C ILE B 428 7.17 -4.55 -20.74
N PRO B 429 6.83 -4.74 -19.45
CA PRO B 429 5.63 -4.26 -18.79
C PRO B 429 5.61 -2.87 -18.15
N PHE B 430 4.48 -2.19 -18.32
CA PHE B 430 4.28 -0.89 -17.73
C PHE B 430 2.83 -0.85 -17.28
N GLY B 431 2.57 -0.07 -16.23
CA GLY B 431 1.21 0.03 -15.73
C GLY B 431 0.95 1.45 -15.31
N GLY B 432 -0.26 1.94 -15.56
CA GLY B 432 -0.57 3.30 -15.20
C GLY B 432 -1.63 3.47 -14.14
N THR B 433 -1.55 4.60 -13.45
CA THR B 433 -2.50 5.00 -12.41
C THR B 433 -2.09 6.40 -11.95
N PHE B 434 -2.90 7.02 -11.09
CA PHE B 434 -2.55 8.33 -10.58
C PHE B 434 -1.40 8.11 -9.60
N LEU B 435 -0.39 8.96 -9.64
CA LEU B 435 0.76 8.84 -8.75
C LEU B 435 0.35 8.61 -7.30
N ASN B 436 -0.66 9.34 -6.85
CA ASN B 436 -1.08 9.19 -5.46
C ASN B 436 -1.54 7.81 -5.06
N PHE B 437 -1.98 7.00 -6.01
CA PHE B 437 -2.45 5.68 -5.67
C PHE B 437 -1.41 4.59 -5.81
N ILE B 438 -0.18 5.01 -6.11
CA ILE B 438 0.93 4.07 -6.19
C ILE B 438 1.11 3.68 -4.72
N GLY B 439 0.65 4.57 -3.83
CA GLY B 439 0.75 4.29 -2.41
C GLY B 439 0.01 3.02 -2.04
N TYR B 440 -1.00 2.69 -2.83
CA TYR B 440 -1.79 1.48 -2.63
C TYR B 440 -0.97 0.24 -3.00
N ALA B 441 0.11 0.46 -3.74
CA ALA B 441 0.92 -0.65 -4.21
C ALA B 441 2.38 -0.67 -3.81
N LEU B 442 2.76 0.03 -2.73
CA LEU B 442 4.15 0.04 -2.34
C LEU B 442 4.69 -1.34 -1.97
N GLY B 443 3.78 -2.26 -1.63
CA GLY B 443 4.21 -3.60 -1.29
C GLY B 443 4.84 -4.31 -2.48
N ALA B 444 4.29 -4.05 -3.67
CA ALA B 444 4.77 -4.63 -4.92
C ALA B 444 5.95 -3.83 -5.48
N VAL B 445 5.88 -2.50 -5.35
CA VAL B 445 6.94 -1.63 -5.83
C VAL B 445 8.27 -1.98 -5.14
N ARG B 446 8.21 -2.19 -3.83
CA ARG B 446 9.39 -2.54 -3.03
C ARG B 446 10.05 -3.82 -3.56
N LEU B 447 9.23 -4.80 -3.93
CA LEU B 447 9.76 -6.06 -4.45
C LEU B 447 10.39 -5.91 -5.82
N ALA B 448 9.87 -4.97 -6.62
CA ALA B 448 10.42 -4.75 -7.95
C ALA B 448 11.83 -4.22 -7.74
N ALA B 449 11.99 -3.40 -6.71
CA ALA B 449 13.28 -2.83 -6.39
C ALA B 449 14.21 -3.90 -5.83
N ILE B 450 13.70 -4.75 -4.96
CA ILE B 450 14.50 -5.82 -4.35
C ILE B 450 14.90 -6.88 -5.37
N SER B 451 13.97 -7.23 -6.25
CA SER B 451 14.22 -8.26 -7.25
C SER B 451 14.84 -7.77 -8.55
N HIS B 452 15.06 -6.46 -8.66
CA HIS B 452 15.67 -5.91 -9.86
C HIS B 452 14.80 -6.14 -11.10
N HIS B 453 13.51 -5.86 -10.98
CA HIS B 453 12.60 -6.03 -12.09
C HIS B 453 12.59 -4.77 -12.95
N ARG B 454 12.47 -4.95 -14.25
CA ARG B 454 12.39 -3.80 -15.13
C ARG B 454 10.89 -3.63 -15.36
N VAL B 455 10.27 -2.78 -14.55
CA VAL B 455 8.84 -2.50 -14.69
C VAL B 455 8.74 -1.00 -14.73
N ILE B 456 7.79 -0.51 -15.50
CA ILE B 456 7.60 0.92 -15.63
C ILE B 456 6.23 1.34 -15.16
N TYR B 457 6.22 2.35 -14.28
CA TYR B 457 4.97 2.88 -13.75
C TYR B 457 4.70 4.26 -14.33
N VAL B 458 3.64 4.36 -15.13
CA VAL B 458 3.23 5.62 -15.73
C VAL B 458 2.30 6.24 -14.70
N ALA B 459 2.85 7.09 -13.83
CA ALA B 459 2.07 7.72 -12.78
C ALA B 459 1.69 9.16 -13.10
N THR B 460 0.49 9.36 -13.60
CA THR B 460 0.03 10.70 -13.96
C THR B 460 -0.59 11.42 -12.76
N HIS B 461 -1.05 12.65 -12.97
CA HIS B 461 -1.66 13.44 -11.89
C HIS B 461 -0.72 13.47 -10.68
N ASP B 462 0.50 13.94 -10.93
CA ASP B 462 1.57 13.99 -9.94
C ASP B 462 1.61 15.06 -8.84
N SER B 463 0.66 15.99 -8.81
CA SER B 463 0.70 17.03 -7.77
C SER B 463 -0.60 17.82 -7.67
N ILE B 464 -0.53 18.97 -6.98
CA ILE B 464 -1.68 19.85 -6.84
C ILE B 464 -2.14 20.29 -8.21
N GLY B 465 -1.26 20.11 -9.20
CA GLY B 465 -1.61 20.45 -10.56
C GLY B 465 -2.89 19.72 -10.94
N VAL B 466 -3.22 18.67 -10.19
CA VAL B 466 -4.43 17.89 -10.41
C VAL B 466 -5.64 18.82 -10.31
N GLY B 467 -5.62 19.70 -9.32
CA GLY B 467 -6.71 20.65 -9.18
C GLY B 467 -7.91 20.26 -8.34
N GLU B 468 -9.07 20.28 -8.99
CA GLU B 468 -10.35 20.00 -8.35
C GLU B 468 -10.57 18.71 -7.55
N ASP B 469 -9.91 17.61 -7.89
CA ASP B 469 -10.13 16.37 -7.14
C ASP B 469 -9.77 16.50 -5.67
N GLY B 470 -8.92 17.47 -5.35
CA GLY B 470 -8.58 17.69 -3.96
C GLY B 470 -7.42 16.96 -3.33
N PRO B 471 -7.18 17.20 -2.03
CA PRO B 471 -6.11 16.62 -1.23
C PRO B 471 -5.96 15.10 -1.26
N THR B 472 -7.06 14.37 -1.33
CA THR B 472 -6.97 12.91 -1.35
C THR B 472 -6.42 12.41 -2.67
N HIS B 473 -6.31 13.30 -3.66
CA HIS B 473 -5.81 12.92 -4.98
C HIS B 473 -4.51 13.62 -5.36
N GLN B 474 -4.01 14.48 -4.48
CA GLN B 474 -2.79 15.23 -4.74
C GLN B 474 -1.60 14.78 -3.90
N PRO B 475 -0.57 14.20 -4.55
CA PRO B 475 0.61 13.73 -3.83
C PRO B 475 1.46 14.92 -3.39
N VAL B 476 2.02 14.83 -2.19
CA VAL B 476 2.90 15.87 -1.66
C VAL B 476 4.06 15.21 -0.91
N GLU B 477 3.87 13.96 -0.53
CA GLU B 477 4.90 13.23 0.21
C GLU B 477 5.29 11.88 -0.38
N LEU B 478 4.61 11.44 -1.43
CA LEU B 478 4.92 10.12 -2.02
C LEU B 478 6.23 10.04 -2.81
N VAL B 479 6.58 11.10 -3.52
CA VAL B 479 7.82 11.09 -4.29
C VAL B 479 9.02 10.99 -3.35
N ALA B 480 8.94 11.64 -2.19
CA ALA B 480 10.03 11.58 -1.22
C ALA B 480 10.22 10.14 -0.78
N ALA B 481 9.10 9.46 -0.54
CA ALA B 481 9.12 8.07 -0.11
C ALA B 481 9.76 7.19 -1.17
N LEU B 482 9.36 7.36 -2.42
CA LEU B 482 9.91 6.55 -3.51
C LEU B 482 11.41 6.83 -3.69
N ARG B 483 11.83 8.07 -3.41
CA ARG B 483 13.22 8.46 -3.52
C ARG B 483 14.09 7.83 -2.43
N ALA B 484 13.47 7.49 -1.30
CA ALA B 484 14.20 6.88 -0.19
C ALA B 484 14.42 5.40 -0.48
N MET B 485 13.58 4.85 -1.36
CA MET B 485 13.62 3.44 -1.75
C MET B 485 14.85 3.06 -2.57
N PRO B 486 15.63 2.08 -2.09
CA PRO B 486 16.83 1.63 -2.81
C PRO B 486 16.44 1.04 -4.18
N ASN B 487 17.32 1.21 -5.15
CA ASN B 487 17.13 0.70 -6.51
C ASN B 487 15.77 0.98 -7.15
N LEU B 488 15.38 2.25 -7.15
CA LEU B 488 14.13 2.66 -7.76
C LEU B 488 14.37 4.02 -8.41
N GLN B 489 14.00 4.14 -9.68
CA GLN B 489 14.16 5.42 -10.37
C GLN B 489 12.84 6.17 -10.35
N VAL B 490 12.91 7.43 -9.93
CA VAL B 490 11.73 8.27 -9.87
C VAL B 490 12.06 9.43 -10.79
N ILE B 491 11.50 9.41 -11.99
CA ILE B 491 11.76 10.45 -12.97
C ILE B 491 10.57 11.38 -13.12
N ARG B 492 10.82 12.67 -13.00
CA ARG B 492 9.77 13.69 -13.13
C ARG B 492 10.13 14.65 -14.25
N PRO B 493 9.84 14.28 -15.51
CA PRO B 493 10.15 15.12 -16.68
C PRO B 493 9.39 16.45 -16.72
N SER B 494 10.00 17.45 -17.35
CA SER B 494 9.42 18.78 -17.44
C SER B 494 8.65 19.05 -18.73
N ASP B 495 8.99 18.34 -19.80
CA ASP B 495 8.34 18.54 -21.09
C ASP B 495 8.42 17.31 -21.96
N GLN B 496 8.08 17.47 -23.24
CA GLN B 496 8.11 16.36 -24.19
C GLN B 496 9.50 15.76 -24.30
N THR B 497 10.49 16.62 -24.47
CA THR B 497 11.87 16.16 -24.60
C THR B 497 12.33 15.39 -23.36
N GLU B 498 12.09 15.94 -22.17
CA GLU B 498 12.52 15.23 -20.97
C GLU B 498 11.70 13.95 -20.77
N THR B 499 10.45 13.97 -21.23
CA THR B 499 9.58 12.82 -21.10
C THR B 499 10.07 11.66 -21.97
N SER B 500 10.53 11.98 -23.17
CA SER B 500 11.06 10.95 -24.05
C SER B 500 12.32 10.43 -23.38
N GLY B 501 13.08 11.33 -22.77
CA GLY B 501 14.30 10.94 -22.09
C GLY B 501 13.97 9.98 -20.96
N ALA B 502 12.89 10.26 -20.24
CA ALA B 502 12.47 9.41 -19.13
C ALA B 502 12.11 8.00 -19.61
N TRP B 503 11.37 7.91 -20.71
CA TRP B 503 11.00 6.60 -21.25
C TRP B 503 12.24 5.87 -21.75
N ALA B 504 13.19 6.64 -22.29
CA ALA B 504 14.44 6.05 -22.79
C ALA B 504 15.19 5.43 -21.62
N VAL B 505 15.24 6.15 -20.51
CA VAL B 505 15.93 5.65 -19.32
C VAL B 505 15.18 4.45 -18.76
N ALA B 506 13.87 4.57 -18.63
CA ALA B 506 13.06 3.48 -18.09
C ALA B 506 13.22 2.20 -18.90
N LEU B 507 13.18 2.32 -20.23
CA LEU B 507 13.30 1.17 -21.09
C LEU B 507 14.67 0.51 -21.12
N SER B 508 15.73 1.28 -20.88
CA SER B 508 17.07 0.70 -20.92
C SER B 508 17.59 0.28 -19.56
N SER B 509 16.79 0.46 -18.51
CA SER B 509 17.19 0.06 -17.17
C SER B 509 16.77 -1.40 -16.96
N ILE B 510 17.60 -2.33 -17.40
CA ILE B 510 17.28 -3.75 -17.31
C ILE B 510 17.07 -4.33 -15.91
N HIS B 511 17.69 -3.73 -14.92
CA HIS B 511 17.56 -4.23 -13.56
C HIS B 511 16.99 -3.25 -12.56
N THR B 512 16.38 -2.18 -13.04
CA THR B 512 15.83 -1.17 -12.12
C THR B 512 14.46 -0.68 -12.52
N PRO B 513 13.49 -0.74 -11.59
CA PRO B 513 12.12 -0.28 -11.87
C PRO B 513 12.11 1.24 -11.95
N THR B 514 11.17 1.80 -12.70
CA THR B 514 11.10 3.25 -12.86
C THR B 514 9.68 3.80 -12.76
N VAL B 515 9.55 4.86 -11.97
CA VAL B 515 8.27 5.54 -11.80
C VAL B 515 8.36 6.81 -12.64
N LEU B 516 7.43 6.96 -13.57
CA LEU B 516 7.39 8.16 -14.39
C LEU B 516 6.32 9.07 -13.80
N CYS B 517 6.74 10.16 -13.17
CA CYS B 517 5.80 11.09 -12.55
C CYS B 517 5.35 12.12 -13.58
N LEU B 518 4.10 11.99 -14.01
CA LEU B 518 3.55 12.85 -15.04
C LEU B 518 2.46 13.80 -14.53
N SER B 519 2.40 14.97 -15.15
CA SER B 519 1.45 15.99 -14.76
C SER B 519 0.13 15.90 -15.49
N ARG B 520 -0.90 16.49 -14.89
CA ARG B 520 -2.21 16.53 -15.51
C ARG B 520 -2.31 17.81 -16.35
N GLN B 521 -1.72 18.89 -15.82
CA GLN B 521 -1.75 20.21 -16.45
C GLN B 521 -0.59 20.47 -17.42
N ASN B 522 -0.81 21.38 -18.36
CA ASN B 522 0.22 21.72 -19.33
C ASN B 522 1.45 22.30 -18.67
N THR B 523 2.61 22.06 -19.27
CA THR B 523 3.87 22.59 -18.79
C THR B 523 4.50 23.29 -20.01
N GLU B 524 5.31 24.30 -19.77
CA GLU B 524 5.94 25.00 -20.90
C GLU B 524 7.26 24.32 -21.27
N PRO B 525 7.42 23.97 -22.56
CA PRO B 525 8.65 23.32 -23.01
C PRO B 525 9.88 24.22 -22.86
N GLN B 526 11.00 23.61 -22.48
CA GLN B 526 12.24 24.37 -22.28
C GLN B 526 13.22 24.12 -23.42
N SER B 527 13.83 25.17 -23.94
CA SER B 527 14.78 25.02 -25.02
C SER B 527 16.05 24.29 -24.59
N GLY B 528 16.35 24.34 -23.29
CA GLY B 528 17.54 23.68 -22.78
C GLY B 528 17.39 22.20 -22.44
N SER B 529 16.18 21.66 -22.57
CA SER B 529 15.95 20.26 -22.26
C SER B 529 16.63 19.33 -23.25
N SER B 530 17.00 18.14 -22.78
CA SER B 530 17.64 17.15 -23.65
C SER B 530 17.58 15.77 -23.02
N ILE B 531 17.62 14.74 -23.86
CA ILE B 531 17.59 13.38 -23.36
C ILE B 531 18.90 13.11 -22.63
N GLU B 532 20.00 13.56 -23.21
CA GLU B 532 21.31 13.38 -22.60
C GLU B 532 21.29 13.91 -21.18
N GLY B 533 20.65 15.06 -20.99
CA GLY B 533 20.56 15.66 -19.66
C GLY B 533 19.82 14.76 -18.69
N VAL B 534 18.67 14.25 -19.12
CA VAL B 534 17.86 13.38 -18.28
C VAL B 534 18.68 12.17 -17.86
N ARG B 535 19.47 11.64 -18.79
CA ARG B 535 20.31 10.48 -18.48
C ARG B 535 21.30 10.76 -17.37
N HIS B 536 21.65 12.03 -17.16
CA HIS B 536 22.58 12.41 -16.11
C HIS B 536 21.86 12.72 -14.80
N GLY B 537 20.53 12.66 -14.83
CA GLY B 537 19.75 12.91 -13.62
C GLY B 537 19.47 14.37 -13.36
N ALA B 538 20.51 15.21 -13.46
CA ALA B 538 20.37 16.64 -13.25
C ALA B 538 21.33 17.33 -14.21
N TYR B 539 20.95 18.49 -14.73
CA TYR B 539 21.80 19.23 -15.65
C TYR B 539 21.27 20.65 -15.82
N SER B 540 22.12 21.56 -16.30
CA SER B 540 21.74 22.95 -16.49
C SER B 540 20.89 23.16 -17.75
N VAL B 541 19.77 23.86 -17.60
CA VAL B 541 18.91 24.17 -18.73
C VAL B 541 19.11 25.66 -19.00
N VAL B 542 19.68 26.35 -18.02
CA VAL B 542 19.99 27.77 -18.13
C VAL B 542 21.30 28.01 -17.38
N ASP B 543 22.35 28.37 -18.10
CA ASP B 543 23.63 28.61 -17.47
C ASP B 543 24.16 30.02 -17.68
N VAL B 544 25.04 30.44 -16.77
CA VAL B 544 25.66 31.76 -16.80
C VAL B 544 27.02 31.59 -16.13
N PRO B 545 28.02 32.37 -16.56
CA PRO B 545 29.35 32.25 -15.94
C PRO B 545 29.38 32.85 -14.54
N ASP B 546 30.35 32.40 -13.74
CA ASP B 546 30.55 32.88 -12.37
C ASP B 546 29.21 33.04 -11.63
N LEU B 547 28.42 31.96 -11.60
CA LEU B 547 27.10 31.99 -10.97
C LEU B 547 27.10 32.37 -9.50
N GLN B 548 26.03 33.04 -9.08
CA GLN B 548 25.85 33.51 -7.71
C GLN B 548 24.69 32.77 -7.04
N LEU B 549 23.94 32.02 -7.84
CA LEU B 549 22.79 31.28 -7.34
C LEU B 549 22.40 30.16 -8.29
N VAL B 550 21.90 29.07 -7.72
CA VAL B 550 21.47 27.93 -8.51
C VAL B 550 20.04 27.65 -8.11
N ILE B 551 19.17 27.51 -9.10
CA ILE B 551 17.77 27.18 -8.83
C ILE B 551 17.54 25.81 -9.45
N VAL B 552 17.27 24.84 -8.61
CA VAL B 552 17.03 23.48 -9.09
C VAL B 552 15.54 23.16 -8.99
N ALA B 553 15.00 22.55 -10.02
CA ALA B 553 13.60 22.21 -10.03
C ALA B 553 13.36 20.97 -10.86
N SER B 554 12.13 20.46 -10.84
CA SER B 554 11.80 19.27 -11.61
C SER B 554 10.38 19.40 -12.14
N GLY B 555 10.06 18.56 -13.12
CA GLY B 555 8.74 18.54 -13.70
C GLY B 555 8.15 19.88 -14.09
N SER B 556 6.91 20.09 -13.68
CA SER B 556 6.17 21.31 -13.97
C SER B 556 6.70 22.56 -13.28
N GLU B 557 7.69 22.40 -12.40
CA GLU B 557 8.24 23.56 -11.70
C GLU B 557 9.51 24.14 -12.34
N VAL B 558 10.04 23.47 -13.36
CA VAL B 558 11.23 23.97 -14.03
C VAL B 558 10.95 25.32 -14.69
N SER B 559 9.75 25.48 -15.25
CA SER B 559 9.40 26.74 -15.89
C SER B 559 9.41 27.89 -14.87
N LEU B 560 9.01 27.59 -13.64
CA LEU B 560 9.01 28.60 -12.57
C LEU B 560 10.45 29.05 -12.31
N ALA B 561 11.34 28.07 -12.23
CA ALA B 561 12.74 28.33 -11.98
C ALA B 561 13.35 29.17 -13.10
N VAL B 562 12.98 28.86 -14.34
CA VAL B 562 13.49 29.59 -15.50
C VAL B 562 13.01 31.03 -15.47
N ASP B 563 11.72 31.23 -15.22
CA ASP B 563 11.14 32.56 -15.15
C ASP B 563 11.75 33.31 -13.97
N ALA B 564 11.97 32.62 -12.87
CA ALA B 564 12.55 33.25 -11.68
C ALA B 564 13.96 33.75 -12.03
N ALA B 565 14.69 32.92 -12.77
CA ALA B 565 16.04 33.25 -13.18
C ALA B 565 16.05 34.51 -14.05
N LYS B 566 15.07 34.64 -14.93
CA LYS B 566 14.99 35.82 -15.80
C LYS B 566 14.74 37.05 -14.94
N ALA B 567 13.76 36.96 -14.06
CA ALA B 567 13.41 38.07 -13.18
C ALA B 567 14.59 38.53 -12.32
N LEU B 568 15.55 37.63 -12.08
CA LEU B 568 16.72 37.96 -11.26
C LEU B 568 17.92 38.34 -12.12
N SER B 569 17.77 38.25 -13.43
CA SER B 569 18.85 38.59 -14.37
C SER B 569 19.69 39.79 -14.00
N GLY B 570 19.05 40.95 -13.85
CA GLY B 570 19.79 42.15 -13.52
C GLY B 570 20.60 42.11 -12.24
N GLU B 571 20.13 41.36 -11.25
CA GLU B 571 20.80 41.27 -9.96
C GLU B 571 21.84 40.17 -9.80
N LEU B 572 21.42 38.93 -10.00
CA LEU B 572 22.28 37.78 -9.83
C LEU B 572 22.46 36.97 -11.09
N ARG B 573 23.62 36.33 -11.22
CA ARG B 573 23.88 35.47 -12.36
C ARG B 573 23.36 34.13 -11.86
N VAL B 574 22.20 33.73 -12.37
CA VAL B 574 21.56 32.51 -11.93
C VAL B 574 21.60 31.34 -12.91
N ARG B 575 21.91 30.15 -12.38
CA ARG B 575 21.93 28.94 -13.17
C ARG B 575 20.67 28.17 -12.79
N VAL B 576 20.01 27.60 -13.78
CA VAL B 576 18.81 26.81 -13.52
C VAL B 576 19.15 25.37 -13.82
N VAL B 577 18.94 24.51 -12.84
CA VAL B 577 19.22 23.11 -12.98
C VAL B 577 17.95 22.28 -12.97
N SER B 578 17.74 21.51 -14.03
CA SER B 578 16.59 20.63 -14.10
C SER B 578 17.06 19.30 -13.52
N MET B 579 16.31 18.78 -12.54
CA MET B 579 16.68 17.53 -11.91
C MET B 579 15.55 16.51 -12.01
N PRO B 580 15.39 15.90 -13.19
CA PRO B 580 14.33 14.90 -13.40
C PRO B 580 14.48 13.60 -12.61
N CYS B 581 15.72 13.21 -12.31
CA CYS B 581 15.96 11.97 -11.56
C CYS B 581 17.16 12.04 -10.61
N GLN B 582 16.87 12.20 -9.32
CA GLN B 582 17.92 12.31 -8.31
C GLN B 582 18.79 11.06 -8.20
N GLU B 583 18.22 9.88 -8.47
CA GLU B 583 19.00 8.65 -8.39
C GLU B 583 20.12 8.61 -9.43
N LEU B 584 19.83 9.08 -10.64
CA LEU B 584 20.84 9.10 -11.71
C LEU B 584 21.91 10.15 -11.41
N PHE B 585 21.48 11.29 -10.86
CA PHE B 585 22.43 12.35 -10.54
C PHE B 585 23.43 11.89 -9.49
N ASP B 586 22.92 11.30 -8.40
CA ASP B 586 23.78 10.82 -7.34
C ASP B 586 24.80 9.78 -7.81
N ALA B 587 24.48 9.09 -8.89
CA ALA B 587 25.36 8.05 -9.44
C ALA B 587 26.46 8.62 -10.35
N GLN B 588 26.39 9.91 -10.64
CA GLN B 588 27.38 10.56 -11.49
C GLN B 588 28.65 10.82 -10.68
N PRO B 589 29.81 10.88 -11.37
CA PRO B 589 31.07 11.14 -10.65
C PRO B 589 31.05 12.48 -9.94
N ASP B 590 31.90 12.62 -8.93
CA ASP B 590 31.99 13.86 -8.15
C ASP B 590 32.21 15.10 -9.01
N THR B 591 33.07 14.98 -10.02
CA THR B 591 33.35 16.13 -10.89
C THR B 591 32.11 16.63 -11.61
N TYR B 592 31.25 15.71 -12.05
CA TYR B 592 30.03 16.13 -12.74
C TYR B 592 29.06 16.80 -11.76
N ARG B 593 28.93 16.22 -10.56
CA ARG B 593 28.02 16.79 -9.57
C ARG B 593 28.49 18.16 -9.10
N GLN B 594 29.79 18.32 -8.97
CA GLN B 594 30.38 19.58 -8.53
C GLN B 594 30.15 20.62 -9.63
N ALA B 595 30.17 20.18 -10.88
CA ALA B 595 29.96 21.06 -12.02
C ALA B 595 28.51 21.55 -12.14
N VAL B 596 27.57 20.79 -11.57
CA VAL B 596 26.16 21.16 -11.62
C VAL B 596 25.75 21.94 -10.39
N LEU B 597 26.11 21.44 -9.22
CA LEU B 597 25.79 22.10 -7.96
C LEU B 597 27.09 22.42 -7.25
N PRO B 598 27.78 23.48 -7.67
CA PRO B 598 29.05 23.90 -7.07
C PRO B 598 28.98 24.24 -5.59
N ALA B 599 29.90 23.66 -4.83
CA ALA B 599 29.96 23.89 -3.40
C ALA B 599 30.17 25.38 -3.11
N GLY B 600 29.51 25.89 -2.07
CA GLY B 600 29.64 27.29 -1.71
C GLY B 600 28.60 28.19 -2.34
N VAL B 601 27.98 27.75 -3.42
CA VAL B 601 26.95 28.54 -4.11
C VAL B 601 25.58 28.18 -3.53
N PRO B 602 24.80 29.19 -3.10
CA PRO B 602 23.47 28.91 -2.54
C PRO B 602 22.52 28.28 -3.55
N VAL B 603 21.72 27.32 -3.09
CA VAL B 603 20.78 26.63 -3.96
C VAL B 603 19.35 26.68 -3.45
N VAL B 604 18.42 27.01 -4.35
CA VAL B 604 17.01 27.06 -4.03
C VAL B 604 16.36 25.97 -4.86
N SER B 605 15.57 25.10 -4.22
CA SER B 605 14.88 24.06 -4.97
C SER B 605 13.40 24.40 -5.03
N VAL B 606 12.77 24.09 -6.16
CA VAL B 606 11.35 24.35 -6.36
C VAL B 606 10.68 23.07 -6.81
N GLU B 607 9.70 22.61 -6.04
CA GLU B 607 8.98 21.37 -6.37
C GLU B 607 7.70 21.37 -5.52
N ALA B 608 6.56 21.10 -6.15
CA ALA B 608 5.29 21.10 -5.44
C ALA B 608 5.10 19.91 -4.48
N TYR B 609 6.14 19.59 -3.72
CA TYR B 609 6.11 18.49 -2.76
C TYR B 609 6.69 18.99 -1.45
N VAL B 610 6.64 18.15 -0.41
CA VAL B 610 7.19 18.56 0.87
C VAL B 610 8.70 18.70 0.71
N SER B 611 9.35 19.37 1.65
CA SER B 611 10.78 19.59 1.58
C SER B 611 11.64 18.41 2.05
N PHE B 612 11.02 17.45 2.73
CA PHE B 612 11.76 16.30 3.24
C PHE B 612 12.67 15.66 2.19
N GLY B 613 13.98 15.64 2.47
CA GLY B 613 14.94 15.04 1.56
C GLY B 613 15.69 16.00 0.67
N TRP B 614 15.16 17.21 0.49
CA TRP B 614 15.83 18.20 -0.36
C TRP B 614 17.08 18.84 0.22
N GLU B 615 17.24 18.71 1.54
CA GLU B 615 18.39 19.28 2.23
C GLU B 615 19.72 18.74 1.70
N LYS B 616 19.67 17.61 0.99
CA LYS B 616 20.89 17.04 0.46
C LYS B 616 21.36 17.82 -0.77
N TYR B 617 20.52 18.72 -1.27
CA TYR B 617 20.87 19.52 -2.45
C TYR B 617 20.73 21.04 -2.28
N SER B 618 19.62 21.48 -1.71
CA SER B 618 19.35 22.90 -1.56
C SER B 618 19.41 23.47 -0.15
N HIS B 619 19.49 24.80 -0.06
CA HIS B 619 19.54 25.48 1.21
C HIS B 619 18.17 26.05 1.58
N ALA B 620 17.26 26.03 0.61
CA ALA B 620 15.90 26.52 0.83
C ALA B 620 14.99 25.86 -0.20
N HIS B 621 13.76 25.58 0.21
CA HIS B 621 12.82 24.92 -0.68
C HIS B 621 11.50 25.65 -0.82
N VAL B 622 11.01 25.75 -2.05
CA VAL B 622 9.73 26.37 -2.33
C VAL B 622 8.82 25.22 -2.77
N GLY B 623 7.96 24.76 -1.87
CA GLY B 623 7.08 23.67 -2.21
C GLY B 623 5.92 23.58 -1.25
N MET B 624 5.42 22.36 -1.02
CA MET B 624 4.30 22.17 -0.10
C MET B 624 4.75 22.01 1.34
N SER B 625 3.88 22.42 2.27
CA SER B 625 4.18 22.31 3.70
C SER B 625 3.19 21.35 4.35
N GLY B 626 2.13 21.03 3.60
CA GLY B 626 1.12 20.12 4.09
C GLY B 626 0.35 19.54 2.92
N PHE B 627 -0.89 19.12 3.15
CA PHE B 627 -1.72 18.54 2.10
C PHE B 627 -2.35 19.64 1.23
N GLY B 628 -2.90 19.24 0.09
CA GLY B 628 -3.49 20.21 -0.82
C GLY B 628 -4.93 20.61 -0.51
N ALA B 629 -5.66 21.02 -1.54
CA ALA B 629 -7.03 21.46 -1.40
C ALA B 629 -7.78 21.25 -2.70
N SER B 630 -9.09 21.47 -2.67
CA SER B 630 -9.92 21.31 -3.86
C SER B 630 -10.19 22.66 -4.50
N ALA B 631 -9.55 22.88 -5.64
CA ALA B 631 -9.69 24.12 -6.39
C ALA B 631 -8.89 23.96 -7.66
N PRO B 632 -9.08 24.87 -8.64
CA PRO B 632 -8.33 24.76 -9.90
C PRO B 632 -6.83 24.84 -9.62
N ALA B 633 -6.04 24.12 -10.41
CA ALA B 633 -4.57 24.10 -10.24
C ALA B 633 -3.96 25.49 -10.05
N GLY B 634 -4.27 26.41 -10.95
CA GLY B 634 -3.72 27.75 -10.85
C GLY B 634 -3.95 28.40 -9.50
N VAL B 635 -5.14 28.19 -8.94
CA VAL B 635 -5.46 28.76 -7.64
C VAL B 635 -4.60 28.12 -6.54
N LEU B 636 -4.40 26.81 -6.63
CA LEU B 636 -3.62 26.10 -5.63
C LEU B 636 -2.16 26.52 -5.60
N TYR B 637 -1.57 26.75 -6.77
CA TYR B 637 -0.17 27.15 -6.82
C TYR B 637 0.06 28.50 -6.15
N LYS B 638 -0.87 29.44 -6.34
CA LYS B 638 -0.75 30.75 -5.73
C LYS B 638 -1.02 30.60 -4.23
N LYS B 639 -2.05 29.82 -3.90
CA LYS B 639 -2.42 29.60 -2.52
C LYS B 639 -1.28 29.08 -1.65
N PHE B 640 -0.54 28.12 -2.16
CA PHE B 640 0.57 27.53 -1.40
C PHE B 640 1.91 28.21 -1.61
N GLY B 641 1.89 29.36 -2.26
CA GLY B 641 3.12 30.12 -2.49
C GLY B 641 4.17 29.50 -3.40
N ILE B 642 3.75 28.63 -4.30
CA ILE B 642 4.67 27.99 -5.24
C ILE B 642 4.57 28.80 -6.53
N THR B 643 5.23 29.96 -6.52
CA THR B 643 5.18 30.86 -7.66
C THR B 643 6.55 31.43 -8.02
N VAL B 644 6.61 32.11 -9.16
CA VAL B 644 7.85 32.73 -9.61
C VAL B 644 8.33 33.78 -8.61
N GLU B 645 7.40 34.63 -8.17
CA GLU B 645 7.72 35.69 -7.21
C GLU B 645 8.28 35.12 -5.93
N GLU B 646 7.71 34.00 -5.47
CA GLU B 646 8.18 33.39 -4.24
C GLU B 646 9.58 32.84 -4.43
N VAL B 647 9.84 32.29 -5.61
CA VAL B 647 11.17 31.74 -5.91
C VAL B 647 12.17 32.89 -5.95
N VAL B 648 11.79 33.97 -6.64
CA VAL B 648 12.65 35.15 -6.74
C VAL B 648 13.00 35.68 -5.34
N ARG B 649 11.99 35.83 -4.50
CA ARG B 649 12.19 36.34 -3.14
C ARG B 649 13.13 35.44 -2.37
N THR B 650 12.91 34.13 -2.45
CA THR B 650 13.74 33.16 -1.74
C THR B 650 15.18 33.17 -2.26
N GLY B 651 15.32 33.24 -3.58
CA GLY B 651 16.65 33.28 -4.17
C GLY B 651 17.40 34.51 -3.71
N ARG B 652 16.71 35.65 -3.71
CA ARG B 652 17.29 36.93 -3.30
C ARG B 652 17.79 36.90 -1.85
N GLU B 653 16.97 36.34 -0.97
CA GLU B 653 17.35 36.27 0.43
C GLU B 653 18.53 35.32 0.65
N LEU B 654 18.57 34.23 -0.11
CA LEU B 654 19.67 33.28 0.01
C LEU B 654 20.98 33.90 -0.44
N ALA B 655 20.95 34.55 -1.60
CA ALA B 655 22.15 35.19 -2.12
C ALA B 655 22.66 36.23 -1.13
N LYS B 656 21.73 36.94 -0.51
CA LYS B 656 22.04 37.98 0.46
C LYS B 656 22.70 37.39 1.72
N ARG B 657 22.14 36.29 2.19
CA ARG B 657 22.61 35.60 3.39
C ARG B 657 23.94 34.88 3.19
N PHE B 658 24.14 34.32 2.00
CA PHE B 658 25.36 33.58 1.71
C PHE B 658 26.04 34.09 0.45
N PRO B 659 26.73 35.23 0.55
CA PRO B 659 27.42 35.83 -0.58
C PRO B 659 28.76 35.20 -0.95
N ASP B 660 29.08 35.25 -2.23
CA ASP B 660 30.31 34.73 -2.78
C ASP B 660 30.97 33.53 -2.09
N GLY B 661 30.53 32.34 -2.46
CA GLY B 661 31.10 31.11 -1.93
C GLY B 661 30.95 30.76 -0.46
N THR B 662 30.02 31.37 0.26
CA THR B 662 29.87 31.05 1.67
C THR B 662 28.68 30.15 1.99
N ALA B 663 27.99 29.65 0.97
CA ALA B 663 26.84 28.79 1.19
C ALA B 663 27.27 27.52 1.92
N PRO B 664 26.49 27.10 2.92
CA PRO B 664 26.84 25.89 3.67
C PRO B 664 27.10 24.69 2.77
N LEU B 665 28.17 23.97 3.05
CA LEU B 665 28.52 22.80 2.28
C LEU B 665 27.49 21.71 2.55
N LYS B 666 27.15 20.94 1.53
CA LYS B 666 26.20 19.83 1.69
C LYS B 666 27.00 18.58 2.02
N ASN B 667 26.36 17.60 2.66
CA ASN B 667 27.04 16.36 3.04
C ASN B 667 27.75 15.65 1.89
N SER B 668 27.15 15.65 0.70
CA SER B 668 27.75 14.97 -0.44
C SER B 668 29.10 15.52 -0.86
N SER B 669 29.35 16.81 -0.62
CA SER B 669 30.61 17.41 -1.02
C SER B 669 31.82 16.93 -0.25
N PHE B 670 31.67 16.73 1.05
CA PHE B 670 32.80 16.30 1.87
C PHE B 670 32.67 14.85 2.29
N SER B 671 31.73 14.14 1.68
CA SER B 671 31.52 12.74 2.00
C SER B 671 32.33 11.85 1.06
CA CA C . -20.06 1.60 -11.69
N1' TPP D . -7.74 4.25 -7.53
C2' TPP D . -8.14 4.60 -6.28
CM2 TPP D . -7.61 3.86 -5.15
N3' TPP D . -9.00 5.59 -6.09
C4' TPP D . -9.52 6.30 -7.19
N4' TPP D . -10.37 7.28 -6.88
C5' TPP D . -9.11 5.98 -8.55
C6' TPP D . -8.23 4.94 -8.63
C7' TPP D . -9.61 6.71 -9.78
N3 TPP D . -11.13 6.53 -9.96
C2 TPP D . -12.07 7.37 -9.48
S1 TPP D . -13.66 6.90 -9.85
C5 TPP D . -13.06 5.55 -10.66
C4 TPP D . -11.67 5.52 -10.62
CM4 TPP D . -10.82 4.46 -11.25
C6 TPP D . -14.00 4.60 -11.31
C7 TPP D . -14.83 3.89 -10.34
O7 TPP D . -16.03 3.57 -11.04
PA TPP D . -17.26 3.21 -10.20
O1A TPP D . -17.13 3.26 -8.69
O2A TPP D . -17.48 1.92 -10.83
O3A TPP D . -18.54 3.97 -10.80
PB TPP D . -19.09 5.02 -11.89
O1B TPP D . -20.43 4.44 -11.97
O2B TPP D . -19.09 6.33 -11.22
O3B TPP D . -18.21 4.99 -13.09
CA CA E . -2.45 -22.01 6.94
N1' TPP F . 1.85 -9.51 6.32
C2' TPP F . 2.42 -9.69 5.11
CM2 TPP F . 1.99 -8.86 4.00
N3' TPP F . 3.38 -10.60 4.93
C4' TPP F . 3.82 -11.39 6.01
N4' TPP F . 4.78 -12.27 5.73
C5' TPP F . 3.24 -11.23 7.34
C6' TPP F . 2.26 -10.27 7.41
C7' TPP F . 3.67 -12.06 8.55
N3 TPP F . 3.30 -13.53 8.32
C2 TPP F . 4.15 -14.48 7.85
S1 TPP F . 3.45 -16.02 7.71
C5 TPP F . 1.97 -15.39 8.29
C4 TPP F . 2.09 -14.04 8.58
CM4 TPP F . 1.01 -13.17 9.11
C6 TPP F . 0.76 -16.27 8.45
C7 TPP F . 0.95 -17.61 7.86
O7 TPP F . -0.36 -18.13 7.69
PA TPP F . -0.55 -19.03 6.46
O1A TPP F . -0.28 -18.43 5.09
O2A TPP F . -1.90 -19.40 6.81
O3A TPP F . 0.18 -20.44 6.78
PB TPP F . 0.87 -21.42 7.86
O1B TPP F . 0.18 -22.62 7.38
O2B TPP F . 2.30 -21.46 7.55
O3B TPP F . 0.62 -20.96 9.26
#